data_1S3W
# 
_entry.id   1S3W 
# 
_audit_conform.dict_name       mmcif_pdbx.dic 
_audit_conform.dict_version    5.386 
_audit_conform.dict_location   http://mmcif.pdb.org/dictionaries/ascii/mmcif_pdbx.dic 
# 
loop_
_database_2.database_id 
_database_2.database_code 
_database_2.pdbx_database_accession 
_database_2.pdbx_DOI 
PDB   1S3W         pdb_00001s3w 10.2210/pdb1s3w/pdb 
RCSB  RCSB021334   ?            ?                   
WWPDB D_1000021334 ?            ?                   
# 
loop_
_pdbx_audit_revision_history.ordinal 
_pdbx_audit_revision_history.data_content_type 
_pdbx_audit_revision_history.major_revision 
_pdbx_audit_revision_history.minor_revision 
_pdbx_audit_revision_history.revision_date 
1 'Structure model' 1 0 2004-03-30 
2 'Structure model' 1 1 2008-04-29 
3 'Structure model' 1 2 2011-07-13 
4 'Structure model' 1 3 2024-02-14 
# 
_pdbx_audit_revision_details.ordinal             1 
_pdbx_audit_revision_details.revision_ordinal    1 
_pdbx_audit_revision_details.data_content_type   'Structure model' 
_pdbx_audit_revision_details.provider            repository 
_pdbx_audit_revision_details.type                'Initial release' 
_pdbx_audit_revision_details.description         ? 
_pdbx_audit_revision_details.details             ? 
# 
loop_
_pdbx_audit_revision_group.ordinal 
_pdbx_audit_revision_group.revision_ordinal 
_pdbx_audit_revision_group.data_content_type 
_pdbx_audit_revision_group.group 
1 2 'Structure model' 'Version format compliance' 
2 3 'Structure model' 'Version format compliance' 
3 4 'Structure model' 'Data collection'           
4 4 'Structure model' 'Database references'       
5 4 'Structure model' 'Derived calculations'      
# 
loop_
_pdbx_audit_revision_category.ordinal 
_pdbx_audit_revision_category.revision_ordinal 
_pdbx_audit_revision_category.data_content_type 
_pdbx_audit_revision_category.category 
1 4 'Structure model' chem_comp_atom 
2 4 'Structure model' chem_comp_bond 
3 4 'Structure model' database_2     
4 4 'Structure model' struct_site    
# 
loop_
_pdbx_audit_revision_item.ordinal 
_pdbx_audit_revision_item.revision_ordinal 
_pdbx_audit_revision_item.data_content_type 
_pdbx_audit_revision_item.item 
1 4 'Structure model' '_database_2.pdbx_DOI'                
2 4 'Structure model' '_database_2.pdbx_database_accession' 
3 4 'Structure model' '_struct_site.pdbx_auth_asym_id'      
4 4 'Structure model' '_struct_site.pdbx_auth_comp_id'      
5 4 'Structure model' '_struct_site.pdbx_auth_seq_id'       
# 
_pdbx_database_status.status_code                     REL 
_pdbx_database_status.entry_id                        1S3W 
_pdbx_database_status.recvd_initial_deposition_date   2004-01-14 
_pdbx_database_status.deposit_site                    RCSB 
_pdbx_database_status.process_site                    RCSB 
_pdbx_database_status.status_code_sf                  REL 
_pdbx_database_status.SG_entry                        . 
_pdbx_database_status.pdb_format_compatible           Y 
_pdbx_database_status.status_code_mr                  ? 
_pdbx_database_status.status_code_cs                  ? 
_pdbx_database_status.status_code_nmr_data            ? 
_pdbx_database_status.methods_development_category    ? 
# 
loop_
_audit_author.name 
_audit_author.pdbx_ordinal 
'Cody, V.'      1 
'Luft, J.R.'    2 
'Pangborn, W.'  3 
'Gangjee, A.'   4 
'Queener, S.F.' 5 
# 
_citation.id                        primary 
_citation.title                     
;Structure determination of tetrahydroquinazoline antifolates in complex with human and Pneumocystis carinii dihydrofolate reductase: correlations between enzyme selectivity and stereochemistry.
;
_citation.journal_abbrev            'Acta Crystallogr.,Sect.D' 
_citation.journal_volume            60 
_citation.page_first                646 
_citation.page_last                 655 
_citation.year                      2004 
_citation.journal_id_ASTM           ABCRE6 
_citation.country                   DK 
_citation.journal_id_ISSN           0907-4449 
_citation.journal_id_CSD            0766 
_citation.book_publisher            ? 
_citation.pdbx_database_id_PubMed   15039552 
_citation.pdbx_database_id_DOI      10.1107/S0907444904002094 
# 
loop_
_citation_author.citation_id 
_citation_author.name 
_citation_author.ordinal 
_citation_author.identifier_ORCID 
primary 'Cody, V.'      1 ? 
primary 'Luft, J.R.'    2 ? 
primary 'Pangborn, W.'  3 ? 
primary 'Gangjee, A.'   4 ? 
primary 'Queener, S.F.' 5 ? 
# 
loop_
_entity.id 
_entity.type 
_entity.src_method 
_entity.pdbx_description 
_entity.formula_weight 
_entity.pdbx_number_of_molecules 
_entity.pdbx_ec 
_entity.pdbx_mutation 
_entity.pdbx_fragment 
_entity.details 
1 polymer     man 'Dihydrofolate reductase'                                           21349.525 1  1.5.1.3 ? ? ? 
2 non-polymer syn 'NADP NICOTINAMIDE-ADENINE-DINUCLEOTIDE PHOSPHATE'                  743.405   1  ?       ? ? ? 
3 non-polymer syn '6-(OCTAHYDRO-1H-INDOL-1-YLMETHYL)DECAHYDROQUINAZOLINE-2,4-DIAMINE' 307.477   1  ?       ? ? ? 
4 water       nat water                                                               18.015    82 ?       ? ? ? 
# 
_entity_poly.entity_id                      1 
_entity_poly.type                           'polypeptide(L)' 
_entity_poly.nstd_linkage                   no 
_entity_poly.nstd_monomer                   no 
_entity_poly.pdbx_seq_one_letter_code       
;VGSLNCIVAVSQNMGIGKNGDLPWPPLRNEFRYFQRMTTTSSVEGKQNLVIMGKKTWFSIPEKNRPLKGRINLVLSRELK
EPPQGAHFLSRSLDDALKLTEQPELANKVDMVWIVGGSSVYKEAMNHPGHLKLFVTRIMQDFESDTFFPEIDLEKYKLLP
EYPGVLSDVQEEKGIKYKFEVYEKND
;
_entity_poly.pdbx_seq_one_letter_code_can   
;VGSLNCIVAVSQNMGIGKNGDLPWPPLRNEFRYFQRMTTTSSVEGKQNLVIMGKKTWFSIPEKNRPLKGRINLVLSRELK
EPPQGAHFLSRSLDDALKLTEQPELANKVDMVWIVGGSSVYKEAMNHPGHLKLFVTRIMQDFESDTFFPEIDLEKYKLLP
EYPGVLSDVQEEKGIKYKFEVYEKND
;
_entity_poly.pdbx_strand_id                 A 
_entity_poly.pdbx_target_identifier         ? 
# 
loop_
_pdbx_entity_nonpoly.entity_id 
_pdbx_entity_nonpoly.name 
_pdbx_entity_nonpoly.comp_id 
2 'NADP NICOTINAMIDE-ADENINE-DINUCLEOTIDE PHOSPHATE'                  NAP 
3 '6-(OCTAHYDRO-1H-INDOL-1-YLMETHYL)DECAHYDROQUINAZOLINE-2,4-DIAMINE' TQT 
4 water                                                               HOH 
# 
loop_
_entity_poly_seq.entity_id 
_entity_poly_seq.num 
_entity_poly_seq.mon_id 
_entity_poly_seq.hetero 
1 1   VAL n 
1 2   GLY n 
1 3   SER n 
1 4   LEU n 
1 5   ASN n 
1 6   CYS n 
1 7   ILE n 
1 8   VAL n 
1 9   ALA n 
1 10  VAL n 
1 11  SER n 
1 12  GLN n 
1 13  ASN n 
1 14  MET n 
1 15  GLY n 
1 16  ILE n 
1 17  GLY n 
1 18  LYS n 
1 19  ASN n 
1 20  GLY n 
1 21  ASP n 
1 22  LEU n 
1 23  PRO n 
1 24  TRP n 
1 25  PRO n 
1 26  PRO n 
1 27  LEU n 
1 28  ARG n 
1 29  ASN n 
1 30  GLU n 
1 31  PHE n 
1 32  ARG n 
1 33  TYR n 
1 34  PHE n 
1 35  GLN n 
1 36  ARG n 
1 37  MET n 
1 38  THR n 
1 39  THR n 
1 40  THR n 
1 41  SER n 
1 42  SER n 
1 43  VAL n 
1 44  GLU n 
1 45  GLY n 
1 46  LYS n 
1 47  GLN n 
1 48  ASN n 
1 49  LEU n 
1 50  VAL n 
1 51  ILE n 
1 52  MET n 
1 53  GLY n 
1 54  LYS n 
1 55  LYS n 
1 56  THR n 
1 57  TRP n 
1 58  PHE n 
1 59  SER n 
1 60  ILE n 
1 61  PRO n 
1 62  GLU n 
1 63  LYS n 
1 64  ASN n 
1 65  ARG n 
1 66  PRO n 
1 67  LEU n 
1 68  LYS n 
1 69  GLY n 
1 70  ARG n 
1 71  ILE n 
1 72  ASN n 
1 73  LEU n 
1 74  VAL n 
1 75  LEU n 
1 76  SER n 
1 77  ARG n 
1 78  GLU n 
1 79  LEU n 
1 80  LYS n 
1 81  GLU n 
1 82  PRO n 
1 83  PRO n 
1 84  GLN n 
1 85  GLY n 
1 86  ALA n 
1 87  HIS n 
1 88  PHE n 
1 89  LEU n 
1 90  SER n 
1 91  ARG n 
1 92  SER n 
1 93  LEU n 
1 94  ASP n 
1 95  ASP n 
1 96  ALA n 
1 97  LEU n 
1 98  LYS n 
1 99  LEU n 
1 100 THR n 
1 101 GLU n 
1 102 GLN n 
1 103 PRO n 
1 104 GLU n 
1 105 LEU n 
1 106 ALA n 
1 107 ASN n 
1 108 LYS n 
1 109 VAL n 
1 110 ASP n 
1 111 MET n 
1 112 VAL n 
1 113 TRP n 
1 114 ILE n 
1 115 VAL n 
1 116 GLY n 
1 117 GLY n 
1 118 SER n 
1 119 SER n 
1 120 VAL n 
1 121 TYR n 
1 122 LYS n 
1 123 GLU n 
1 124 ALA n 
1 125 MET n 
1 126 ASN n 
1 127 HIS n 
1 128 PRO n 
1 129 GLY n 
1 130 HIS n 
1 131 LEU n 
1 132 LYS n 
1 133 LEU n 
1 134 PHE n 
1 135 VAL n 
1 136 THR n 
1 137 ARG n 
1 138 ILE n 
1 139 MET n 
1 140 GLN n 
1 141 ASP n 
1 142 PHE n 
1 143 GLU n 
1 144 SER n 
1 145 ASP n 
1 146 THR n 
1 147 PHE n 
1 148 PHE n 
1 149 PRO n 
1 150 GLU n 
1 151 ILE n 
1 152 ASP n 
1 153 LEU n 
1 154 GLU n 
1 155 LYS n 
1 156 TYR n 
1 157 LYS n 
1 158 LEU n 
1 159 LEU n 
1 160 PRO n 
1 161 GLU n 
1 162 TYR n 
1 163 PRO n 
1 164 GLY n 
1 165 VAL n 
1 166 LEU n 
1 167 SER n 
1 168 ASP n 
1 169 VAL n 
1 170 GLN n 
1 171 GLU n 
1 172 GLU n 
1 173 LYS n 
1 174 GLY n 
1 175 ILE n 
1 176 LYS n 
1 177 TYR n 
1 178 LYS n 
1 179 PHE n 
1 180 GLU n 
1 181 VAL n 
1 182 TYR n 
1 183 GLU n 
1 184 LYS n 
1 185 ASN n 
1 186 ASP n 
# 
_entity_src_gen.entity_id                          1 
_entity_src_gen.pdbx_src_id                        1 
_entity_src_gen.pdbx_alt_source_flag               sample 
_entity_src_gen.pdbx_seq_type                      ? 
_entity_src_gen.pdbx_beg_seq_num                   ? 
_entity_src_gen.pdbx_end_seq_num                   ? 
_entity_src_gen.gene_src_common_name               human 
_entity_src_gen.gene_src_genus                     Homo 
_entity_src_gen.pdbx_gene_src_gene                 DHFR 
_entity_src_gen.gene_src_species                   ? 
_entity_src_gen.gene_src_strain                    ? 
_entity_src_gen.gene_src_tissue                    ? 
_entity_src_gen.gene_src_tissue_fraction           ? 
_entity_src_gen.gene_src_details                   ? 
_entity_src_gen.pdbx_gene_src_fragment             ? 
_entity_src_gen.pdbx_gene_src_scientific_name      'Homo sapiens' 
_entity_src_gen.pdbx_gene_src_ncbi_taxonomy_id     9606 
_entity_src_gen.pdbx_gene_src_variant              ? 
_entity_src_gen.pdbx_gene_src_cell_line            ? 
_entity_src_gen.pdbx_gene_src_atcc                 ? 
_entity_src_gen.pdbx_gene_src_organ                ? 
_entity_src_gen.pdbx_gene_src_organelle            ? 
_entity_src_gen.pdbx_gene_src_cell                 ? 
_entity_src_gen.pdbx_gene_src_cellular_location    ? 
_entity_src_gen.host_org_common_name               ? 
_entity_src_gen.pdbx_host_org_scientific_name      'Escherichia coli' 
_entity_src_gen.pdbx_host_org_ncbi_taxonomy_id     562 
_entity_src_gen.host_org_genus                     Escherichia 
_entity_src_gen.pdbx_host_org_gene                 ? 
_entity_src_gen.pdbx_host_org_organ                ? 
_entity_src_gen.host_org_species                   ? 
_entity_src_gen.pdbx_host_org_tissue               ? 
_entity_src_gen.pdbx_host_org_tissue_fraction      ? 
_entity_src_gen.pdbx_host_org_strain               ? 
_entity_src_gen.pdbx_host_org_variant              ? 
_entity_src_gen.pdbx_host_org_cell_line            ? 
_entity_src_gen.pdbx_host_org_atcc                 ? 
_entity_src_gen.pdbx_host_org_culture_collection   ? 
_entity_src_gen.pdbx_host_org_cell                 ? 
_entity_src_gen.pdbx_host_org_organelle            ? 
_entity_src_gen.pdbx_host_org_cellular_location    ? 
_entity_src_gen.pdbx_host_org_vector_type          ? 
_entity_src_gen.pdbx_host_org_vector               ? 
_entity_src_gen.host_org_details                   ? 
_entity_src_gen.expression_system_id               ? 
_entity_src_gen.plasmid_name                       ? 
_entity_src_gen.plasmid_details                    ? 
_entity_src_gen.pdbx_description                   ? 
# 
loop_
_chem_comp.id 
_chem_comp.type 
_chem_comp.mon_nstd_flag 
_chem_comp.name 
_chem_comp.pdbx_synonyms 
_chem_comp.formula 
_chem_comp.formula_weight 
ALA 'L-peptide linking' y ALANINE                                                             ? 'C3 H7 N O2'        89.093  
ARG 'L-peptide linking' y ARGININE                                                            ? 'C6 H15 N4 O2 1'    175.209 
ASN 'L-peptide linking' y ASPARAGINE                                                          ? 'C4 H8 N2 O3'       132.118 
ASP 'L-peptide linking' y 'ASPARTIC ACID'                                                     ? 'C4 H7 N O4'        133.103 
CYS 'L-peptide linking' y CYSTEINE                                                            ? 'C3 H7 N O2 S'      121.158 
GLN 'L-peptide linking' y GLUTAMINE                                                           ? 'C5 H10 N2 O3'      146.144 
GLU 'L-peptide linking' y 'GLUTAMIC ACID'                                                     ? 'C5 H9 N O4'        147.129 
GLY 'peptide linking'   y GLYCINE                                                             ? 'C2 H5 N O2'        75.067  
HIS 'L-peptide linking' y HISTIDINE                                                           ? 'C6 H10 N3 O2 1'    156.162 
HOH non-polymer         . WATER                                                               ? 'H2 O'              18.015  
ILE 'L-peptide linking' y ISOLEUCINE                                                          ? 'C6 H13 N O2'       131.173 
LEU 'L-peptide linking' y LEUCINE                                                             ? 'C6 H13 N O2'       131.173 
LYS 'L-peptide linking' y LYSINE                                                              ? 'C6 H15 N2 O2 1'    147.195 
MET 'L-peptide linking' y METHIONINE                                                          ? 'C5 H11 N O2 S'     149.211 
NAP non-polymer         . 'NADP NICOTINAMIDE-ADENINE-DINUCLEOTIDE PHOSPHATE'                  
;2'-MONOPHOSPHOADENOSINE 5'-DIPHOSPHORIBOSE
;
'C21 H28 N7 O17 P3' 743.405 
PHE 'L-peptide linking' y PHENYLALANINE                                                       ? 'C9 H11 N O2'       165.189 
PRO 'L-peptide linking' y PROLINE                                                             ? 'C5 H9 N O2'        115.130 
SER 'L-peptide linking' y SERINE                                                              ? 'C3 H7 N O3'        105.093 
THR 'L-peptide linking' y THREONINE                                                           ? 'C4 H9 N O3'        119.119 
TQT non-polymer         . '6-(OCTAHYDRO-1H-INDOL-1-YLMETHYL)DECAHYDROQUINAZOLINE-2,4-DIAMINE' ? 'C17 H33 N5'        307.477 
TRP 'L-peptide linking' y TRYPTOPHAN                                                          ? 'C11 H12 N2 O2'     204.225 
TYR 'L-peptide linking' y TYROSINE                                                            ? 'C9 H11 N O3'       181.189 
VAL 'L-peptide linking' y VALINE                                                              ? 'C5 H11 N O2'       117.146 
# 
loop_
_pdbx_poly_seq_scheme.asym_id 
_pdbx_poly_seq_scheme.entity_id 
_pdbx_poly_seq_scheme.seq_id 
_pdbx_poly_seq_scheme.mon_id 
_pdbx_poly_seq_scheme.ndb_seq_num 
_pdbx_poly_seq_scheme.pdb_seq_num 
_pdbx_poly_seq_scheme.auth_seq_num 
_pdbx_poly_seq_scheme.pdb_mon_id 
_pdbx_poly_seq_scheme.auth_mon_id 
_pdbx_poly_seq_scheme.pdb_strand_id 
_pdbx_poly_seq_scheme.pdb_ins_code 
_pdbx_poly_seq_scheme.hetero 
A 1 1   VAL 1   1   1   VAL VAL A . n 
A 1 2   GLY 2   2   2   GLY GLY A . n 
A 1 3   SER 3   3   3   SER SER A . n 
A 1 4   LEU 4   4   4   LEU LEU A . n 
A 1 5   ASN 5   5   5   ASN ASN A . n 
A 1 6   CYS 6   6   6   CYS CYS A . n 
A 1 7   ILE 7   7   7   ILE ILE A . n 
A 1 8   VAL 8   8   8   VAL VAL A . n 
A 1 9   ALA 9   9   9   ALA ALA A . n 
A 1 10  VAL 10  10  10  VAL VAL A . n 
A 1 11  SER 11  11  11  SER SER A . n 
A 1 12  GLN 12  12  12  GLN GLN A . n 
A 1 13  ASN 13  13  13  ASN ASN A . n 
A 1 14  MET 14  14  14  MET MET A . n 
A 1 15  GLY 15  15  15  GLY GLY A . n 
A 1 16  ILE 16  16  16  ILE ILE A . n 
A 1 17  GLY 17  17  17  GLY GLY A . n 
A 1 18  LYS 18  18  18  LYS LYS A . n 
A 1 19  ASN 19  19  19  ASN ASN A . n 
A 1 20  GLY 20  20  20  GLY GLY A . n 
A 1 21  ASP 21  21  21  ASP ASP A . n 
A 1 22  LEU 22  22  22  LEU LEU A . n 
A 1 23  PRO 23  23  23  PRO PRO A . n 
A 1 24  TRP 24  24  24  TRP TRP A . n 
A 1 25  PRO 25  25  25  PRO PRO A . n 
A 1 26  PRO 26  26  26  PRO PRO A . n 
A 1 27  LEU 27  27  27  LEU LEU A . n 
A 1 28  ARG 28  28  28  ARG ARG A . n 
A 1 29  ASN 29  29  29  ASN ASN A . n 
A 1 30  GLU 30  30  30  GLU GLU A . n 
A 1 31  PHE 31  31  31  PHE PHE A . n 
A 1 32  ARG 32  32  32  ARG ARG A . n 
A 1 33  TYR 33  33  33  TYR TYR A . n 
A 1 34  PHE 34  34  34  PHE PHE A . n 
A 1 35  GLN 35  35  35  GLN GLN A . n 
A 1 36  ARG 36  36  36  ARG ARG A . n 
A 1 37  MET 37  37  37  MET MET A . n 
A 1 38  THR 38  38  38  THR THR A . n 
A 1 39  THR 39  39  39  THR THR A . n 
A 1 40  THR 40  40  40  THR THR A . n 
A 1 41  SER 41  41  41  SER SER A . n 
A 1 42  SER 42  42  42  SER SER A . n 
A 1 43  VAL 43  43  43  VAL VAL A . n 
A 1 44  GLU 44  44  44  GLU GLU A . n 
A 1 45  GLY 45  45  45  GLY GLY A . n 
A 1 46  LYS 46  46  46  LYS LYS A . n 
A 1 47  GLN 47  47  47  GLN GLN A . n 
A 1 48  ASN 48  48  48  ASN ASN A . n 
A 1 49  LEU 49  49  49  LEU LEU A . n 
A 1 50  VAL 50  50  50  VAL VAL A . n 
A 1 51  ILE 51  51  51  ILE ILE A . n 
A 1 52  MET 52  52  52  MET MET A . n 
A 1 53  GLY 53  53  53  GLY GLY A . n 
A 1 54  LYS 54  54  54  LYS LYS A . n 
A 1 55  LYS 55  55  55  LYS LYS A . n 
A 1 56  THR 56  56  56  THR THR A . n 
A 1 57  TRP 57  57  57  TRP TRP A . n 
A 1 58  PHE 58  58  58  PHE PHE A . n 
A 1 59  SER 59  59  59  SER SER A . n 
A 1 60  ILE 60  60  60  ILE ILE A . n 
A 1 61  PRO 61  61  61  PRO PRO A . n 
A 1 62  GLU 62  62  62  GLU GLU A . n 
A 1 63  LYS 63  63  63  LYS LYS A . n 
A 1 64  ASN 64  64  64  ASN ASN A . n 
A 1 65  ARG 65  65  65  ARG ARG A . n 
A 1 66  PRO 66  66  66  PRO PRO A . n 
A 1 67  LEU 67  67  67  LEU LEU A . n 
A 1 68  LYS 68  68  68  LYS LYS A . n 
A 1 69  GLY 69  69  69  GLY GLY A . n 
A 1 70  ARG 70  70  70  ARG ARG A . n 
A 1 71  ILE 71  71  71  ILE ILE A . n 
A 1 72  ASN 72  72  72  ASN ASN A . n 
A 1 73  LEU 73  73  73  LEU LEU A . n 
A 1 74  VAL 74  74  74  VAL VAL A . n 
A 1 75  LEU 75  75  75  LEU LEU A . n 
A 1 76  SER 76  76  76  SER SER A . n 
A 1 77  ARG 77  77  77  ARG ARG A . n 
A 1 78  GLU 78  78  78  GLU GLU A . n 
A 1 79  LEU 79  79  79  LEU LEU A . n 
A 1 80  LYS 80  80  80  LYS LYS A . n 
A 1 81  GLU 81  81  81  GLU GLU A . n 
A 1 82  PRO 82  82  82  PRO PRO A . n 
A 1 83  PRO 83  83  83  PRO PRO A . n 
A 1 84  GLN 84  84  84  GLN GLN A . n 
A 1 85  GLY 85  85  85  GLY GLY A . n 
A 1 86  ALA 86  86  86  ALA ALA A . n 
A 1 87  HIS 87  87  87  HIS HIS A . n 
A 1 88  PHE 88  88  88  PHE PHE A . n 
A 1 89  LEU 89  89  89  LEU LEU A . n 
A 1 90  SER 90  90  90  SER SER A . n 
A 1 91  ARG 91  91  91  ARG ARG A . n 
A 1 92  SER 92  92  92  SER SER A . n 
A 1 93  LEU 93  93  93  LEU LEU A . n 
A 1 94  ASP 94  94  94  ASP ASP A . n 
A 1 95  ASP 95  95  95  ASP ASP A . n 
A 1 96  ALA 96  96  96  ALA ALA A . n 
A 1 97  LEU 97  97  97  LEU LEU A . n 
A 1 98  LYS 98  98  98  LYS LYS A . n 
A 1 99  LEU 99  99  99  LEU LEU A . n 
A 1 100 THR 100 100 100 THR THR A . n 
A 1 101 GLU 101 101 101 GLU GLU A . n 
A 1 102 GLN 102 102 102 GLN GLN A . n 
A 1 103 PRO 103 103 103 PRO PRO A . n 
A 1 104 GLU 104 104 104 GLU GLU A . n 
A 1 105 LEU 105 105 105 LEU LEU A . n 
A 1 106 ALA 106 106 106 ALA ALA A . n 
A 1 107 ASN 107 107 107 ASN ASN A . n 
A 1 108 LYS 108 108 108 LYS LYS A . n 
A 1 109 VAL 109 109 109 VAL VAL A . n 
A 1 110 ASP 110 110 110 ASP ASP A . n 
A 1 111 MET 111 111 111 MET MET A . n 
A 1 112 VAL 112 112 112 VAL VAL A . n 
A 1 113 TRP 113 113 113 TRP TRP A . n 
A 1 114 ILE 114 114 114 ILE ILE A . n 
A 1 115 VAL 115 115 115 VAL VAL A . n 
A 1 116 GLY 116 116 116 GLY GLY A . n 
A 1 117 GLY 117 117 117 GLY GLY A . n 
A 1 118 SER 118 118 118 SER SER A . n 
A 1 119 SER 119 119 119 SER SER A . n 
A 1 120 VAL 120 120 120 VAL VAL A . n 
A 1 121 TYR 121 121 121 TYR TYR A . n 
A 1 122 LYS 122 122 122 LYS LYS A . n 
A 1 123 GLU 123 123 123 GLU GLU A . n 
A 1 124 ALA 124 124 124 ALA ALA A . n 
A 1 125 MET 125 125 125 MET MET A . n 
A 1 126 ASN 126 126 126 ASN ASN A . n 
A 1 127 HIS 127 127 127 HIS HIS A . n 
A 1 128 PRO 128 128 128 PRO PRO A . n 
A 1 129 GLY 129 129 129 GLY GLY A . n 
A 1 130 HIS 130 130 130 HIS HIS A . n 
A 1 131 LEU 131 131 131 LEU LEU A . n 
A 1 132 LYS 132 132 132 LYS LYS A . n 
A 1 133 LEU 133 133 133 LEU LEU A . n 
A 1 134 PHE 134 134 134 PHE PHE A . n 
A 1 135 VAL 135 135 135 VAL VAL A . n 
A 1 136 THR 136 136 136 THR THR A . n 
A 1 137 ARG 137 137 137 ARG ARG A . n 
A 1 138 ILE 138 138 138 ILE ILE A . n 
A 1 139 MET 139 139 139 MET MET A . n 
A 1 140 GLN 140 140 140 GLN GLN A . n 
A 1 141 ASP 141 141 141 ASP ASP A . n 
A 1 142 PHE 142 142 142 PHE PHE A . n 
A 1 143 GLU 143 143 143 GLU GLU A . n 
A 1 144 SER 144 144 144 SER SER A . n 
A 1 145 ASP 145 145 145 ASP ASP A . n 
A 1 146 THR 146 146 146 THR THR A . n 
A 1 147 PHE 147 147 147 PHE PHE A . n 
A 1 148 PHE 148 148 148 PHE PHE A . n 
A 1 149 PRO 149 149 149 PRO PRO A . n 
A 1 150 GLU 150 150 150 GLU GLU A . n 
A 1 151 ILE 151 151 151 ILE ILE A . n 
A 1 152 ASP 152 152 152 ASP ASP A . n 
A 1 153 LEU 153 153 153 LEU LEU A . n 
A 1 154 GLU 154 154 154 GLU GLU A . n 
A 1 155 LYS 155 155 155 LYS LYS A . n 
A 1 156 TYR 156 156 156 TYR TYR A . n 
A 1 157 LYS 157 157 157 LYS LYS A . n 
A 1 158 LEU 158 158 158 LEU LEU A . n 
A 1 159 LEU 159 159 159 LEU LEU A . n 
A 1 160 PRO 160 160 160 PRO PRO A . n 
A 1 161 GLU 161 161 161 GLU GLU A . n 
A 1 162 TYR 162 162 162 TYR TYR A . n 
A 1 163 PRO 163 163 163 PRO PRO A . n 
A 1 164 GLY 164 164 164 GLY GLY A . n 
A 1 165 VAL 165 165 165 VAL VAL A . n 
A 1 166 LEU 166 166 166 LEU LEU A . n 
A 1 167 SER 167 167 167 SER SER A . n 
A 1 168 ASP 168 168 168 ASP ASP A . n 
A 1 169 VAL 169 169 169 VAL VAL A . n 
A 1 170 GLN 170 170 170 GLN GLN A . n 
A 1 171 GLU 171 171 171 GLU GLU A . n 
A 1 172 GLU 172 172 172 GLU GLU A . n 
A 1 173 LYS 173 173 173 LYS LYS A . n 
A 1 174 GLY 174 174 174 GLY GLY A . n 
A 1 175 ILE 175 175 175 ILE ILE A . n 
A 1 176 LYS 176 176 176 LYS LYS A . n 
A 1 177 TYR 177 177 177 TYR TYR A . n 
A 1 178 LYS 178 178 178 LYS LYS A . n 
A 1 179 PHE 179 179 179 PHE PHE A . n 
A 1 180 GLU 180 180 180 GLU GLU A . n 
A 1 181 VAL 181 181 181 VAL VAL A . n 
A 1 182 TYR 182 182 182 TYR TYR A . n 
A 1 183 GLU 183 183 183 GLU GLU A . n 
A 1 184 LYS 184 184 184 LYS LYS A . n 
A 1 185 ASN 185 185 185 ASN ASN A . n 
A 1 186 ASP 186 186 186 ASP ASP A . n 
# 
loop_
_pdbx_nonpoly_scheme.asym_id 
_pdbx_nonpoly_scheme.entity_id 
_pdbx_nonpoly_scheme.mon_id 
_pdbx_nonpoly_scheme.ndb_seq_num 
_pdbx_nonpoly_scheme.pdb_seq_num 
_pdbx_nonpoly_scheme.auth_seq_num 
_pdbx_nonpoly_scheme.pdb_mon_id 
_pdbx_nonpoly_scheme.auth_mon_id 
_pdbx_nonpoly_scheme.pdb_strand_id 
_pdbx_nonpoly_scheme.pdb_ins_code 
B 2 NAP 1  187 187 NAP COE A . 
C 3 TQT 1  188 187 TQT COE A . 
D 4 HOH 1  189 189 HOH HOH A . 
D 4 HOH 2  190 190 HOH HOH A . 
D 4 HOH 3  191 191 HOH HOH A . 
D 4 HOH 4  192 192 HOH HOH A . 
D 4 HOH 5  193 193 HOH HOH A . 
D 4 HOH 6  194 194 HOH HOH A . 
D 4 HOH 7  195 195 HOH HOH A . 
D 4 HOH 8  196 196 HOH HOH A . 
D 4 HOH 9  197 197 HOH HOH A . 
D 4 HOH 10 198 198 HOH HOH A . 
D 4 HOH 11 199 199 HOH HOH A . 
D 4 HOH 12 200 200 HOH HOH A . 
D 4 HOH 13 201 201 HOH HOH A . 
D 4 HOH 14 202 202 HOH HOH A . 
D 4 HOH 15 203 203 HOH HOH A . 
D 4 HOH 16 204 204 HOH HOH A . 
D 4 HOH 17 205 205 HOH HOH A . 
D 4 HOH 18 206 206 HOH HOH A . 
D 4 HOH 19 207 207 HOH HOH A . 
D 4 HOH 20 208 208 HOH HOH A . 
D 4 HOH 21 209 209 HOH HOH A . 
D 4 HOH 22 210 210 HOH HOH A . 
D 4 HOH 23 211 211 HOH HOH A . 
D 4 HOH 24 212 212 HOH HOH A . 
D 4 HOH 25 213 213 HOH HOH A . 
D 4 HOH 26 214 214 HOH HOH A . 
D 4 HOH 27 215 215 HOH HOH A . 
D 4 HOH 28 216 216 HOH HOH A . 
D 4 HOH 29 217 217 HOH HOH A . 
D 4 HOH 30 218 218 HOH HOH A . 
D 4 HOH 31 219 219 HOH HOH A . 
D 4 HOH 32 220 220 HOH HOH A . 
D 4 HOH 33 221 221 HOH HOH A . 
D 4 HOH 34 222 222 HOH HOH A . 
D 4 HOH 35 223 223 HOH HOH A . 
D 4 HOH 36 224 224 HOH HOH A . 
D 4 HOH 37 225 225 HOH HOH A . 
D 4 HOH 38 226 226 HOH HOH A . 
D 4 HOH 39 227 227 HOH HOH A . 
D 4 HOH 40 228 228 HOH HOH A . 
D 4 HOH 41 229 229 HOH HOH A . 
D 4 HOH 42 230 230 HOH HOH A . 
D 4 HOH 43 231 231 HOH HOH A . 
D 4 HOH 44 232 232 HOH HOH A . 
D 4 HOH 45 233 233 HOH HOH A . 
D 4 HOH 46 234 234 HOH HOH A . 
D 4 HOH 47 235 235 HOH HOH A . 
D 4 HOH 48 236 236 HOH HOH A . 
D 4 HOH 49 237 237 HOH HOH A . 
D 4 HOH 50 238 238 HOH HOH A . 
D 4 HOH 51 239 239 HOH HOH A . 
D 4 HOH 52 240 240 HOH HOH A . 
D 4 HOH 53 241 241 HOH HOH A . 
D 4 HOH 54 242 242 HOH HOH A . 
D 4 HOH 55 243 243 HOH HOH A . 
D 4 HOH 56 244 244 HOH HOH A . 
D 4 HOH 57 245 245 HOH HOH A . 
D 4 HOH 58 246 246 HOH HOH A . 
D 4 HOH 59 247 247 HOH HOH A . 
D 4 HOH 60 248 248 HOH HOH A . 
D 4 HOH 61 249 249 HOH HOH A . 
D 4 HOH 62 250 250 HOH HOH A . 
D 4 HOH 63 251 251 HOH HOH A . 
D 4 HOH 64 252 252 HOH HOH A . 
D 4 HOH 65 253 253 HOH HOH A . 
D 4 HOH 66 254 254 HOH HOH A . 
D 4 HOH 67 255 255 HOH HOH A . 
D 4 HOH 68 256 256 HOH HOH A . 
D 4 HOH 69 257 257 HOH HOH A . 
D 4 HOH 70 258 258 HOH HOH A . 
D 4 HOH 71 259 259 HOH HOH A . 
D 4 HOH 72 260 260 HOH HOH A . 
D 4 HOH 73 261 261 HOH HOH A . 
D 4 HOH 74 262 262 HOH HOH A . 
D 4 HOH 75 263 263 HOH HOH A . 
D 4 HOH 76 264 264 HOH HOH A . 
D 4 HOH 77 265 265 HOH HOH A . 
D 4 HOH 78 266 266 HOH HOH A . 
D 4 HOH 79 267 267 HOH HOH A . 
D 4 HOH 80 268 268 HOH HOH A . 
D 4 HOH 81 269 269 HOH HOH A . 
D 4 HOH 82 270 188 HOH HOH A . 
# 
loop_
_software.name 
_software.classification 
_software.version 
_software.citation_id 
_software.pdbx_ordinal 
DENZO     'data reduction' . ? 1 
SCALEPACK 'data scaling'   . ? 2 
CNS       refinement       . ? 3 
CNS       phasing          . ? 4 
# 
_cell.entry_id           1S3W 
_cell.length_a           86.981 
_cell.length_b           86.981 
_cell.length_c           76.855 
_cell.angle_alpha        90.00 
_cell.angle_beta         90.00 
_cell.angle_gamma        120.00 
_cell.Z_PDB              9 
_cell.pdbx_unique_axis   ? 
# 
_symmetry.entry_id                         1S3W 
_symmetry.space_group_name_H-M             'H 3' 
_symmetry.pdbx_full_space_group_name_H-M   ? 
_symmetry.cell_setting                     ? 
_symmetry.Int_Tables_number                146 
# 
_exptl.entry_id          1S3W 
_exptl.method            'X-RAY DIFFRACTION' 
_exptl.crystals_number   1 
# 
_exptl_crystal.id                    1 
_exptl_crystal.density_meas          ? 
_exptl_crystal.density_percent_sol   53.04 
_exptl_crystal.description           ? 
_exptl_crystal.density_Matthews      2.62 
# 
_exptl_crystal_grow.crystal_id      1 
_exptl_crystal_grow.method          'VAPOR DIFFUSION, HANGING DROP' 
_exptl_crystal_grow.temp            298 
_exptl_crystal_grow.temp_details    ? 
_exptl_crystal_grow.pH              6.8 
_exptl_crystal_grow.pdbx_details    'pH 6.8, VAPOR DIFFUSION, HANGING DROP, temperature 298K' 
_exptl_crystal_grow.pdbx_pH_range   . 
# 
_diffrn.id                     1 
_diffrn.ambient_temp           298 
_diffrn.ambient_temp_details   ? 
_diffrn.crystal_id             1 
# 
_diffrn_detector.diffrn_id              1 
_diffrn_detector.detector               'IMAGE PLATE' 
_diffrn_detector.type                   'RIGAKU RAXIS IIC' 
_diffrn_detector.pdbx_collection_date   1994-01-20 
_diffrn_detector.details                mirrors 
# 
_diffrn_radiation.diffrn_id                        1 
_diffrn_radiation.wavelength_id                    1 
_diffrn_radiation.pdbx_monochromatic_or_laue_m_l   M 
_diffrn_radiation.monochromator                    graphite 
_diffrn_radiation.pdbx_diffrn_protocol             'SINGLE WAVELENGTH' 
_diffrn_radiation.pdbx_scattering_type             x-ray 
# 
loop_
_diffrn_radiation_wavelength.id 
_diffrn_radiation_wavelength.wavelength 
_diffrn_radiation_wavelength.wt 
1 1.5418 1.0 
2 1.5621 1.0 
3 1.7321 1.0 
# 
_diffrn_source.diffrn_id                   1 
_diffrn_source.source                      'ROTATING ANODE' 
_diffrn_source.type                        'RIGAKU RU200' 
_diffrn_source.pdbx_synchrotron_site       ? 
_diffrn_source.pdbx_synchrotron_beamline   ? 
_diffrn_source.pdbx_wavelength             ? 
_diffrn_source.pdbx_wavelength_list        1.5418,1.5621,1.7321 
# 
_reflns.entry_id                     1S3W 
_reflns.observed_criterion_sigma_F   0.0 
_reflns.observed_criterion_sigma_I   2.0 
_reflns.d_resolution_high            1.90 
_reflns.d_resolution_low             50.0 
_reflns.number_all                   17079 
_reflns.number_obs                   10995 
_reflns.percent_possible_obs         90.1 
_reflns.pdbx_Rmerge_I_obs            0.071 
_reflns.pdbx_Rsym_value              ? 
_reflns.pdbx_netI_over_sigmaI        ? 
_reflns.B_iso_Wilson_estimate        ? 
_reflns.pdbx_redundancy              ? 
_reflns.R_free_details               ? 
_reflns.limit_h_max                  ? 
_reflns.limit_h_min                  ? 
_reflns.limit_k_max                  ? 
_reflns.limit_k_min                  ? 
_reflns.limit_l_max                  ? 
_reflns.limit_l_min                  ? 
_reflns.observed_criterion_F_max     ? 
_reflns.observed_criterion_F_min     ? 
_reflns.pdbx_diffrn_id               1 
_reflns.pdbx_ordinal                 1 
# 
_reflns_shell.d_res_high             1.90 
_reflns_shell.d_res_low              2.0 
_reflns_shell.percent_possible_all   91.1 
_reflns_shell.Rmerge_I_obs           0.071 
_reflns_shell.pdbx_Rsym_value        ? 
_reflns_shell.meanI_over_sigI_obs    ? 
_reflns_shell.pdbx_redundancy        ? 
_reflns_shell.percent_possible_obs   ? 
_reflns_shell.number_unique_all      ? 
_reflns_shell.pdbx_diffrn_id         ? 
_reflns_shell.pdbx_ordinal           1 
# 
_refine.entry_id                                 1S3W 
_refine.ls_d_res_high                            1.90 
_refine.ls_d_res_low                             50.0 
_refine.pdbx_ls_sigma_F                          2.0 
_refine.pdbx_ls_sigma_I                          ? 
_refine.ls_number_reflns_all                     17079 
_refine.ls_number_reflns_obs                     10995 
_refine.ls_number_reflns_R_free                  ? 
_refine.ls_percent_reflns_obs                    ? 
_refine.ls_R_factor_all                          0.216 
_refine.ls_R_factor_obs                          0.216 
_refine.ls_R_factor_R_work                       0.177 
_refine.ls_R_factor_R_free                       0.216 
_refine.ls_redundancy_reflns_obs                 ? 
_refine.pdbx_data_cutoff_high_absF               ? 
_refine.pdbx_data_cutoff_low_absF                ? 
_refine.ls_number_parameters                     ? 
_refine.ls_number_restraints                     ? 
_refine.ls_percent_reflns_R_free                 ? 
_refine.ls_R_factor_R_free_error                 ? 
_refine.ls_R_factor_R_free_error_details         ? 
_refine.pdbx_method_to_determine_struct          'FOURIER SYNTHESIS' 
_refine.pdbx_starting_model                      ? 
_refine.pdbx_ls_cross_valid_method               ? 
_refine.pdbx_R_Free_selection_details            ? 
_refine.pdbx_stereochem_target_val_spec_case     ? 
_refine.pdbx_stereochemistry_target_values       ? 
_refine.solvent_model_details                    ? 
_refine.solvent_model_param_bsol                 ? 
_refine.solvent_model_param_ksol                 ? 
_refine.occupancy_max                            ? 
_refine.occupancy_min                            ? 
_refine.pdbx_isotropic_thermal_model             ? 
_refine.B_iso_mean                               ? 
_refine.aniso_B[1][1]                            ? 
_refine.aniso_B[1][2]                            ? 
_refine.aniso_B[1][3]                            ? 
_refine.aniso_B[2][2]                            ? 
_refine.aniso_B[2][3]                            ? 
_refine.aniso_B[3][3]                            ? 
_refine.details                                  ? 
_refine.B_iso_min                                ? 
_refine.B_iso_max                                ? 
_refine.correlation_coeff_Fo_to_Fc               ? 
_refine.correlation_coeff_Fo_to_Fc_free          ? 
_refine.pdbx_solvent_vdw_probe_radii             ? 
_refine.pdbx_solvent_ion_probe_radii             ? 
_refine.pdbx_solvent_shrinkage_radii             ? 
_refine.overall_SU_R_Cruickshank_DPI             ? 
_refine.overall_SU_R_free                        ? 
_refine.overall_SU_B                             ? 
_refine.overall_SU_ML                            ? 
_refine.pdbx_overall_ESU_R                       ? 
_refine.pdbx_overall_ESU_R_Free                  ? 
_refine.pdbx_data_cutoff_high_rms_absF           ? 
_refine.pdbx_refine_id                           'X-RAY DIFFRACTION' 
_refine.pdbx_diffrn_id                           1 
_refine.pdbx_TLS_residual_ADP_flag               ? 
_refine.pdbx_overall_phase_error                 ? 
_refine.pdbx_overall_SU_R_free_Cruickshank_DPI   ? 
_refine.pdbx_overall_SU_R_Blow_DPI               ? 
_refine.pdbx_overall_SU_R_free_Blow_DPI          ? 
# 
_refine_hist.pdbx_refine_id                   'X-RAY DIFFRACTION' 
_refine_hist.cycle_id                         LAST 
_refine_hist.pdbx_number_atoms_protein        1509 
_refine_hist.pdbx_number_atoms_nucleic_acid   0 
_refine_hist.pdbx_number_atoms_ligand         80 
_refine_hist.number_atoms_solvent             82 
_refine_hist.number_atoms_total               1671 
_refine_hist.d_res_high                       1.90 
_refine_hist.d_res_low                        50.0 
# 
loop_
_refine_ls_restr.type 
_refine_ls_restr.dev_ideal 
_refine_ls_restr.dev_ideal_target 
_refine_ls_restr.weight 
_refine_ls_restr.number 
_refine_ls_restr.pdbx_refine_id 
_refine_ls_restr.pdbx_restraint_function 
c_bond_d           0.008 ? ? ? 'X-RAY DIFFRACTION' ? 
c_angle_deg        1.18  ? ? ? 'X-RAY DIFFRACTION' ? 
c_dihedral_angle_d 1.61  ? ? ? 'X-RAY DIFFRACTION' ? 
c_improper_angle_d 2.25  ? ? ? 'X-RAY DIFFRACTION' ? 
c_mcangle_it       3.5   ? ? ? 'X-RAY DIFFRACTION' ? 
# 
_struct.entry_id                  1S3W 
_struct.title                     
;Structure Determination of Tetrahydroquinazoline Antifoaltes in Complex with Human and Pneumocystis carinii Dihydrofolate Reductase: Correlations of Enzyme Selectivity and Stereochemistry
;
_struct.pdbx_model_details        ? 
_struct.pdbx_CASP_flag            ? 
_struct.pdbx_model_type_details   ? 
# 
_struct_keywords.entry_id        1S3W 
_struct_keywords.pdbx_keywords   OXIDOREDUCTASE 
_struct_keywords.text            'dihydrofolate reductase, inhibitor complex, stereochemistry, OXIDOREDUCTASE' 
# 
loop_
_struct_asym.id 
_struct_asym.pdbx_blank_PDB_chainid_flag 
_struct_asym.pdbx_modified 
_struct_asym.entity_id 
_struct_asym.details 
A N N 1 ? 
B N N 2 ? 
C N N 3 ? 
D N N 4 ? 
# 
_struct_ref.id                         1 
_struct_ref.db_name                    UNP 
_struct_ref.db_code                    DYR_HUMAN 
_struct_ref.pdbx_db_accession          P00374 
_struct_ref.entity_id                  1 
_struct_ref.pdbx_seq_one_letter_code   
;VGSLNCIVAVSQNMGIGKNGDLPWPPLRNEFRYFQRMTTTSSVEGKQNLVIMGKKTWFSIPEKNRPLKGRINLVLSRELK
EPPQGAHFLSRSLDDALKLTEQPELANKVDMVWIVGGSSVYKEAMNHPGHLKLFVTRIMQDFESDTFFPEIDLEKYKLLP
EYPGVLSDVQEEKGIKYKFEVYEKND
;
_struct_ref.pdbx_align_begin           1 
_struct_ref.pdbx_db_isoform            ? 
# 
_struct_ref_seq.align_id                      1 
_struct_ref_seq.ref_id                        1 
_struct_ref_seq.pdbx_PDB_id_code              1S3W 
_struct_ref_seq.pdbx_strand_id                A 
_struct_ref_seq.seq_align_beg                 1 
_struct_ref_seq.pdbx_seq_align_beg_ins_code   ? 
_struct_ref_seq.seq_align_end                 186 
_struct_ref_seq.pdbx_seq_align_end_ins_code   ? 
_struct_ref_seq.pdbx_db_accession             P00374 
_struct_ref_seq.db_align_beg                  1 
_struct_ref_seq.pdbx_db_align_beg_ins_code    ? 
_struct_ref_seq.db_align_end                  186 
_struct_ref_seq.pdbx_db_align_end_ins_code    ? 
_struct_ref_seq.pdbx_auth_seq_align_beg       1 
_struct_ref_seq.pdbx_auth_seq_align_end       186 
# 
_pdbx_struct_assembly.id                   1 
_pdbx_struct_assembly.details              author_defined_assembly 
_pdbx_struct_assembly.method_details       ? 
_pdbx_struct_assembly.oligomeric_details   monomeric 
_pdbx_struct_assembly.oligomeric_count     1 
# 
_pdbx_struct_assembly_gen.assembly_id       1 
_pdbx_struct_assembly_gen.oper_expression   1 
_pdbx_struct_assembly_gen.asym_id_list      A,B,C,D 
# 
_pdbx_struct_oper_list.id                   1 
_pdbx_struct_oper_list.type                 'identity operation' 
_pdbx_struct_oper_list.name                 1_555 
_pdbx_struct_oper_list.symmetry_operation   x,y,z 
_pdbx_struct_oper_list.matrix[1][1]         1.0000000000 
_pdbx_struct_oper_list.matrix[1][2]         0.0000000000 
_pdbx_struct_oper_list.matrix[1][3]         0.0000000000 
_pdbx_struct_oper_list.vector[1]            0.0000000000 
_pdbx_struct_oper_list.matrix[2][1]         0.0000000000 
_pdbx_struct_oper_list.matrix[2][2]         1.0000000000 
_pdbx_struct_oper_list.matrix[2][3]         0.0000000000 
_pdbx_struct_oper_list.vector[2]            0.0000000000 
_pdbx_struct_oper_list.matrix[3][1]         0.0000000000 
_pdbx_struct_oper_list.matrix[3][2]         0.0000000000 
_pdbx_struct_oper_list.matrix[3][3]         1.0000000000 
_pdbx_struct_oper_list.vector[3]            0.0000000000 
# 
_struct_biol.id                    1 
_struct_biol.details               ? 
_struct_biol.pdbx_parent_biol_id   ? 
# 
loop_
_struct_conf.conf_type_id 
_struct_conf.id 
_struct_conf.pdbx_PDB_helix_id 
_struct_conf.beg_label_comp_id 
_struct_conf.beg_label_asym_id 
_struct_conf.beg_label_seq_id 
_struct_conf.pdbx_beg_PDB_ins_code 
_struct_conf.end_label_comp_id 
_struct_conf.end_label_asym_id 
_struct_conf.end_label_seq_id 
_struct_conf.pdbx_end_PDB_ins_code 
_struct_conf.beg_auth_comp_id 
_struct_conf.beg_auth_asym_id 
_struct_conf.beg_auth_seq_id 
_struct_conf.end_auth_comp_id 
_struct_conf.end_auth_asym_id 
_struct_conf.end_auth_seq_id 
_struct_conf.pdbx_PDB_helix_class 
_struct_conf.details 
_struct_conf.pdbx_PDB_helix_length 
HELX_P HELX_P1 1 LEU A 27  ? THR A 40  ? LEU A 27  THR A 40  1 ? 14 
HELX_P HELX_P2 2 LYS A 54  ? ILE A 60  ? LYS A 54  ILE A 60  1 ? 7  
HELX_P HELX_P3 3 PRO A 61  ? ARG A 65  ? PRO A 61  ARG A 65  5 ? 5  
HELX_P HELX_P4 4 SER A 92  ? GLU A 101 ? SER A 92  GLU A 101 1 ? 10 
HELX_P HELX_P5 5 GLY A 117 ? HIS A 127 ? GLY A 117 HIS A 127 1 ? 11 
# 
_struct_conf_type.id          HELX_P 
_struct_conf_type.criteria    ? 
_struct_conf_type.reference   ? 
# 
loop_
_struct_mon_prot_cis.pdbx_id 
_struct_mon_prot_cis.label_comp_id 
_struct_mon_prot_cis.label_seq_id 
_struct_mon_prot_cis.label_asym_id 
_struct_mon_prot_cis.label_alt_id 
_struct_mon_prot_cis.pdbx_PDB_ins_code 
_struct_mon_prot_cis.auth_comp_id 
_struct_mon_prot_cis.auth_seq_id 
_struct_mon_prot_cis.auth_asym_id 
_struct_mon_prot_cis.pdbx_label_comp_id_2 
_struct_mon_prot_cis.pdbx_label_seq_id_2 
_struct_mon_prot_cis.pdbx_label_asym_id_2 
_struct_mon_prot_cis.pdbx_PDB_ins_code_2 
_struct_mon_prot_cis.pdbx_auth_comp_id_2 
_struct_mon_prot_cis.pdbx_auth_seq_id_2 
_struct_mon_prot_cis.pdbx_auth_asym_id_2 
_struct_mon_prot_cis.pdbx_PDB_model_num 
_struct_mon_prot_cis.pdbx_omega_angle 
1 ARG 65  A . ? ARG 65  A PRO 66  A ? PRO 66  A 1 -1.58 
2 GLY 116 A . ? GLY 116 A GLY 117 A ? GLY 117 A 1 5.06  
# 
loop_
_struct_sheet.id 
_struct_sheet.type 
_struct_sheet.number_strands 
_struct_sheet.details 
A ? 8 ? 
B ? 8 ? 
C ? 2 ? 
# 
loop_
_struct_sheet_order.sheet_id 
_struct_sheet_order.range_id_1 
_struct_sheet_order.range_id_2 
_struct_sheet_order.offset 
_struct_sheet_order.sense 
A 1 2 ? parallel      
A 2 3 ? parallel      
A 3 4 ? parallel      
A 4 5 ? parallel      
A 5 6 ? parallel      
A 6 7 ? anti-parallel 
A 7 8 ? anti-parallel 
B 1 2 ? parallel      
B 2 3 ? parallel      
B 3 4 ? parallel      
B 4 5 ? parallel      
B 5 6 ? parallel      
B 6 7 ? anti-parallel 
B 7 8 ? anti-parallel 
C 1 2 ? anti-parallel 
# 
loop_
_struct_sheet_range.sheet_id 
_struct_sheet_range.id 
_struct_sheet_range.beg_label_comp_id 
_struct_sheet_range.beg_label_asym_id 
_struct_sheet_range.beg_label_seq_id 
_struct_sheet_range.pdbx_beg_PDB_ins_code 
_struct_sheet_range.end_label_comp_id 
_struct_sheet_range.end_label_asym_id 
_struct_sheet_range.end_label_seq_id 
_struct_sheet_range.pdbx_end_PDB_ins_code 
_struct_sheet_range.beg_auth_comp_id 
_struct_sheet_range.beg_auth_asym_id 
_struct_sheet_range.beg_auth_seq_id 
_struct_sheet_range.end_auth_comp_id 
_struct_sheet_range.end_auth_asym_id 
_struct_sheet_range.end_auth_seq_id 
A 1 PHE A 88  ? SER A 90  ? PHE A 88  SER A 90  
A 2 ILE A 71  ? LEU A 75  ? ILE A 71  LEU A 75  
A 3 GLN A 47  ? GLY A 53  ? GLN A 47  GLY A 53  
A 4 VAL A 109 ? GLY A 116 ? VAL A 109 GLY A 116 
A 5 LEU A 4   ? VAL A 10  ? LEU A 4   VAL A 10  
A 6 HIS A 130 ? ILE A 138 ? HIS A 130 ILE A 138 
A 7 ILE A 175 ? ASN A 185 ? ILE A 175 ASN A 185 
A 8 LYS A 157 ? LEU A 158 ? LYS A 157 LEU A 158 
B 1 PHE A 88  ? SER A 90  ? PHE A 88  SER A 90  
B 2 ILE A 71  ? LEU A 75  ? ILE A 71  LEU A 75  
B 3 GLN A 47  ? GLY A 53  ? GLN A 47  GLY A 53  
B 4 VAL A 109 ? GLY A 116 ? VAL A 109 GLY A 116 
B 5 LEU A 4   ? VAL A 10  ? LEU A 4   VAL A 10  
B 6 HIS A 130 ? ILE A 138 ? HIS A 130 ILE A 138 
B 7 ILE A 175 ? ASN A 185 ? ILE A 175 ASN A 185 
B 8 GLN A 170 ? GLU A 172 ? GLN A 170 GLU A 172 
C 1 GLY A 15  ? GLY A 17  ? GLY A 15  GLY A 17  
C 2 THR A 146 ? PHE A 147 ? THR A 146 PHE A 147 
# 
loop_
_pdbx_struct_sheet_hbond.sheet_id 
_pdbx_struct_sheet_hbond.range_id_1 
_pdbx_struct_sheet_hbond.range_id_2 
_pdbx_struct_sheet_hbond.range_1_label_atom_id 
_pdbx_struct_sheet_hbond.range_1_label_comp_id 
_pdbx_struct_sheet_hbond.range_1_label_asym_id 
_pdbx_struct_sheet_hbond.range_1_label_seq_id 
_pdbx_struct_sheet_hbond.range_1_PDB_ins_code 
_pdbx_struct_sheet_hbond.range_1_auth_atom_id 
_pdbx_struct_sheet_hbond.range_1_auth_comp_id 
_pdbx_struct_sheet_hbond.range_1_auth_asym_id 
_pdbx_struct_sheet_hbond.range_1_auth_seq_id 
_pdbx_struct_sheet_hbond.range_2_label_atom_id 
_pdbx_struct_sheet_hbond.range_2_label_comp_id 
_pdbx_struct_sheet_hbond.range_2_label_asym_id 
_pdbx_struct_sheet_hbond.range_2_label_seq_id 
_pdbx_struct_sheet_hbond.range_2_PDB_ins_code 
_pdbx_struct_sheet_hbond.range_2_auth_atom_id 
_pdbx_struct_sheet_hbond.range_2_auth_comp_id 
_pdbx_struct_sheet_hbond.range_2_auth_asym_id 
_pdbx_struct_sheet_hbond.range_2_auth_seq_id 
A 1 2 O PHE A 88  ? O PHE A 88  N VAL A 74  ? N VAL A 74  
A 2 3 O ILE A 71  ? O ILE A 71  N VAL A 50  ? N VAL A 50  
A 3 4 N LEU A 49  ? N LEU A 49  O MET A 111 ? O MET A 111 
A 4 5 O VAL A 112 ? O VAL A 112 N ASN A 5   ? N ASN A 5   
A 5 6 N VAL A 10  ? N VAL A 10  O ILE A 138 ? O ILE A 138 
A 6 7 N ARG A 137 ? N ARG A 137 O LYS A 178 ? O LYS A 178 
A 7 8 O GLU A 183 ? O GLU A 183 N LYS A 157 ? N LYS A 157 
B 1 2 O PHE A 88  ? O PHE A 88  N VAL A 74  ? N VAL A 74  
B 2 3 O ILE A 71  ? O ILE A 71  N VAL A 50  ? N VAL A 50  
B 3 4 N LEU A 49  ? N LEU A 49  O MET A 111 ? O MET A 111 
B 4 5 O VAL A 112 ? O VAL A 112 N ASN A 5   ? N ASN A 5   
B 5 6 N VAL A 10  ? N VAL A 10  O ILE A 138 ? O ILE A 138 
B 6 7 N ARG A 137 ? N ARG A 137 O LYS A 178 ? O LYS A 178 
B 7 8 O TYR A 177 ? O TYR A 177 N GLN A 170 ? N GLN A 170 
C 1 2 N GLY A 17  ? N GLY A 17  O THR A 146 ? O THR A 146 
# 
loop_
_struct_site.id 
_struct_site.pdbx_evidence_code 
_struct_site.pdbx_auth_asym_id 
_struct_site.pdbx_auth_comp_id 
_struct_site.pdbx_auth_seq_id 
_struct_site.pdbx_auth_ins_code 
_struct_site.pdbx_num_residues 
_struct_site.details 
AC1 Software A NAP 187 ? 29 'BINDING SITE FOR RESIDUE NAP A 187' 
AC2 Software A TQT 188 ? 14 'BINDING SITE FOR RESIDUE TQT A 188' 
# 
loop_
_struct_site_gen.id 
_struct_site_gen.site_id 
_struct_site_gen.pdbx_num_res 
_struct_site_gen.label_comp_id 
_struct_site_gen.label_asym_id 
_struct_site_gen.label_seq_id 
_struct_site_gen.pdbx_auth_ins_code 
_struct_site_gen.auth_comp_id 
_struct_site_gen.auth_asym_id 
_struct_site_gen.auth_seq_id 
_struct_site_gen.label_atom_id 
_struct_site_gen.label_alt_id 
_struct_site_gen.symmetry 
_struct_site_gen.details 
1  AC1 29 VAL A 8   ? VAL A 8   . ? 1_555 ? 
2  AC1 29 ALA A 9   ? ALA A 9   . ? 1_555 ? 
3  AC1 29 ILE A 16  ? ILE A 16  . ? 1_555 ? 
4  AC1 29 GLY A 17  ? GLY A 17  . ? 1_555 ? 
5  AC1 29 GLY A 20  ? GLY A 20  . ? 1_555 ? 
6  AC1 29 ASP A 21  ? ASP A 21  . ? 1_555 ? 
7  AC1 29 LEU A 22  ? LEU A 22  . ? 1_555 ? 
8  AC1 29 TRP A 24  ? TRP A 24  . ? 1_555 ? 
9  AC1 29 GLY A 53  ? GLY A 53  . ? 1_555 ? 
10 AC1 29 LYS A 54  ? LYS A 54  . ? 1_555 ? 
11 AC1 29 LYS A 55  ? LYS A 55  . ? 1_555 ? 
12 AC1 29 THR A 56  ? THR A 56  . ? 1_555 ? 
13 AC1 29 SER A 59  ? SER A 59  . ? 1_555 ? 
14 AC1 29 LEU A 75  ? LEU A 75  . ? 1_555 ? 
15 AC1 29 SER A 76  ? SER A 76  . ? 1_555 ? 
16 AC1 29 ARG A 77  ? ARG A 77  . ? 1_555 ? 
17 AC1 29 GLU A 78  ? GLU A 78  . ? 1_555 ? 
18 AC1 29 ARG A 91  ? ARG A 91  . ? 1_555 ? 
19 AC1 29 SER A 92  ? SER A 92  . ? 1_555 ? 
20 AC1 29 VAL A 115 ? VAL A 115 . ? 1_555 ? 
21 AC1 29 GLY A 117 ? GLY A 117 . ? 1_555 ? 
22 AC1 29 SER A 118 ? SER A 118 . ? 1_555 ? 
23 AC1 29 SER A 119 ? SER A 119 . ? 1_555 ? 
24 AC1 29 VAL A 120 ? VAL A 120 . ? 1_555 ? 
25 AC1 29 TYR A 121 ? TYR A 121 . ? 1_555 ? 
26 AC1 29 GLU A 123 ? GLU A 123 . ? 1_555 ? 
27 AC1 29 TQT C .   ? TQT A 188 . ? 1_555 ? 
28 AC1 29 HOH D .   ? HOH A 195 . ? 1_555 ? 
29 AC1 29 HOH D .   ? HOH A 258 . ? 1_555 ? 
30 AC2 14 ILE A 7   ? ILE A 7   . ? 1_555 ? 
31 AC2 14 VAL A 8   ? VAL A 8   . ? 1_555 ? 
32 AC2 14 ALA A 9   ? ALA A 9   . ? 1_555 ? 
33 AC2 14 ASP A 21  ? ASP A 21  . ? 1_555 ? 
34 AC2 14 LEU A 22  ? LEU A 22  . ? 1_555 ? 
35 AC2 14 GLU A 30  ? GLU A 30  . ? 1_555 ? 
36 AC2 14 PHE A 31  ? PHE A 31  . ? 1_555 ? 
37 AC2 14 PHE A 34  ? PHE A 34  . ? 1_555 ? 
38 AC2 14 SER A 59  ? SER A 59  . ? 1_555 ? 
39 AC2 14 ASN A 64  ? ASN A 64  . ? 1_555 ? 
40 AC2 14 LEU A 67  ? LEU A 67  . ? 1_555 ? 
41 AC2 14 VAL A 115 ? VAL A 115 . ? 1_555 ? 
42 AC2 14 THR A 136 ? THR A 136 . ? 1_555 ? 
43 AC2 14 NAP B .   ? NAP A 187 . ? 1_555 ? 
# 
loop_
_pdbx_validate_rmsd_angle.id 
_pdbx_validate_rmsd_angle.PDB_model_num 
_pdbx_validate_rmsd_angle.auth_atom_id_1 
_pdbx_validate_rmsd_angle.auth_asym_id_1 
_pdbx_validate_rmsd_angle.auth_comp_id_1 
_pdbx_validate_rmsd_angle.auth_seq_id_1 
_pdbx_validate_rmsd_angle.PDB_ins_code_1 
_pdbx_validate_rmsd_angle.label_alt_id_1 
_pdbx_validate_rmsd_angle.auth_atom_id_2 
_pdbx_validate_rmsd_angle.auth_asym_id_2 
_pdbx_validate_rmsd_angle.auth_comp_id_2 
_pdbx_validate_rmsd_angle.auth_seq_id_2 
_pdbx_validate_rmsd_angle.PDB_ins_code_2 
_pdbx_validate_rmsd_angle.label_alt_id_2 
_pdbx_validate_rmsd_angle.auth_atom_id_3 
_pdbx_validate_rmsd_angle.auth_asym_id_3 
_pdbx_validate_rmsd_angle.auth_comp_id_3 
_pdbx_validate_rmsd_angle.auth_seq_id_3 
_pdbx_validate_rmsd_angle.PDB_ins_code_3 
_pdbx_validate_rmsd_angle.label_alt_id_3 
_pdbx_validate_rmsd_angle.angle_value 
_pdbx_validate_rmsd_angle.angle_target_value 
_pdbx_validate_rmsd_angle.angle_deviation 
_pdbx_validate_rmsd_angle.angle_standard_deviation 
_pdbx_validate_rmsd_angle.linker_flag 
1  1 CA  A VAL 1   ? ? CB  A VAL 1   ? ? CG1 A VAL 1   ? ? 120.86 110.90 9.96   1.50 N 
2  1 N   A ALA 9   ? ? CA  A ALA 9   ? ? CB  A ALA 9   ? ? 118.61 110.10 8.51   1.40 N 
3  1 CA  A VAL 10  ? ? CB  A VAL 10  ? ? CG1 A VAL 10  ? ? 123.48 110.90 12.58  1.50 N 
4  1 CB  A ASP 21  ? ? CG  A ASP 21  ? ? OD1 A ASP 21  ? ? 125.94 118.30 7.64   0.90 N 
5  1 CB  A ASP 21  ? ? CG  A ASP 21  ? ? OD2 A ASP 21  ? ? 111.28 118.30 -7.02  0.90 N 
6  1 NE  A ARG 28  ? ? CZ  A ARG 28  ? ? NH1 A ARG 28  ? ? 124.97 120.30 4.67   0.50 N 
7  1 NE  A ARG 32  ? ? CZ  A ARG 32  ? ? NH1 A ARG 32  ? ? 117.17 120.30 -3.13  0.50 N 
8  1 NE  A ARG 32  ? ? CZ  A ARG 32  ? ? NH2 A ARG 32  ? ? 124.84 120.30 4.54   0.50 N 
9  1 NE  A ARG 36  ? ? CZ  A ARG 36  ? ? NH2 A ARG 36  ? ? 116.19 120.30 -4.11  0.50 N 
10 1 CD  A ARG 65  ? ? NE  A ARG 65  ? ? CZ  A ARG 65  ? ? 151.55 123.60 27.95  1.40 N 
11 1 NH1 A ARG 65  ? ? CZ  A ARG 65  ? ? NH2 A ARG 65  ? ? 110.70 119.40 -8.70  1.10 N 
12 1 NE  A ARG 65  ? ? CZ  A ARG 65  ? ? NH2 A ARG 65  ? ? 131.18 120.30 10.88  0.50 N 
13 1 CD  A ARG 70  ? ? NE  A ARG 70  ? ? CZ  A ARG 70  ? ? 132.86 123.60 9.26   1.40 N 
14 1 NE  A ARG 70  ? ? CZ  A ARG 70  ? ? NH1 A ARG 70  ? ? 126.21 120.30 5.91   0.50 N 
15 1 NE  A ARG 70  ? ? CZ  A ARG 70  ? ? NH2 A ARG 70  ? ? 112.72 120.30 -7.58  0.50 N 
16 1 NE  A ARG 77  ? ? CZ  A ARG 77  ? ? NH1 A ARG 77  ? ? 126.55 120.30 6.25   0.50 N 
17 1 CA  A GLU 78  ? ? CB  A GLU 78  ? ? CG  A GLU 78  ? ? 133.21 113.40 19.81  2.20 N 
18 1 CG  A HIS 87  ? ? ND1 A HIS 87  ? ? CE1 A HIS 87  ? ? 115.20 109.00 6.20   1.00 N 
19 1 N   A SER 90  ? ? CA  A SER 90  ? ? CB  A SER 90  ? ? 121.38 110.50 10.88  1.50 N 
20 1 CD  A ARG 91  ? ? NE  A ARG 91  ? ? CZ  A ARG 91  ? ? 112.04 123.60 -11.56 1.40 N 
21 1 NH1 A ARG 91  ? ? CZ  A ARG 91  ? ? NH2 A ARG 91  ? ? 127.27 119.40 7.87   1.10 N 
22 1 NE  A ARG 91  ? ? CZ  A ARG 91  ? ? NH1 A ARG 91  ? ? 123.54 120.30 3.24   0.50 N 
23 1 NE  A ARG 91  ? ? CZ  A ARG 91  ? ? NH2 A ARG 91  ? ? 109.13 120.30 -11.17 0.50 N 
24 1 CB  A ASP 94  ? ? CG  A ASP 94  ? ? OD2 A ASP 94  ? ? 111.89 118.30 -6.41  0.90 N 
25 1 CA  A LEU 99  ? ? CB  A LEU 99  ? ? CG  A LEU 99  ? ? 129.65 115.30 14.35  2.30 N 
26 1 CA  A GLU 101 ? ? CB  A GLU 101 ? ? CG  A GLU 101 ? ? 127.68 113.40 14.28  2.20 N 
27 1 CB  A ASP 110 ? ? CG  A ASP 110 ? ? OD1 A ASP 110 ? ? 126.11 118.30 7.81   0.90 N 
28 1 CB  A ASP 110 ? ? CG  A ASP 110 ? ? OD2 A ASP 110 ? ? 108.94 118.30 -9.36  0.90 N 
29 1 CA  A VAL 112 ? ? C   A VAL 112 ? ? N   A TRP 113 ? ? 98.56  117.20 -18.64 2.20 Y 
30 1 CB  A TYR 121 ? ? CG  A TYR 121 ? ? CD1 A TYR 121 ? ? 114.10 121.00 -6.90  0.60 N 
31 1 CB  A GLU 123 ? ? CG  A GLU 123 ? ? CD  A GLU 123 ? ? 133.82 114.20 19.62  2.70 N 
32 1 N   A ALA 124 ? ? CA  A ALA 124 ? ? CB  A ALA 124 ? ? 118.73 110.10 8.63   1.40 N 
33 1 CA  A LEU 133 ? ? CB  A LEU 133 ? ? CG  A LEU 133 ? ? 134.48 115.30 19.18  2.30 N 
34 1 NE  A ARG 137 ? ? CZ  A ARG 137 ? ? NH1 A ARG 137 ? ? 113.76 120.30 -6.54  0.50 N 
35 1 NE  A ARG 137 ? ? CZ  A ARG 137 ? ? NH2 A ARG 137 ? ? 127.09 120.30 6.79   0.50 N 
36 1 CA  A ILE 138 ? ? CB  A ILE 138 ? ? CG1 A ILE 138 ? ? 126.88 111.00 15.88  1.90 N 
37 1 N   A GLN 140 ? ? CA  A GLN 140 ? ? CB  A GLN 140 ? ? 123.84 110.60 13.24  1.80 N 
38 1 CB  A ASP 141 ? ? CG  A ASP 141 ? ? OD1 A ASP 141 ? ? 125.05 118.30 6.75   0.90 N 
39 1 OE1 A GLU 143 ? ? CD  A GLU 143 ? ? OE2 A GLU 143 ? ? 115.01 123.30 -8.29  1.20 N 
40 1 CB  A ASP 145 ? ? CG  A ASP 145 ? ? OD1 A ASP 145 ? ? 126.36 118.30 8.06   0.90 N 
41 1 CB  A GLU 150 ? ? CG  A GLU 150 ? ? CD  A GLU 150 ? ? 131.81 114.20 17.61  2.70 N 
42 1 CB  A ASP 152 ? ? CG  A ASP 152 ? ? OD1 A ASP 152 ? ? 124.83 118.30 6.53   0.90 N 
43 1 N   A GLU 154 ? ? CA  A GLU 154 ? ? CB  A GLU 154 ? ? 126.33 110.60 15.73  1.80 N 
44 1 OE1 A GLU 154 ? ? CD  A GLU 154 ? ? OE2 A GLU 154 ? ? 130.59 123.30 7.29   1.20 N 
45 1 CB  A LEU 159 ? ? CG  A LEU 159 ? ? CD1 A LEU 159 ? ? 99.89  111.00 -11.11 1.70 N 
46 1 CB  A ASP 168 ? ? CG  A ASP 168 ? ? OD1 A ASP 168 ? ? 129.30 118.30 11.00  0.90 N 
47 1 CB  A TYR 177 ? ? CG  A TYR 177 ? ? CD2 A TYR 177 ? ? 115.78 121.00 -5.22  0.60 N 
48 1 CB  A VAL 181 ? ? CA  A VAL 181 ? ? C   A VAL 181 ? ? 124.10 111.40 12.70  1.90 N 
49 1 CB  A TYR 182 ? ? CG  A TYR 182 ? ? CD2 A TYR 182 ? ? 116.10 121.00 -4.90  0.60 N 
50 1 CD1 A TYR 182 ? ? CE1 A TYR 182 ? ? CZ  A TYR 182 ? ? 113.55 119.80 -6.25  0.90 N 
# 
loop_
_pdbx_validate_torsion.id 
_pdbx_validate_torsion.PDB_model_num 
_pdbx_validate_torsion.auth_comp_id 
_pdbx_validate_torsion.auth_asym_id 
_pdbx_validate_torsion.auth_seq_id 
_pdbx_validate_torsion.PDB_ins_code 
_pdbx_validate_torsion.label_alt_id 
_pdbx_validate_torsion.phi 
_pdbx_validate_torsion.psi 
1 1 PRO A 103 ? ? -47.01 -16.66 
2 1 MET A 139 ? ? -76.85 49.54  
# 
loop_
_pdbx_validate_chiral.id 
_pdbx_validate_chiral.PDB_model_num 
_pdbx_validate_chiral.auth_atom_id 
_pdbx_validate_chiral.label_alt_id 
_pdbx_validate_chiral.auth_asym_id 
_pdbx_validate_chiral.auth_comp_id 
_pdbx_validate_chiral.auth_seq_id 
_pdbx_validate_chiral.PDB_ins_code 
_pdbx_validate_chiral.details 
_pdbx_validate_chiral.omega 
1 1 "C2'" ? A TQT 188 ? PLANAR . 
2 1 "C4'" ? A TQT 188 ? PLANAR . 
3 1 C4B   ? A TQT 188 ? PLANAR . 
4 1 C8B   ? A TQT 188 ? PLANAR . 
5 1 "C'1" A A TQT 188 ? PLANAR . 
6 1 "C'1" B A TQT 188 ? PLANAR . 
7 1 "C'6" A A TQT 188 ? PLANAR . 
8 1 "C'6" B A TQT 188 ? PLANAR . 
# 
loop_
_pdbx_validate_planes.id 
_pdbx_validate_planes.PDB_model_num 
_pdbx_validate_planes.auth_comp_id 
_pdbx_validate_planes.auth_asym_id 
_pdbx_validate_planes.auth_seq_id 
_pdbx_validate_planes.PDB_ins_code 
_pdbx_validate_planes.label_alt_id 
_pdbx_validate_planes.rmsd 
_pdbx_validate_planes.type 
1 1 ARG A 32 ? ? 0.107 'SIDE CHAIN' 
2 1 ARG A 91 ? ? 0.167 'SIDE CHAIN' 
# 
_pdbx_validate_main_chain_plane.id                       1 
_pdbx_validate_main_chain_plane.PDB_model_num            1 
_pdbx_validate_main_chain_plane.auth_comp_id             VAL 
_pdbx_validate_main_chain_plane.auth_asym_id             A 
_pdbx_validate_main_chain_plane.auth_seq_id              112 
_pdbx_validate_main_chain_plane.PDB_ins_code             ? 
_pdbx_validate_main_chain_plane.label_alt_id             ? 
_pdbx_validate_main_chain_plane.improper_torsion_angle   18.47 
# 
loop_
_chem_comp_atom.comp_id 
_chem_comp_atom.atom_id 
_chem_comp_atom.type_symbol 
_chem_comp_atom.pdbx_aromatic_flag 
_chem_comp_atom.pdbx_stereo_config 
_chem_comp_atom.pdbx_ordinal 
ALA N      N N N 1   
ALA CA     C N S 2   
ALA C      C N N 3   
ALA O      O N N 4   
ALA CB     C N N 5   
ALA OXT    O N N 6   
ALA H      H N N 7   
ALA H2     H N N 8   
ALA HA     H N N 9   
ALA HB1    H N N 10  
ALA HB2    H N N 11  
ALA HB3    H N N 12  
ALA HXT    H N N 13  
ARG N      N N N 14  
ARG CA     C N S 15  
ARG C      C N N 16  
ARG O      O N N 17  
ARG CB     C N N 18  
ARG CG     C N N 19  
ARG CD     C N N 20  
ARG NE     N N N 21  
ARG CZ     C N N 22  
ARG NH1    N N N 23  
ARG NH2    N N N 24  
ARG OXT    O N N 25  
ARG H      H N N 26  
ARG H2     H N N 27  
ARG HA     H N N 28  
ARG HB2    H N N 29  
ARG HB3    H N N 30  
ARG HG2    H N N 31  
ARG HG3    H N N 32  
ARG HD2    H N N 33  
ARG HD3    H N N 34  
ARG HE     H N N 35  
ARG HH11   H N N 36  
ARG HH12   H N N 37  
ARG HH21   H N N 38  
ARG HH22   H N N 39  
ARG HXT    H N N 40  
ASN N      N N N 41  
ASN CA     C N S 42  
ASN C      C N N 43  
ASN O      O N N 44  
ASN CB     C N N 45  
ASN CG     C N N 46  
ASN OD1    O N N 47  
ASN ND2    N N N 48  
ASN OXT    O N N 49  
ASN H      H N N 50  
ASN H2     H N N 51  
ASN HA     H N N 52  
ASN HB2    H N N 53  
ASN HB3    H N N 54  
ASN HD21   H N N 55  
ASN HD22   H N N 56  
ASN HXT    H N N 57  
ASP N      N N N 58  
ASP CA     C N S 59  
ASP C      C N N 60  
ASP O      O N N 61  
ASP CB     C N N 62  
ASP CG     C N N 63  
ASP OD1    O N N 64  
ASP OD2    O N N 65  
ASP OXT    O N N 66  
ASP H      H N N 67  
ASP H2     H N N 68  
ASP HA     H N N 69  
ASP HB2    H N N 70  
ASP HB3    H N N 71  
ASP HD2    H N N 72  
ASP HXT    H N N 73  
CYS N      N N N 74  
CYS CA     C N R 75  
CYS C      C N N 76  
CYS O      O N N 77  
CYS CB     C N N 78  
CYS SG     S N N 79  
CYS OXT    O N N 80  
CYS H      H N N 81  
CYS H2     H N N 82  
CYS HA     H N N 83  
CYS HB2    H N N 84  
CYS HB3    H N N 85  
CYS HG     H N N 86  
CYS HXT    H N N 87  
GLN N      N N N 88  
GLN CA     C N S 89  
GLN C      C N N 90  
GLN O      O N N 91  
GLN CB     C N N 92  
GLN CG     C N N 93  
GLN CD     C N N 94  
GLN OE1    O N N 95  
GLN NE2    N N N 96  
GLN OXT    O N N 97  
GLN H      H N N 98  
GLN H2     H N N 99  
GLN HA     H N N 100 
GLN HB2    H N N 101 
GLN HB3    H N N 102 
GLN HG2    H N N 103 
GLN HG3    H N N 104 
GLN HE21   H N N 105 
GLN HE22   H N N 106 
GLN HXT    H N N 107 
GLU N      N N N 108 
GLU CA     C N S 109 
GLU C      C N N 110 
GLU O      O N N 111 
GLU CB     C N N 112 
GLU CG     C N N 113 
GLU CD     C N N 114 
GLU OE1    O N N 115 
GLU OE2    O N N 116 
GLU OXT    O N N 117 
GLU H      H N N 118 
GLU H2     H N N 119 
GLU HA     H N N 120 
GLU HB2    H N N 121 
GLU HB3    H N N 122 
GLU HG2    H N N 123 
GLU HG3    H N N 124 
GLU HE2    H N N 125 
GLU HXT    H N N 126 
GLY N      N N N 127 
GLY CA     C N N 128 
GLY C      C N N 129 
GLY O      O N N 130 
GLY OXT    O N N 131 
GLY H      H N N 132 
GLY H2     H N N 133 
GLY HA2    H N N 134 
GLY HA3    H N N 135 
GLY HXT    H N N 136 
HIS N      N N N 137 
HIS CA     C N S 138 
HIS C      C N N 139 
HIS O      O N N 140 
HIS CB     C N N 141 
HIS CG     C Y N 142 
HIS ND1    N Y N 143 
HIS CD2    C Y N 144 
HIS CE1    C Y N 145 
HIS NE2    N Y N 146 
HIS OXT    O N N 147 
HIS H      H N N 148 
HIS H2     H N N 149 
HIS HA     H N N 150 
HIS HB2    H N N 151 
HIS HB3    H N N 152 
HIS HD1    H N N 153 
HIS HD2    H N N 154 
HIS HE1    H N N 155 
HIS HE2    H N N 156 
HIS HXT    H N N 157 
HOH O      O N N 158 
HOH H1     H N N 159 
HOH H2     H N N 160 
ILE N      N N N 161 
ILE CA     C N S 162 
ILE C      C N N 163 
ILE O      O N N 164 
ILE CB     C N S 165 
ILE CG1    C N N 166 
ILE CG2    C N N 167 
ILE CD1    C N N 168 
ILE OXT    O N N 169 
ILE H      H N N 170 
ILE H2     H N N 171 
ILE HA     H N N 172 
ILE HB     H N N 173 
ILE HG12   H N N 174 
ILE HG13   H N N 175 
ILE HG21   H N N 176 
ILE HG22   H N N 177 
ILE HG23   H N N 178 
ILE HD11   H N N 179 
ILE HD12   H N N 180 
ILE HD13   H N N 181 
ILE HXT    H N N 182 
LEU N      N N N 183 
LEU CA     C N S 184 
LEU C      C N N 185 
LEU O      O N N 186 
LEU CB     C N N 187 
LEU CG     C N N 188 
LEU CD1    C N N 189 
LEU CD2    C N N 190 
LEU OXT    O N N 191 
LEU H      H N N 192 
LEU H2     H N N 193 
LEU HA     H N N 194 
LEU HB2    H N N 195 
LEU HB3    H N N 196 
LEU HG     H N N 197 
LEU HD11   H N N 198 
LEU HD12   H N N 199 
LEU HD13   H N N 200 
LEU HD21   H N N 201 
LEU HD22   H N N 202 
LEU HD23   H N N 203 
LEU HXT    H N N 204 
LYS N      N N N 205 
LYS CA     C N S 206 
LYS C      C N N 207 
LYS O      O N N 208 
LYS CB     C N N 209 
LYS CG     C N N 210 
LYS CD     C N N 211 
LYS CE     C N N 212 
LYS NZ     N N N 213 
LYS OXT    O N N 214 
LYS H      H N N 215 
LYS H2     H N N 216 
LYS HA     H N N 217 
LYS HB2    H N N 218 
LYS HB3    H N N 219 
LYS HG2    H N N 220 
LYS HG3    H N N 221 
LYS HD2    H N N 222 
LYS HD3    H N N 223 
LYS HE2    H N N 224 
LYS HE3    H N N 225 
LYS HZ1    H N N 226 
LYS HZ2    H N N 227 
LYS HZ3    H N N 228 
LYS HXT    H N N 229 
MET N      N N N 230 
MET CA     C N S 231 
MET C      C N N 232 
MET O      O N N 233 
MET CB     C N N 234 
MET CG     C N N 235 
MET SD     S N N 236 
MET CE     C N N 237 
MET OXT    O N N 238 
MET H      H N N 239 
MET H2     H N N 240 
MET HA     H N N 241 
MET HB2    H N N 242 
MET HB3    H N N 243 
MET HG2    H N N 244 
MET HG3    H N N 245 
MET HE1    H N N 246 
MET HE2    H N N 247 
MET HE3    H N N 248 
MET HXT    H N N 249 
NAP PA     P N R 250 
NAP O1A    O N N 251 
NAP O2A    O N N 252 
NAP O5B    O N N 253 
NAP C5B    C N N 254 
NAP C4B    C N R 255 
NAP O4B    O N N 256 
NAP C3B    C N R 257 
NAP O3B    O N N 258 
NAP C2B    C N R 259 
NAP O2B    O N N 260 
NAP C1B    C N R 261 
NAP N9A    N Y N 262 
NAP C8A    C Y N 263 
NAP N7A    N Y N 264 
NAP C5A    C Y N 265 
NAP C6A    C Y N 266 
NAP N6A    N N N 267 
NAP N1A    N Y N 268 
NAP C2A    C Y N 269 
NAP N3A    N Y N 270 
NAP C4A    C Y N 271 
NAP O3     O N N 272 
NAP PN     P N N 273 
NAP O1N    O N N 274 
NAP O2N    O N N 275 
NAP O5D    O N N 276 
NAP C5D    C N N 277 
NAP C4D    C N R 278 
NAP O4D    O N N 279 
NAP C3D    C N S 280 
NAP O3D    O N N 281 
NAP C2D    C N R 282 
NAP O2D    O N N 283 
NAP C1D    C N R 284 
NAP N1N    N Y N 285 
NAP C2N    C Y N 286 
NAP C3N    C Y N 287 
NAP C7N    C N N 288 
NAP O7N    O N N 289 
NAP N7N    N N N 290 
NAP C4N    C Y N 291 
NAP C5N    C Y N 292 
NAP C6N    C Y N 293 
NAP P2B    P N N 294 
NAP O1X    O N N 295 
NAP O2X    O N N 296 
NAP O3X    O N N 297 
NAP HOA2   H N N 298 
NAP H51A   H N N 299 
NAP H52A   H N N 300 
NAP H4B    H N N 301 
NAP H3B    H N N 302 
NAP HO3A   H N N 303 
NAP H2B    H N N 304 
NAP H1B    H N N 305 
NAP H8A    H N N 306 
NAP H61A   H N N 307 
NAP H62A   H N N 308 
NAP H2A    H N N 309 
NAP H51N   H N N 310 
NAP H52N   H N N 311 
NAP H4D    H N N 312 
NAP H3D    H N N 313 
NAP HO3N   H N N 314 
NAP H2D    H N N 315 
NAP HO2N   H N N 316 
NAP H1D    H N N 317 
NAP H2N    H N N 318 
NAP H71N   H N N 319 
NAP H72N   H N N 320 
NAP H4N    H N N 321 
NAP H5N    H N N 322 
NAP H6N    H N N 323 
NAP HOP2   H N N 324 
NAP HOP3   H N N 325 
PHE N      N N N 326 
PHE CA     C N S 327 
PHE C      C N N 328 
PHE O      O N N 329 
PHE CB     C N N 330 
PHE CG     C Y N 331 
PHE CD1    C Y N 332 
PHE CD2    C Y N 333 
PHE CE1    C Y N 334 
PHE CE2    C Y N 335 
PHE CZ     C Y N 336 
PHE OXT    O N N 337 
PHE H      H N N 338 
PHE H2     H N N 339 
PHE HA     H N N 340 
PHE HB2    H N N 341 
PHE HB3    H N N 342 
PHE HD1    H N N 343 
PHE HD2    H N N 344 
PHE HE1    H N N 345 
PHE HE2    H N N 346 
PHE HZ     H N N 347 
PHE HXT    H N N 348 
PRO N      N N N 349 
PRO CA     C N S 350 
PRO C      C N N 351 
PRO O      O N N 352 
PRO CB     C N N 353 
PRO CG     C N N 354 
PRO CD     C N N 355 
PRO OXT    O N N 356 
PRO H      H N N 357 
PRO HA     H N N 358 
PRO HB2    H N N 359 
PRO HB3    H N N 360 
PRO HG2    H N N 361 
PRO HG3    H N N 362 
PRO HD2    H N N 363 
PRO HD3    H N N 364 
PRO HXT    H N N 365 
SER N      N N N 366 
SER CA     C N S 367 
SER C      C N N 368 
SER O      O N N 369 
SER CB     C N N 370 
SER OG     O N N 371 
SER OXT    O N N 372 
SER H      H N N 373 
SER H2     H N N 374 
SER HA     H N N 375 
SER HB2    H N N 376 
SER HB3    H N N 377 
SER HG     H N N 378 
SER HXT    H N N 379 
THR N      N N N 380 
THR CA     C N S 381 
THR C      C N N 382 
THR O      O N N 383 
THR CB     C N R 384 
THR OG1    O N N 385 
THR CG2    C N N 386 
THR OXT    O N N 387 
THR H      H N N 388 
THR H2     H N N 389 
THR HA     H N N 390 
THR HB     H N N 391 
THR HG1    H N N 392 
THR HG21   H N N 393 
THR HG22   H N N 394 
THR HG23   H N N 395 
THR HXT    H N N 396 
TQT "C2'"  C N R 397 
TQT "C4'"  C N R 398 
TQT C4B    C N R 399 
TQT "C6'"  C N S 400 
TQT "C7'"  C N N 401 
TQT C8B    C N S 402 
TQT "C9'"  C N N 403 
TQT "C'0"  C N N 404 
TQT "C'1"  C N S 405 
TQT "C'2"  C N N 406 
TQT "C'3"  C N N 407 
TQT "C'4"  C N N 408 
TQT "C'5"  C N N 409 
TQT "C'6"  C N R 410 
TQT "C'7"  C N N 411 
TQT "N1'"  N N N 412 
TQT "N2'"  N N N 413 
TQT "N3'"  N N N 414 
TQT "N4'"  N N N 415 
TQT "C5'"  C N N 416 
TQT "C8'"  C N N 417 
TQT "N'0"  N N N 418 
TQT "H2'"  H N N 419 
TQT "H4'"  H N N 420 
TQT H4B    H N N 421 
TQT "H6'"  H N N 422 
TQT "H7'1" H N N 423 
TQT "H7'2" H N N 424 
TQT "H8'"  H N N 425 
TQT "H9'1" H N N 426 
TQT "H9'2" H N N 427 
TQT "H'01" H N N 428 
TQT "H'02" H N N 429 
TQT "H'1"  H N N 430 
TQT "H'21" H N N 431 
TQT "H'22" H N N 432 
TQT "H'31" H N N 433 
TQT "H'32" H N N 434 
TQT "H'41" H N N 435 
TQT "H'42" H N N 436 
TQT "H'51" H N N 437 
TQT "H'52" H N N 438 
TQT "H'6"  H N N 439 
TQT "H'71" H N N 440 
TQT "H'72" H N N 441 
TQT "H1'"  H N N 442 
TQT "H2'1" H N N 443 
TQT "H2'2" H N N 444 
TQT "H3'"  H N N 445 
TQT "H4'1" H N N 446 
TQT "H4'2" H N N 447 
TQT "H5'1" H N N 448 
TQT "H5'2" H N N 449 
TQT "H8'1" H N N 450 
TQT "H8'2" H N N 451 
TRP N      N N N 452 
TRP CA     C N S 453 
TRP C      C N N 454 
TRP O      O N N 455 
TRP CB     C N N 456 
TRP CG     C Y N 457 
TRP CD1    C Y N 458 
TRP CD2    C Y N 459 
TRP NE1    N Y N 460 
TRP CE2    C Y N 461 
TRP CE3    C Y N 462 
TRP CZ2    C Y N 463 
TRP CZ3    C Y N 464 
TRP CH2    C Y N 465 
TRP OXT    O N N 466 
TRP H      H N N 467 
TRP H2     H N N 468 
TRP HA     H N N 469 
TRP HB2    H N N 470 
TRP HB3    H N N 471 
TRP HD1    H N N 472 
TRP HE1    H N N 473 
TRP HE3    H N N 474 
TRP HZ2    H N N 475 
TRP HZ3    H N N 476 
TRP HH2    H N N 477 
TRP HXT    H N N 478 
TYR N      N N N 479 
TYR CA     C N S 480 
TYR C      C N N 481 
TYR O      O N N 482 
TYR CB     C N N 483 
TYR CG     C Y N 484 
TYR CD1    C Y N 485 
TYR CD2    C Y N 486 
TYR CE1    C Y N 487 
TYR CE2    C Y N 488 
TYR CZ     C Y N 489 
TYR OH     O N N 490 
TYR OXT    O N N 491 
TYR H      H N N 492 
TYR H2     H N N 493 
TYR HA     H N N 494 
TYR HB2    H N N 495 
TYR HB3    H N N 496 
TYR HD1    H N N 497 
TYR HD2    H N N 498 
TYR HE1    H N N 499 
TYR HE2    H N N 500 
TYR HH     H N N 501 
TYR HXT    H N N 502 
VAL N      N N N 503 
VAL CA     C N S 504 
VAL C      C N N 505 
VAL O      O N N 506 
VAL CB     C N N 507 
VAL CG1    C N N 508 
VAL CG2    C N N 509 
VAL OXT    O N N 510 
VAL H      H N N 511 
VAL H2     H N N 512 
VAL HA     H N N 513 
VAL HB     H N N 514 
VAL HG11   H N N 515 
VAL HG12   H N N 516 
VAL HG13   H N N 517 
VAL HG21   H N N 518 
VAL HG22   H N N 519 
VAL HG23   H N N 520 
VAL HXT    H N N 521 
# 
loop_
_chem_comp_bond.comp_id 
_chem_comp_bond.atom_id_1 
_chem_comp_bond.atom_id_2 
_chem_comp_bond.value_order 
_chem_comp_bond.pdbx_aromatic_flag 
_chem_comp_bond.pdbx_stereo_config 
_chem_comp_bond.pdbx_ordinal 
ALA N     CA     sing N N 1   
ALA N     H      sing N N 2   
ALA N     H2     sing N N 3   
ALA CA    C      sing N N 4   
ALA CA    CB     sing N N 5   
ALA CA    HA     sing N N 6   
ALA C     O      doub N N 7   
ALA C     OXT    sing N N 8   
ALA CB    HB1    sing N N 9   
ALA CB    HB2    sing N N 10  
ALA CB    HB3    sing N N 11  
ALA OXT   HXT    sing N N 12  
ARG N     CA     sing N N 13  
ARG N     H      sing N N 14  
ARG N     H2     sing N N 15  
ARG CA    C      sing N N 16  
ARG CA    CB     sing N N 17  
ARG CA    HA     sing N N 18  
ARG C     O      doub N N 19  
ARG C     OXT    sing N N 20  
ARG CB    CG     sing N N 21  
ARG CB    HB2    sing N N 22  
ARG CB    HB3    sing N N 23  
ARG CG    CD     sing N N 24  
ARG CG    HG2    sing N N 25  
ARG CG    HG3    sing N N 26  
ARG CD    NE     sing N N 27  
ARG CD    HD2    sing N N 28  
ARG CD    HD3    sing N N 29  
ARG NE    CZ     sing N N 30  
ARG NE    HE     sing N N 31  
ARG CZ    NH1    sing N N 32  
ARG CZ    NH2    doub N N 33  
ARG NH1   HH11   sing N N 34  
ARG NH1   HH12   sing N N 35  
ARG NH2   HH21   sing N N 36  
ARG NH2   HH22   sing N N 37  
ARG OXT   HXT    sing N N 38  
ASN N     CA     sing N N 39  
ASN N     H      sing N N 40  
ASN N     H2     sing N N 41  
ASN CA    C      sing N N 42  
ASN CA    CB     sing N N 43  
ASN CA    HA     sing N N 44  
ASN C     O      doub N N 45  
ASN C     OXT    sing N N 46  
ASN CB    CG     sing N N 47  
ASN CB    HB2    sing N N 48  
ASN CB    HB3    sing N N 49  
ASN CG    OD1    doub N N 50  
ASN CG    ND2    sing N N 51  
ASN ND2   HD21   sing N N 52  
ASN ND2   HD22   sing N N 53  
ASN OXT   HXT    sing N N 54  
ASP N     CA     sing N N 55  
ASP N     H      sing N N 56  
ASP N     H2     sing N N 57  
ASP CA    C      sing N N 58  
ASP CA    CB     sing N N 59  
ASP CA    HA     sing N N 60  
ASP C     O      doub N N 61  
ASP C     OXT    sing N N 62  
ASP CB    CG     sing N N 63  
ASP CB    HB2    sing N N 64  
ASP CB    HB3    sing N N 65  
ASP CG    OD1    doub N N 66  
ASP CG    OD2    sing N N 67  
ASP OD2   HD2    sing N N 68  
ASP OXT   HXT    sing N N 69  
CYS N     CA     sing N N 70  
CYS N     H      sing N N 71  
CYS N     H2     sing N N 72  
CYS CA    C      sing N N 73  
CYS CA    CB     sing N N 74  
CYS CA    HA     sing N N 75  
CYS C     O      doub N N 76  
CYS C     OXT    sing N N 77  
CYS CB    SG     sing N N 78  
CYS CB    HB2    sing N N 79  
CYS CB    HB3    sing N N 80  
CYS SG    HG     sing N N 81  
CYS OXT   HXT    sing N N 82  
GLN N     CA     sing N N 83  
GLN N     H      sing N N 84  
GLN N     H2     sing N N 85  
GLN CA    C      sing N N 86  
GLN CA    CB     sing N N 87  
GLN CA    HA     sing N N 88  
GLN C     O      doub N N 89  
GLN C     OXT    sing N N 90  
GLN CB    CG     sing N N 91  
GLN CB    HB2    sing N N 92  
GLN CB    HB3    sing N N 93  
GLN CG    CD     sing N N 94  
GLN CG    HG2    sing N N 95  
GLN CG    HG3    sing N N 96  
GLN CD    OE1    doub N N 97  
GLN CD    NE2    sing N N 98  
GLN NE2   HE21   sing N N 99  
GLN NE2   HE22   sing N N 100 
GLN OXT   HXT    sing N N 101 
GLU N     CA     sing N N 102 
GLU N     H      sing N N 103 
GLU N     H2     sing N N 104 
GLU CA    C      sing N N 105 
GLU CA    CB     sing N N 106 
GLU CA    HA     sing N N 107 
GLU C     O      doub N N 108 
GLU C     OXT    sing N N 109 
GLU CB    CG     sing N N 110 
GLU CB    HB2    sing N N 111 
GLU CB    HB3    sing N N 112 
GLU CG    CD     sing N N 113 
GLU CG    HG2    sing N N 114 
GLU CG    HG3    sing N N 115 
GLU CD    OE1    doub N N 116 
GLU CD    OE2    sing N N 117 
GLU OE2   HE2    sing N N 118 
GLU OXT   HXT    sing N N 119 
GLY N     CA     sing N N 120 
GLY N     H      sing N N 121 
GLY N     H2     sing N N 122 
GLY CA    C      sing N N 123 
GLY CA    HA2    sing N N 124 
GLY CA    HA3    sing N N 125 
GLY C     O      doub N N 126 
GLY C     OXT    sing N N 127 
GLY OXT   HXT    sing N N 128 
HIS N     CA     sing N N 129 
HIS N     H      sing N N 130 
HIS N     H2     sing N N 131 
HIS CA    C      sing N N 132 
HIS CA    CB     sing N N 133 
HIS CA    HA     sing N N 134 
HIS C     O      doub N N 135 
HIS C     OXT    sing N N 136 
HIS CB    CG     sing N N 137 
HIS CB    HB2    sing N N 138 
HIS CB    HB3    sing N N 139 
HIS CG    ND1    sing Y N 140 
HIS CG    CD2    doub Y N 141 
HIS ND1   CE1    doub Y N 142 
HIS ND1   HD1    sing N N 143 
HIS CD2   NE2    sing Y N 144 
HIS CD2   HD2    sing N N 145 
HIS CE1   NE2    sing Y N 146 
HIS CE1   HE1    sing N N 147 
HIS NE2   HE2    sing N N 148 
HIS OXT   HXT    sing N N 149 
HOH O     H1     sing N N 150 
HOH O     H2     sing N N 151 
ILE N     CA     sing N N 152 
ILE N     H      sing N N 153 
ILE N     H2     sing N N 154 
ILE CA    C      sing N N 155 
ILE CA    CB     sing N N 156 
ILE CA    HA     sing N N 157 
ILE C     O      doub N N 158 
ILE C     OXT    sing N N 159 
ILE CB    CG1    sing N N 160 
ILE CB    CG2    sing N N 161 
ILE CB    HB     sing N N 162 
ILE CG1   CD1    sing N N 163 
ILE CG1   HG12   sing N N 164 
ILE CG1   HG13   sing N N 165 
ILE CG2   HG21   sing N N 166 
ILE CG2   HG22   sing N N 167 
ILE CG2   HG23   sing N N 168 
ILE CD1   HD11   sing N N 169 
ILE CD1   HD12   sing N N 170 
ILE CD1   HD13   sing N N 171 
ILE OXT   HXT    sing N N 172 
LEU N     CA     sing N N 173 
LEU N     H      sing N N 174 
LEU N     H2     sing N N 175 
LEU CA    C      sing N N 176 
LEU CA    CB     sing N N 177 
LEU CA    HA     sing N N 178 
LEU C     O      doub N N 179 
LEU C     OXT    sing N N 180 
LEU CB    CG     sing N N 181 
LEU CB    HB2    sing N N 182 
LEU CB    HB3    sing N N 183 
LEU CG    CD1    sing N N 184 
LEU CG    CD2    sing N N 185 
LEU CG    HG     sing N N 186 
LEU CD1   HD11   sing N N 187 
LEU CD1   HD12   sing N N 188 
LEU CD1   HD13   sing N N 189 
LEU CD2   HD21   sing N N 190 
LEU CD2   HD22   sing N N 191 
LEU CD2   HD23   sing N N 192 
LEU OXT   HXT    sing N N 193 
LYS N     CA     sing N N 194 
LYS N     H      sing N N 195 
LYS N     H2     sing N N 196 
LYS CA    C      sing N N 197 
LYS CA    CB     sing N N 198 
LYS CA    HA     sing N N 199 
LYS C     O      doub N N 200 
LYS C     OXT    sing N N 201 
LYS CB    CG     sing N N 202 
LYS CB    HB2    sing N N 203 
LYS CB    HB3    sing N N 204 
LYS CG    CD     sing N N 205 
LYS CG    HG2    sing N N 206 
LYS CG    HG3    sing N N 207 
LYS CD    CE     sing N N 208 
LYS CD    HD2    sing N N 209 
LYS CD    HD3    sing N N 210 
LYS CE    NZ     sing N N 211 
LYS CE    HE2    sing N N 212 
LYS CE    HE3    sing N N 213 
LYS NZ    HZ1    sing N N 214 
LYS NZ    HZ2    sing N N 215 
LYS NZ    HZ3    sing N N 216 
LYS OXT   HXT    sing N N 217 
MET N     CA     sing N N 218 
MET N     H      sing N N 219 
MET N     H2     sing N N 220 
MET CA    C      sing N N 221 
MET CA    CB     sing N N 222 
MET CA    HA     sing N N 223 
MET C     O      doub N N 224 
MET C     OXT    sing N N 225 
MET CB    CG     sing N N 226 
MET CB    HB2    sing N N 227 
MET CB    HB3    sing N N 228 
MET CG    SD     sing N N 229 
MET CG    HG2    sing N N 230 
MET CG    HG3    sing N N 231 
MET SD    CE     sing N N 232 
MET CE    HE1    sing N N 233 
MET CE    HE2    sing N N 234 
MET CE    HE3    sing N N 235 
MET OXT   HXT    sing N N 236 
NAP PA    O1A    doub N N 237 
NAP PA    O2A    sing N N 238 
NAP PA    O5B    sing N N 239 
NAP PA    O3     sing N N 240 
NAP O2A   HOA2   sing N N 241 
NAP O5B   C5B    sing N N 242 
NAP C5B   C4B    sing N N 243 
NAP C5B   H51A   sing N N 244 
NAP C5B   H52A   sing N N 245 
NAP C4B   O4B    sing N N 246 
NAP C4B   C3B    sing N N 247 
NAP C4B   H4B    sing N N 248 
NAP O4B   C1B    sing N N 249 
NAP C3B   O3B    sing N N 250 
NAP C3B   C2B    sing N N 251 
NAP C3B   H3B    sing N N 252 
NAP O3B   HO3A   sing N N 253 
NAP C2B   O2B    sing N N 254 
NAP C2B   C1B    sing N N 255 
NAP C2B   H2B    sing N N 256 
NAP O2B   P2B    sing N N 257 
NAP C1B   N9A    sing N N 258 
NAP C1B   H1B    sing N N 259 
NAP N9A   C8A    sing Y N 260 
NAP N9A   C4A    sing Y N 261 
NAP C8A   N7A    doub Y N 262 
NAP C8A   H8A    sing N N 263 
NAP N7A   C5A    sing Y N 264 
NAP C5A   C6A    sing Y N 265 
NAP C5A   C4A    doub Y N 266 
NAP C6A   N6A    sing N N 267 
NAP C6A   N1A    doub Y N 268 
NAP N6A   H61A   sing N N 269 
NAP N6A   H62A   sing N N 270 
NAP N1A   C2A    sing Y N 271 
NAP C2A   N3A    doub Y N 272 
NAP C2A   H2A    sing N N 273 
NAP N3A   C4A    sing Y N 274 
NAP O3    PN     sing N N 275 
NAP PN    O1N    doub N N 276 
NAP PN    O2N    sing N N 277 
NAP PN    O5D    sing N N 278 
NAP O5D   C5D    sing N N 279 
NAP C5D   C4D    sing N N 280 
NAP C5D   H51N   sing N N 281 
NAP C5D   H52N   sing N N 282 
NAP C4D   O4D    sing N N 283 
NAP C4D   C3D    sing N N 284 
NAP C4D   H4D    sing N N 285 
NAP O4D   C1D    sing N N 286 
NAP C3D   O3D    sing N N 287 
NAP C3D   C2D    sing N N 288 
NAP C3D   H3D    sing N N 289 
NAP O3D   HO3N   sing N N 290 
NAP C2D   O2D    sing N N 291 
NAP C2D   C1D    sing N N 292 
NAP C2D   H2D    sing N N 293 
NAP O2D   HO2N   sing N N 294 
NAP C1D   N1N    sing N N 295 
NAP C1D   H1D    sing N N 296 
NAP N1N   C2N    sing Y N 297 
NAP N1N   C6N    doub Y N 298 
NAP C2N   C3N    doub Y N 299 
NAP C2N   H2N    sing N N 300 
NAP C3N   C7N    sing N N 301 
NAP C3N   C4N    sing Y N 302 
NAP C7N   O7N    doub N N 303 
NAP C7N   N7N    sing N N 304 
NAP N7N   H71N   sing N N 305 
NAP N7N   H72N   sing N N 306 
NAP C4N   C5N    doub Y N 307 
NAP C4N   H4N    sing N N 308 
NAP C5N   C6N    sing Y N 309 
NAP C5N   H5N    sing N N 310 
NAP C6N   H6N    sing N N 311 
NAP P2B   O1X    doub N N 312 
NAP P2B   O2X    sing N N 313 
NAP P2B   O3X    sing N N 314 
NAP O2X   HOP2   sing N N 315 
NAP O3X   HOP3   sing N N 316 
PHE N     CA     sing N N 317 
PHE N     H      sing N N 318 
PHE N     H2     sing N N 319 
PHE CA    C      sing N N 320 
PHE CA    CB     sing N N 321 
PHE CA    HA     sing N N 322 
PHE C     O      doub N N 323 
PHE C     OXT    sing N N 324 
PHE CB    CG     sing N N 325 
PHE CB    HB2    sing N N 326 
PHE CB    HB3    sing N N 327 
PHE CG    CD1    doub Y N 328 
PHE CG    CD2    sing Y N 329 
PHE CD1   CE1    sing Y N 330 
PHE CD1   HD1    sing N N 331 
PHE CD2   CE2    doub Y N 332 
PHE CD2   HD2    sing N N 333 
PHE CE1   CZ     doub Y N 334 
PHE CE1   HE1    sing N N 335 
PHE CE2   CZ     sing Y N 336 
PHE CE2   HE2    sing N N 337 
PHE CZ    HZ     sing N N 338 
PHE OXT   HXT    sing N N 339 
PRO N     CA     sing N N 340 
PRO N     CD     sing N N 341 
PRO N     H      sing N N 342 
PRO CA    C      sing N N 343 
PRO CA    CB     sing N N 344 
PRO CA    HA     sing N N 345 
PRO C     O      doub N N 346 
PRO C     OXT    sing N N 347 
PRO CB    CG     sing N N 348 
PRO CB    HB2    sing N N 349 
PRO CB    HB3    sing N N 350 
PRO CG    CD     sing N N 351 
PRO CG    HG2    sing N N 352 
PRO CG    HG3    sing N N 353 
PRO CD    HD2    sing N N 354 
PRO CD    HD3    sing N N 355 
PRO OXT   HXT    sing N N 356 
SER N     CA     sing N N 357 
SER N     H      sing N N 358 
SER N     H2     sing N N 359 
SER CA    C      sing N N 360 
SER CA    CB     sing N N 361 
SER CA    HA     sing N N 362 
SER C     O      doub N N 363 
SER C     OXT    sing N N 364 
SER CB    OG     sing N N 365 
SER CB    HB2    sing N N 366 
SER CB    HB3    sing N N 367 
SER OG    HG     sing N N 368 
SER OXT   HXT    sing N N 369 
THR N     CA     sing N N 370 
THR N     H      sing N N 371 
THR N     H2     sing N N 372 
THR CA    C      sing N N 373 
THR CA    CB     sing N N 374 
THR CA    HA     sing N N 375 
THR C     O      doub N N 376 
THR C     OXT    sing N N 377 
THR CB    OG1    sing N N 378 
THR CB    CG2    sing N N 379 
THR CB    HB     sing N N 380 
THR OG1   HG1    sing N N 381 
THR CG2   HG21   sing N N 382 
THR CG2   HG22   sing N N 383 
THR CG2   HG23   sing N N 384 
THR OXT   HXT    sing N N 385 
TQT "C2'" "N1'"  sing N N 386 
TQT "C2'" "N2'"  sing N N 387 
TQT "C2'" "N3'"  sing N N 388 
TQT "C2'" "H2'"  sing N N 389 
TQT "C4'" C4B    sing N N 390 
TQT "C4'" "N3'"  sing N N 391 
TQT "C4'" "N4'"  sing N N 392 
TQT "C4'" "H4'"  sing N N 393 
TQT C4B   C8B    sing N N 394 
TQT C4B   "C5'"  sing N N 395 
TQT C4B   H4B    sing N N 396 
TQT "C6'" "C7'"  sing N N 397 
TQT "C6'" "C9'"  sing N N 398 
TQT "C6'" "C5'"  sing N N 399 
TQT "C6'" "H6'"  sing N N 400 
TQT "C7'" "C8'"  sing N N 401 
TQT "C7'" "H7'1" sing N N 402 
TQT "C7'" "H7'2" sing N N 403 
TQT C8B   "N1'"  sing N N 404 
TQT C8B   "C8'"  sing N N 405 
TQT C8B   "H8'"  sing N N 406 
TQT "C9'" "N'0"  sing N N 407 
TQT "C9'" "H9'1" sing N N 408 
TQT "C9'" "H9'2" sing N N 409 
TQT "C'0" "C'7"  sing N N 410 
TQT "C'0" "N'0"  sing N N 411 
TQT "C'0" "H'01" sing N N 412 
TQT "C'0" "H'02" sing N N 413 
TQT "C'1" "C'2"  sing N N 414 
TQT "C'1" "C'6"  sing N N 415 
TQT "C'1" "N'0"  sing N N 416 
TQT "C'1" "H'1"  sing N N 417 
TQT "C'2" "C'3"  sing N N 418 
TQT "C'2" "H'21" sing N N 419 
TQT "C'2" "H'22" sing N N 420 
TQT "C'3" "C'4"  sing N N 421 
TQT "C'3" "H'31" sing N N 422 
TQT "C'3" "H'32" sing N N 423 
TQT "C'4" "C'5"  sing N N 424 
TQT "C'4" "H'41" sing N N 425 
TQT "C'4" "H'42" sing N N 426 
TQT "C'5" "C'6"  sing N N 427 
TQT "C'5" "H'51" sing N N 428 
TQT "C'5" "H'52" sing N N 429 
TQT "C'6" "C'7"  sing N N 430 
TQT "C'6" "H'6"  sing N N 431 
TQT "C'7" "H'71" sing N N 432 
TQT "C'7" "H'72" sing N N 433 
TQT "N1'" "H1'"  sing N N 434 
TQT "N2'" "H2'1" sing N N 435 
TQT "N2'" "H2'2" sing N N 436 
TQT "N3'" "H3'"  sing N N 437 
TQT "N4'" "H4'1" sing N N 438 
TQT "N4'" "H4'2" sing N N 439 
TQT "C5'" "H5'1" sing N N 440 
TQT "C5'" "H5'2" sing N N 441 
TQT "C8'" "H8'1" sing N N 442 
TQT "C8'" "H8'2" sing N N 443 
TRP N     CA     sing N N 444 
TRP N     H      sing N N 445 
TRP N     H2     sing N N 446 
TRP CA    C      sing N N 447 
TRP CA    CB     sing N N 448 
TRP CA    HA     sing N N 449 
TRP C     O      doub N N 450 
TRP C     OXT    sing N N 451 
TRP CB    CG     sing N N 452 
TRP CB    HB2    sing N N 453 
TRP CB    HB3    sing N N 454 
TRP CG    CD1    doub Y N 455 
TRP CG    CD2    sing Y N 456 
TRP CD1   NE1    sing Y N 457 
TRP CD1   HD1    sing N N 458 
TRP CD2   CE2    doub Y N 459 
TRP CD2   CE3    sing Y N 460 
TRP NE1   CE2    sing Y N 461 
TRP NE1   HE1    sing N N 462 
TRP CE2   CZ2    sing Y N 463 
TRP CE3   CZ3    doub Y N 464 
TRP CE3   HE3    sing N N 465 
TRP CZ2   CH2    doub Y N 466 
TRP CZ2   HZ2    sing N N 467 
TRP CZ3   CH2    sing Y N 468 
TRP CZ3   HZ3    sing N N 469 
TRP CH2   HH2    sing N N 470 
TRP OXT   HXT    sing N N 471 
TYR N     CA     sing N N 472 
TYR N     H      sing N N 473 
TYR N     H2     sing N N 474 
TYR CA    C      sing N N 475 
TYR CA    CB     sing N N 476 
TYR CA    HA     sing N N 477 
TYR C     O      doub N N 478 
TYR C     OXT    sing N N 479 
TYR CB    CG     sing N N 480 
TYR CB    HB2    sing N N 481 
TYR CB    HB3    sing N N 482 
TYR CG    CD1    doub Y N 483 
TYR CG    CD2    sing Y N 484 
TYR CD1   CE1    sing Y N 485 
TYR CD1   HD1    sing N N 486 
TYR CD2   CE2    doub Y N 487 
TYR CD2   HD2    sing N N 488 
TYR CE1   CZ     doub Y N 489 
TYR CE1   HE1    sing N N 490 
TYR CE2   CZ     sing Y N 491 
TYR CE2   HE2    sing N N 492 
TYR CZ    OH     sing N N 493 
TYR OH    HH     sing N N 494 
TYR OXT   HXT    sing N N 495 
VAL N     CA     sing N N 496 
VAL N     H      sing N N 497 
VAL N     H2     sing N N 498 
VAL CA    C      sing N N 499 
VAL CA    CB     sing N N 500 
VAL CA    HA     sing N N 501 
VAL C     O      doub N N 502 
VAL C     OXT    sing N N 503 
VAL CB    CG1    sing N N 504 
VAL CB    CG2    sing N N 505 
VAL CB    HB     sing N N 506 
VAL CG1   HG11   sing N N 507 
VAL CG1   HG12   sing N N 508 
VAL CG1   HG13   sing N N 509 
VAL CG2   HG21   sing N N 510 
VAL CG2   HG22   sing N N 511 
VAL CG2   HG23   sing N N 512 
VAL OXT   HXT    sing N N 513 
# 
_atom_sites.entry_id                    1S3W 
_atom_sites.fract_transf_matrix[1][1]   -0.00110326 
_atom_sites.fract_transf_matrix[1][2]   -0.01277666 
_atom_sites.fract_transf_matrix[1][3]   -0.00343275 
_atom_sites.fract_transf_matrix[2][1]   0.00912874 
_atom_sites.fract_transf_matrix[2][2]   -0.00876317 
_atom_sites.fract_transf_matrix[2][3]   0.00401230 
_atom_sites.fract_transf_matrix[3][1]   -0.00693520 
_atom_sites.fract_transf_matrix[3][2]   -0.00229425 
_atom_sites.fract_transf_matrix[3][3]   0.01076808 
_atom_sites.fract_transf_vector[1]      0.348674 
_atom_sites.fract_transf_vector[2]      0.177278 
_atom_sites.fract_transf_vector[3]      -0.007314 
# 
loop_
_atom_type.symbol 
C 
N 
O 
P 
S 
# 
loop_
_atom_site.group_PDB 
_atom_site.id 
_atom_site.type_symbol 
_atom_site.label_atom_id 
_atom_site.label_alt_id 
_atom_site.label_comp_id 
_atom_site.label_asym_id 
_atom_site.label_entity_id 
_atom_site.label_seq_id 
_atom_site.pdbx_PDB_ins_code 
_atom_site.Cartn_x 
_atom_site.Cartn_y 
_atom_site.Cartn_z 
_atom_site.occupancy 
_atom_site.B_iso_or_equiv 
_atom_site.pdbx_formal_charge 
_atom_site.auth_seq_id 
_atom_site.auth_comp_id 
_atom_site.auth_asym_id 
_atom_site.auth_atom_id 
_atom_site.pdbx_PDB_model_num 
ATOM   1    N N     . VAL A 1 1   ? 11.940  4.948   12.297  1.00 54.57 ? 1   VAL A N     1 
ATOM   2    C CA    . VAL A 1 1   ? 11.397  4.341   11.078  1.00 53.54 ? 1   VAL A CA    1 
ATOM   3    C C     . VAL A 1 1   ? 11.773  5.214   9.880   1.00 51.72 ? 1   VAL A C     1 
ATOM   4    O O     . VAL A 1 1   ? 11.921  6.441   9.992   1.00 53.77 ? 1   VAL A O     1 
ATOM   5    C CB    . VAL A 1 1   ? 9.890   4.003   11.167  1.00 54.65 ? 1   VAL A CB    1 
ATOM   6    C CG1   . VAL A 1 1   ? 8.837   5.031   10.792  1.00 53.85 ? 1   VAL A CG1   1 
ATOM   7    C CG2   . VAL A 1 1   ? 9.667   2.737   10.304  1.00 55.02 ? 1   VAL A CG2   1 
ATOM   8    N N     . GLY A 1 2   ? 11.907  4.514   8.753   1.00 48.66 ? 2   GLY A N     1 
ATOM   9    C CA    . GLY A 1 2   ? 12.258  5.196   7.489   1.00 46.25 ? 2   GLY A CA    1 
ATOM   10   C C     . GLY A 1 2   ? 11.047  5.949   6.930   1.00 44.16 ? 2   GLY A C     1 
ATOM   11   O O     . GLY A 1 2   ? 10.260  6.627   7.588   1.00 42.77 ? 2   GLY A O     1 
ATOM   12   N N     . SER A 1 3   ? 10.913  5.804   5.633   1.00 40.56 ? 3   SER A N     1 
ATOM   13   C CA    . SER A 1 3   ? 9.948   6.386   4.753   1.00 37.43 ? 3   SER A CA    1 
ATOM   14   C C     . SER A 1 3   ? 8.535   5.836   5.009   1.00 36.58 ? 3   SER A C     1 
ATOM   15   O O     . SER A 1 3   ? 8.471   4.633   5.295   1.00 32.18 ? 3   SER A O     1 
ATOM   16   C CB    . SER A 1 3   ? 10.411  5.915   3.330   1.00 37.91 ? 3   SER A CB    1 
ATOM   17   O OG    . SER A 1 3   ? 11.132  7.048   2.878   1.00 44.23 ? 3   SER A OG    1 
ATOM   18   N N     . LEU A 1 4   ? 7.594   6.721   4.828   1.00 33.81 ? 4   LEU A N     1 
ATOM   19   C CA    . LEU A 1 4   ? 6.156   6.392   4.921   1.00 31.30 ? 4   LEU A CA    1 
ATOM   20   C C     . LEU A 1 4   ? 5.651   6.423   3.497   1.00 28.96 ? 4   LEU A C     1 
ATOM   21   O O     . LEU A 1 4   ? 5.718   7.444   2.762   1.00 28.23 ? 4   LEU A O     1 
ATOM   22   C CB    . LEU A 1 4   ? 5.418   7.346   5.893   1.00 33.07 ? 4   LEU A CB    1 
ATOM   23   C CG    . LEU A 1 4   ? 3.912   7.041   5.862   1.00 33.68 ? 4   LEU A CG    1 
ATOM   24   C CD1   . LEU A 1 4   ? 3.520   5.831   6.675   1.00 34.34 ? 4   LEU A CD1   1 
ATOM   25   C CD2   . LEU A 1 4   ? 3.265   8.293   6.365   1.00 33.09 ? 4   LEU A CD2   1 
ATOM   26   N N     . ASN A 1 5   ? 5.149   5.363   2.985   1.00 24.81 ? 5   ASN A N     1 
ATOM   27   C CA    . ASN A 1 5   ? 4.696   5.254   1.624   1.00 27.80 ? 5   ASN A CA    1 
ATOM   28   C C     . ASN A 1 5   ? 3.361   4.614   1.449   1.00 27.15 ? 5   ASN A C     1 
ATOM   29   O O     . ASN A 1 5   ? 3.125   3.681   2.210   1.00 28.05 ? 5   ASN A O     1 
ATOM   30   C CB    . ASN A 1 5   ? 5.688   4.217   0.984   1.00 26.60 ? 5   ASN A CB    1 
ATOM   31   C CG    . ASN A 1 5   ? 7.140   4.518   1.188   1.00 32.47 ? 5   ASN A CG    1 
ATOM   32   O OD1   . ASN A 1 5   ? 7.719   5.248   0.399   1.00 33.76 ? 5   ASN A OD1   1 
ATOM   33   N ND2   . ASN A 1 5   ? 7.827   4.026   2.214   1.00 31.73 ? 5   ASN A ND2   1 
ATOM   34   N N     . CYS A 1 6   ? 2.694   4.958   0.361   1.00 25.49 ? 6   CYS A N     1 
ATOM   35   C CA    . CYS A 1 6   ? 1.459   4.311   0.035   1.00 24.96 ? 6   CYS A CA    1 
ATOM   36   C C     . CYS A 1 6   ? 1.702   3.599   -1.293  1.00 24.84 ? 6   CYS A C     1 
ATOM   37   O O     . CYS A 1 6   ? 2.472   4.186   -2.099  1.00 19.60 ? 6   CYS A O     1 
ATOM   38   C CB    . CYS A 1 6   ? 0.286   5.252   -0.062  1.00 25.03 ? 6   CYS A CB    1 
ATOM   39   S SG    . CYS A 1 6   ? -0.262  6.132   1.366   1.00 28.66 ? 6   CYS A SG    1 
ATOM   40   N N     . ILE A 1 7   ? 1.018   2.443   -1.413  1.00 24.48 ? 7   ILE A N     1 
ATOM   41   C CA    . ILE A 1 7   ? 1.067   1.690   -2.706  1.00 24.49 ? 7   ILE A CA    1 
ATOM   42   C C     . ILE A 1 7   ? -0.361  1.289   -3.072  1.00 26.73 ? 7   ILE A C     1 
ATOM   43   O O     . ILE A 1 7   ? -1.134  0.904   -2.204  1.00 26.00 ? 7   ILE A O     1 
ATOM   44   C CB    . ILE A 1 7   ? 2.130   0.536   -2.662  1.00 23.46 ? 7   ILE A CB    1 
ATOM   45   C CG1   . ILE A 1 7   ? 2.385   0.094   -4.175  1.00 20.52 ? 7   ILE A CG1   1 
ATOM   46   C CG2   . ILE A 1 7   ? 1.848   -0.650  -1.738  1.00 19.95 ? 7   ILE A CG2   1 
ATOM   47   C CD1   . ILE A 1 7   ? 3.439   -1.034  -4.232  1.00 18.42 ? 7   ILE A CD1   1 
ATOM   48   N N     . VAL A 1 8   ? -0.787  1.417   -4.323  1.00 25.04 ? 8   VAL A N     1 
ATOM   49   C CA    . VAL A 1 8   ? -2.107  1.116   -4.876  1.00 23.20 ? 8   VAL A CA    1 
ATOM   50   C C     . VAL A 1 8   ? -2.091  0.810   -6.378  1.00 24.66 ? 8   VAL A C     1 
ATOM   51   O O     . VAL A 1 8   ? -1.175  1.399   -7.024  1.00 24.17 ? 8   VAL A O     1 
ATOM   52   C CB    . VAL A 1 8   ? -3.071  2.265   -4.607  1.00 24.62 ? 8   VAL A CB    1 
ATOM   53   C CG1   . VAL A 1 8   ? -2.688  3.547   -5.370  1.00 23.79 ? 8   VAL A CG1   1 
ATOM   54   C CG2   . VAL A 1 8   ? -4.574  1.955   -4.846  1.00 21.89 ? 8   VAL A CG2   1 
ATOM   55   N N     . ALA A 1 9   ? -2.983  0.000   -6.923  1.00 23.32 ? 9   ALA A N     1 
ATOM   56   C CA    . ALA A 1 9   ? -3.205  -0.300  -8.315  1.00 23.68 ? 9   ALA A CA    1 
ATOM   57   C C     . ALA A 1 9   ? -4.582  0.339   -8.529  1.00 25.98 ? 9   ALA A C     1 
ATOM   58   O O     . ALA A 1 9   ? -5.499  -0.117  -7.765  1.00 22.76 ? 9   ALA A O     1 
ATOM   59   C CB    . ALA A 1 9   ? -3.075  -1.749  -8.781  1.00 21.37 ? 9   ALA A CB    1 
ATOM   60   N N     . VAL A 1 10  ? -4.792  1.283   -9.392  1.00 23.92 ? 10  VAL A N     1 
ATOM   61   C CA    . VAL A 1 10  ? -6.035  1.991   -9.663  1.00 24.03 ? 10  VAL A CA    1 
ATOM   62   C C     . VAL A 1 10  ? -6.496  1.905   -11.106 1.00 28.04 ? 10  VAL A C     1 
ATOM   63   O O     . VAL A 1 10  ? -5.626  1.936   -11.999 1.00 25.12 ? 10  VAL A O     1 
ATOM   64   C CB    . VAL A 1 10  ? -5.965  3.420   -9.094  1.00 25.96 ? 10  VAL A CB    1 
ATOM   65   C CG1   . VAL A 1 10  ? -5.209  4.563   -9.773  1.00 26.54 ? 10  VAL A CG1   1 
ATOM   66   C CG2   . VAL A 1 10  ? -7.335  3.987   -8.785  1.00 27.03 ? 10  VAL A CG2   1 
ATOM   67   N N     . SER A 1 11  ? -7.784  1.831   -11.365 1.00 24.05 ? 11  SER A N     1 
ATOM   68   C CA    . SER A 1 11  ? -8.340  1.797   -12.760 1.00 28.76 ? 11  SER A CA    1 
ATOM   69   C C     . SER A 1 11  ? -8.485  3.263   -13.124 1.00 28.31 ? 11  SER A C     1 
ATOM   70   O O     . SER A 1 11  ? -8.289  4.239   -12.402 1.00 25.15 ? 11  SER A O     1 
ATOM   71   C CB    . SER A 1 11  ? -9.610  0.951   -12.836 1.00 26.80 ? 11  SER A CB    1 
ATOM   72   O OG    . SER A 1 11  ? -10.636 1.710   -12.123 1.00 31.87 ? 11  SER A OG    1 
ATOM   73   N N     . GLN A 1 12  ? -8.858  3.458   -14.410 1.00 33.69 ? 12  GLN A N     1 
ATOM   74   C CA    . GLN A 1 12  ? -9.029  4.725   -15.045 1.00 35.34 ? 12  GLN A CA    1 
ATOM   75   C C     . GLN A 1 12  ? -10.094 5.515   -14.315 1.00 35.02 ? 12  GLN A C     1 
ATOM   76   O O     . GLN A 1 12  ? -9.896  6.702   -14.272 1.00 28.96 ? 12  GLN A O     1 
ATOM   77   C CB    . GLN A 1 12  ? -9.364  4.592   -16.522 1.00 40.70 ? 12  GLN A CB    1 
ATOM   78   C CG    . GLN A 1 12  ? -8.762  5.620   -17.423 1.00 45.27 ? 12  GLN A CG    1 
ATOM   79   C CD    . GLN A 1 12  ? -8.992  5.276   -18.881 1.00 49.08 ? 12  GLN A CD    1 
ATOM   80   O OE1   . GLN A 1 12  ? -8.955  4.113   -19.346 1.00 51.43 ? 12  GLN A OE1   1 
ATOM   81   N NE2   . GLN A 1 12  ? -9.248  6.328   -19.652 1.00 50.10 ? 12  GLN A NE2   1 
ATOM   82   N N     . ASN A 1 13  ? -11.149 4.890   -13.851 1.00 34.85 ? 13  ASN A N     1 
ATOM   83   C CA    . ASN A 1 13  ? -12.261 5.369   -13.117 1.00 34.93 ? 13  ASN A CA    1 
ATOM   84   C C     . ASN A 1 13  ? -12.013 5.427   -11.586 1.00 34.73 ? 13  ASN A C     1 
ATOM   85   O O     . ASN A 1 13  ? -12.963 5.588   -10.839 1.00 33.45 ? 13  ASN A O     1 
ATOM   86   C CB    . ASN A 1 13  ? -13.563 4.577   -13.303 1.00 36.81 ? 13  ASN A CB    1 
ATOM   87   C CG    . ASN A 1 13  ? -13.587 3.097   -13.076 1.00 35.12 ? 13  ASN A CG    1 
ATOM   88   O OD1   . ASN A 1 13  ? -12.639 2.402   -13.453 1.00 37.37 ? 13  ASN A OD1   1 
ATOM   89   N ND2   . ASN A 1 13  ? -14.638 2.544   -12.489 1.00 35.78 ? 13  ASN A ND2   1 
ATOM   90   N N     . MET A 1 14  ? -10.838 5.305   -11.117 1.00 31.59 ? 14  MET A N     1 
ATOM   91   C CA    . MET A 1 14  ? -10.284 5.366   -9.783  1.00 28.54 ? 14  MET A CA    1 
ATOM   92   C C     . MET A 1 14  ? -10.691 4.176   -8.948  1.00 27.91 ? 14  MET A C     1 
ATOM   93   O O     . MET A 1 14  ? -10.537 4.293   -7.708  1.00 29.92 ? 14  MET A O     1 
ATOM   94   C CB    . MET A 1 14  ? -10.381 6.675   -9.045  1.00 29.47 ? 14  MET A CB    1 
ATOM   95   C CG    . MET A 1 14  ? -9.913  7.881   -9.845  1.00 31.41 ? 14  MET A CG    1 
ATOM   96   S SD    . MET A 1 14  ? -8.112  7.922   -9.846  1.00 36.30 ? 14  MET A SD    1 
ATOM   97   C CE    . MET A 1 14  ? -7.744  8.503   -8.150  1.00 35.03 ? 14  MET A CE    1 
ATOM   98   N N     . GLY A 1 15  ? -11.122 3.116   -9.513  1.00 25.98 ? 15  GLY A N     1 
ATOM   99   C CA    . GLY A 1 15  ? -11.425 1.922   -8.767  1.00 24.98 ? 15  GLY A CA    1 
ATOM   100  C C     . GLY A 1 15  ? -10.306 1.096   -8.221  1.00 24.20 ? 15  GLY A C     1 
ATOM   101  O O     . GLY A 1 15  ? -9.294  0.885   -8.956  1.00 22.96 ? 15  GLY A O     1 
ATOM   102  N N     . ILE A 1 16  ? -10.481 0.626   -6.993  1.00 22.20 ? 16  ILE A N     1 
ATOM   103  C CA    . ILE A 1 16  ? -9.468  -0.250  -6.344  1.00 19.71 ? 16  ILE A CA    1 
ATOM   104  C C     . ILE A 1 16  ? -10.024 -1.573  -5.921  1.00 18.07 ? 16  ILE A C     1 
ATOM   105  O O     . ILE A 1 16  ? -9.210  -2.497  -5.767  1.00 21.18 ? 16  ILE A O     1 
ATOM   106  C CB    . ILE A 1 16  ? -8.658  0.494   -5.209  1.00 20.85 ? 16  ILE A CB    1 
ATOM   107  C CG1   . ILE A 1 16  ? -9.556  0.594   -3.922  1.00 19.03 ? 16  ILE A CG1   1 
ATOM   108  C CG2   . ILE A 1 16  ? -8.213  1.931   -5.649  1.00 22.52 ? 16  ILE A CG2   1 
ATOM   109  C CD1   . ILE A 1 16  ? -8.671  0.773   -2.626  1.00 22.36 ? 16  ILE A CD1   1 
ATOM   110  N N     . GLY A 1 17  ? -11.365 -1.795  -5.784  1.00 19.57 ? 17  GLY A N     1 
ATOM   111  C CA    . GLY A 1 17  ? -11.774 -3.166  -5.368  1.00 24.64 ? 17  GLY A CA    1 
ATOM   112  C C     . GLY A 1 17  ? -13.238 -3.338  -5.826  1.00 22.00 ? 17  GLY A C     1 
ATOM   113  O O     . GLY A 1 17  ? -13.818 -2.344  -6.172  1.00 23.24 ? 17  GLY A O     1 
ATOM   114  N N     . LYS A 1 18  ? -13.696 -4.558  -5.883  1.00 25.53 ? 18  LYS A N     1 
ATOM   115  C CA    . LYS A 1 18  ? -15.072 -4.882  -6.220  1.00 27.99 ? 18  LYS A CA    1 
ATOM   116  C C     . LYS A 1 18  ? -15.439 -6.156  -5.422  1.00 27.41 ? 18  LYS A C     1 
ATOM   117  O O     . LYS A 1 18  ? -14.670 -7.133  -5.549  1.00 27.19 ? 18  LYS A O     1 
ATOM   118  C CB    . LYS A 1 18  ? -15.220 -5.072  -7.730  1.00 26.51 ? 18  LYS A CB    1 
ATOM   119  C CG    . LYS A 1 18  ? -16.665 -4.673  -8.119  1.00 31.33 ? 18  LYS A CG    1 
ATOM   120  C CD    . LYS A 1 18  ? -17.325 -6.040  -8.435  1.00 34.68 ? 18  LYS A CD    1 
ATOM   121  C CE    . LYS A 1 18  ? -16.690 -6.456  -9.738  1.00 34.17 ? 18  LYS A CE    1 
ATOM   122  N NZ    . LYS A 1 18  ? -17.686 -6.412  -10.898 1.00 36.26 ? 18  LYS A NZ    1 
ATOM   123  N N     . ASN A 1 19  ? -16.473 -6.190  -4.590  1.00 25.89 ? 19  ASN A N     1 
ATOM   124  C CA    . ASN A 1 19  ? -16.842 -7.367  -3.807  1.00 27.76 ? 19  ASN A CA    1 
ATOM   125  C C     . ASN A 1 19  ? -15.698 -8.115  -3.142  1.00 23.56 ? 19  ASN A C     1 
ATOM   126  O O     . ASN A 1 19  ? -15.616 -9.339  -3.267  1.00 23.85 ? 19  ASN A O     1 
ATOM   127  C CB    . ASN A 1 19  ? -17.695 -8.211  -4.748  1.00 31.39 ? 19  ASN A CB    1 
ATOM   128  C CG    . ASN A 1 19  ? -19.096 -7.619  -4.937  1.00 34.42 ? 19  ASN A CG    1 
ATOM   129  O OD1   . ASN A 1 19  ? -19.654 -7.084  -3.961  1.00 33.72 ? 19  ASN A OD1   1 
ATOM   130  N ND2   . ASN A 1 19  ? -19.614 -7.780  -6.150  1.00 36.13 ? 19  ASN A ND2   1 
ATOM   131  N N     . GLY A 1 20  ? -14.821 -7.376  -2.467  1.00 23.70 ? 20  GLY A N     1 
ATOM   132  C CA    . GLY A 1 20  ? -13.707 -7.930  -1.714  1.00 24.01 ? 20  GLY A CA    1 
ATOM   133  C C     . GLY A 1 20  ? -12.547 -8.426  -2.547  1.00 27.29 ? 20  GLY A C     1 
ATOM   134  O O     . GLY A 1 20  ? -11.725 -9.228  -2.065  1.00 27.14 ? 20  GLY A O     1 
ATOM   135  N N     . ASP A 1 21  ? -12.547 -7.989  -3.774  1.00 27.48 ? 21  ASP A N     1 
ATOM   136  C CA    . ASP A 1 21  ? -11.431 -8.447  -4.686  1.00 28.75 ? 21  ASP A CA    1 
ATOM   137  C C     . ASP A 1 21  ? -11.070 -7.282  -5.595  1.00 27.86 ? 21  ASP A C     1 
ATOM   138  O O     . ASP A 1 21  ? -11.549 -6.156  -5.427  1.00 26.66 ? 21  ASP A O     1 
ATOM   139  C CB    . ASP A 1 21  ? -11.839 -9.719  -5.308  1.00 32.35 ? 21  ASP A CB    1 
ATOM   140  C CG    . ASP A 1 21  ? -10.774 -10.573 -5.940  1.00 37.88 ? 21  ASP A CG    1 
ATOM   141  O OD1   . ASP A 1 21  ? -9.569  -10.330 -5.956  1.00 39.66 ? 21  ASP A OD1   1 
ATOM   142  O OD2   . ASP A 1 21  ? -11.259 -11.666 -6.380  1.00 44.02 ? 21  ASP A OD2   1 
ATOM   143  N N     . LEU A 1 22  ? -10.085 -7.558  -6.482  1.00 29.21 ? 22  LEU A N     1 
ATOM   144  C CA    . LEU A 1 22  ? -9.629  -6.461  -7.374  1.00 30.18 ? 22  LEU A CA    1 
ATOM   145  C C     . LEU A 1 22  ? -10.557 -6.297  -8.548  1.00 29.34 ? 22  LEU A C     1 
ATOM   146  O O     . LEU A 1 22  ? -11.140 -7.324  -8.935  1.00 30.82 ? 22  LEU A O     1 
ATOM   147  C CB    . LEU A 1 22  ? -8.225  -6.941  -7.827  1.00 31.56 ? 22  LEU A CB    1 
ATOM   148  C CG    . LEU A 1 22  ? -7.002  -6.458  -7.111  1.00 33.10 ? 22  LEU A CG    1 
ATOM   149  C CD1   . LEU A 1 22  ? -7.133  -5.975  -5.688  1.00 32.03 ? 22  LEU A CD1   1 
ATOM   150  C CD2   . LEU A 1 22  ? -6.027  -7.645  -7.039  1.00 35.53 ? 22  LEU A CD2   1 
ATOM   151  N N     . PRO A 1 23  ? -10.769 -5.070  -9.095  1.00 25.15 ? 23  PRO A N     1 
ATOM   152  C CA    . PRO A 1 23  ? -11.681 -4.990  -10.220 1.00 24.73 ? 23  PRO A CA    1 
ATOM   153  C C     . PRO A 1 23  ? -11.246 -5.720  -11.473 1.00 27.34 ? 23  PRO A C     1 
ATOM   154  O O     . PRO A 1 23  ? -12.161 -6.056  -12.303 1.00 27.14 ? 23  PRO A O     1 
ATOM   155  C CB    . PRO A 1 23  ? -12.039 -3.545  -10.361 1.00 24.37 ? 23  PRO A CB    1 
ATOM   156  C CG    . PRO A 1 23  ? -11.392 -2.842  -9.105  1.00 23.35 ? 23  PRO A CG    1 
ATOM   157  C CD    . PRO A 1 23  ? -10.242 -3.825  -8.689  1.00 23.60 ? 23  PRO A CD    1 
ATOM   158  N N     . TRP A 1 24  ? -9.984  -5.958  -11.678 1.00 25.61 ? 24  TRP A N     1 
ATOM   159  C CA    . TRP A 1 24  ? -9.500  -6.646  -12.904 1.00 29.69 ? 24  TRP A CA    1 
ATOM   160  C C     . TRP A 1 24  ? -8.988  -8.049  -12.582 1.00 33.86 ? 24  TRP A C     1 
ATOM   161  O O     . TRP A 1 24  ? -8.767  -8.369  -11.393 1.00 34.35 ? 24  TRP A O     1 
ATOM   162  C CB    . TRP A 1 24  ? -8.281  -5.816  -13.416 1.00 25.05 ? 24  TRP A CB    1 
ATOM   163  C CG    . TRP A 1 24  ? -7.360  -5.334  -12.335 1.00 21.97 ? 24  TRP A CG    1 
ATOM   164  C CD1   . TRP A 1 24  ? -6.320  -5.956  -11.730 1.00 21.19 ? 24  TRP A CD1   1 
ATOM   165  C CD2   . TRP A 1 24  ? -7.528  -4.115  -11.633 1.00 19.92 ? 24  TRP A CD2   1 
ATOM   166  N NE1   . TRP A 1 24  ? -5.736  -5.169  -10.770 1.00 22.29 ? 24  TRP A NE1   1 
ATOM   167  C CE2   . TRP A 1 24  ? -6.474  -4.044  -10.654 1.00 21.33 ? 24  TRP A CE2   1 
ATOM   168  C CE3   . TRP A 1 24  ? -8.417  -3.021  -11.789 1.00 19.65 ? 24  TRP A CE3   1 
ATOM   169  C CZ2   . TRP A 1 24  ? -6.397  -3.034  -9.744  1.00 18.56 ? 24  TRP A CZ2   1 
ATOM   170  C CZ3   . TRP A 1 24  ? -8.248  -1.968  -10.904 1.00 21.58 ? 24  TRP A CZ3   1 
ATOM   171  C CH2   . TRP A 1 24  ? -7.242  -1.969  -9.929  1.00 19.47 ? 24  TRP A CH2   1 
ATOM   172  N N     . PRO A 1 25  ? -8.791  -8.780  -13.672 1.00 34.57 ? 25  PRO A N     1 
ATOM   173  C CA    . PRO A 1 25  ? -8.265  -10.123 -13.616 1.00 38.42 ? 25  PRO A CA    1 
ATOM   174  C C     . PRO A 1 25  ? -6.875  -9.921  -13.045 1.00 39.79 ? 25  PRO A C     1 
ATOM   175  O O     . PRO A 1 25  ? -6.350  -8.812  -13.235 1.00 43.38 ? 25  PRO A O     1 
ATOM   176  C CB    . PRO A 1 25  ? -8.333  -10.579 -15.073 1.00 37.89 ? 25  PRO A CB    1 
ATOM   177  C CG    . PRO A 1 25  ? -8.449  -9.384  -15.926 1.00 36.15 ? 25  PRO A CG    1 
ATOM   178  C CD    . PRO A 1 25  ? -9.022  -8.302  -15.047 1.00 36.09 ? 25  PRO A CD    1 
ATOM   179  N N     . PRO A 1 26  ? -6.343  -10.890 -12.337 1.00 40.89 ? 26  PRO A N     1 
ATOM   180  C CA    . PRO A 1 26  ? -5.033  -10.783 -11.685 1.00 40.76 ? 26  PRO A CA    1 
ATOM   181  C C     . PRO A 1 26  ? -3.885  -10.567 -12.695 1.00 41.17 ? 26  PRO A C     1 
ATOM   182  O O     . PRO A 1 26  ? -3.849  -11.295 -13.726 1.00 40.32 ? 26  PRO A O     1 
ATOM   183  C CB    . PRO A 1 26  ? -4.883  -12.074 -10.905 1.00 41.12 ? 26  PRO A CB    1 
ATOM   184  C CG    . PRO A 1 26  ? -6.315  -12.573 -10.766 1.00 41.35 ? 26  PRO A CG    1 
ATOM   185  C CD    . PRO A 1 26  ? -7.005  -12.185 -12.073 1.00 41.35 ? 26  PRO A CD    1 
ATOM   186  N N     . LEU A 1 27  ? -3.052  -9.596  -12.356 1.00 37.63 ? 27  LEU A N     1 
ATOM   187  C CA    . LEU A 1 27  ? -1.877  -9.244  -13.217 1.00 36.76 ? 27  LEU A CA    1 
ATOM   188  C C     . LEU A 1 27  ? -0.718  -9.777  -12.421 1.00 36.94 ? 27  LEU A C     1 
ATOM   189  O O     . LEU A 1 27  ? -0.508  -9.171  -11.384 1.00 33.96 ? 27  LEU A O     1 
ATOM   190  C CB    . LEU A 1 27  ? -1.963  -7.773  -13.474 1.00 34.67 ? 27  LEU A CB    1 
ATOM   191  C CG    . LEU A 1 27  ? -3.241  -7.199  -14.018 1.00 34.31 ? 27  LEU A CG    1 
ATOM   192  C CD1   . LEU A 1 27  ? -3.216  -5.703  -14.085 1.00 33.12 ? 27  LEU A CD1   1 
ATOM   193  C CD2   . LEU A 1 27  ? -3.452  -7.742  -15.460 1.00 35.18 ? 27  LEU A CD2   1 
ATOM   194  N N     . ARG A 1 28  ? -0.079  -10.843 -12.858 1.00 39.41 ? 28  ARG A N     1 
ATOM   195  C CA    . ARG A 1 28  ? 1.016   -11.401 -12.026 1.00 40.63 ? 28  ARG A CA    1 
ATOM   196  C C     . ARG A 1 28  ? 2.229   -10.513 -11.860 1.00 36.12 ? 28  ARG A C     1 
ATOM   197  O O     . ARG A 1 28  ? 2.924   -10.598 -10.829 1.00 35.84 ? 28  ARG A O     1 
ATOM   198  C CB    . ARG A 1 28  ? 1.473   -12.743 -12.661 1.00 45.69 ? 28  ARG A CB    1 
ATOM   199  C CG    . ARG A 1 28  ? 0.556   -13.921 -12.329 1.00 50.93 ? 28  ARG A CG    1 
ATOM   200  C CD    . ARG A 1 28  ? 0.351   -14.790 -13.543 1.00 56.96 ? 28  ARG A CD    1 
ATOM   201  N NE    . ARG A 1 28  ? -0.724  -15.789 -13.483 1.00 60.37 ? 28  ARG A NE    1 
ATOM   202  C CZ    . ARG A 1 28  ? -1.186  -16.427 -14.573 1.00 63.95 ? 28  ARG A CZ    1 
ATOM   203  N NH1   . ARG A 1 28  ? -2.237  -17.259 -14.588 1.00 66.18 ? 28  ARG A NH1   1 
ATOM   204  N NH2   . ARG A 1 28  ? -0.586  -16.259 -15.759 1.00 66.30 ? 28  ARG A NH2   1 
ATOM   205  N N     . ASN A 1 29  ? 2.600   -9.724  -12.832 1.00 32.71 ? 29  ASN A N     1 
ATOM   206  C CA    . ASN A 1 29  ? 3.763   -8.850  -12.781 1.00 32.79 ? 29  ASN A CA    1 
ATOM   207  C C     . ASN A 1 29  ? 3.503   -7.623  -11.905 1.00 29.44 ? 29  ASN A C     1 
ATOM   208  O O     . ASN A 1 29  ? 4.425   -7.134  -11.274 1.00 29.01 ? 29  ASN A O     1 
ATOM   209  C CB    . ASN A 1 29  ? 4.237   -8.396  -14.184 1.00 37.84 ? 29  ASN A CB    1 
ATOM   210  C CG    . ASN A 1 29  ? 4.758   -9.639  -14.891 1.00 40.37 ? 29  ASN A CG    1 
ATOM   211  O OD1   . ASN A 1 29  ? 5.453   -10.337 -14.161 1.00 44.01 ? 29  ASN A OD1   1 
ATOM   212  N ND2   . ASN A 1 29  ? 4.481   -9.943  -16.157 1.00 44.93 ? 29  ASN A ND2   1 
ATOM   213  N N     . GLU A 1 30  ? 2.287   -7.185  -11.904 1.00 26.87 ? 30  GLU A N     1 
ATOM   214  C CA    . GLU A 1 30  ? 1.808   -6.095  -11.091 1.00 28.04 ? 30  GLU A CA    1 
ATOM   215  C C     . GLU A 1 30  ? 1.967   -6.583  -9.639  1.00 26.29 ? 30  GLU A C     1 
ATOM   216  O O     . GLU A 1 30  ? 2.475   -5.827  -8.805  1.00 27.45 ? 30  GLU A O     1 
ATOM   217  C CB    . GLU A 1 30  ? 0.407   -5.577  -11.380 1.00 26.03 ? 30  GLU A CB    1 
ATOM   218  C CG    . GLU A 1 30  ? 0.129   -4.089  -11.133 1.00 24.87 ? 30  GLU A CG    1 
ATOM   219  C CD    . GLU A 1 30  ? 0.183   -3.673  -9.657  1.00 24.89 ? 30  GLU A CD    1 
ATOM   220  O OE1   . GLU A 1 30  ? 0.775   -2.676  -9.203  1.00 24.57 ? 30  GLU A OE1   1 
ATOM   221  O OE2   . GLU A 1 30  ? -0.534  -4.464  -8.984  1.00 26.59 ? 30  GLU A OE2   1 
ATOM   222  N N     . PHE A 1 31  ? 1.476   -7.778  -9.368  1.00 28.77 ? 31  PHE A N     1 
ATOM   223  C CA    . PHE A 1 31  ? 1.579   -8.407  -8.006  1.00 27.46 ? 31  PHE A CA    1 
ATOM   224  C C     . PHE A 1 31  ? 3.043   -8.594  -7.690  1.00 27.96 ? 31  PHE A C     1 
ATOM   225  O O     . PHE A 1 31  ? 3.404   -8.305  -6.562  1.00 28.39 ? 31  PHE A O     1 
ATOM   226  C CB    A PHE A 1 31  ? 0.963   -9.810  -7.898  0.50 25.32 ? 31  PHE A CB    1 
ATOM   227  C CB    B PHE A 1 31  ? 0.965   -9.831  -7.922  0.50 29.11 ? 31  PHE A CB    1 
ATOM   228  C CG    A PHE A 1 31  ? 0.760   -10.094 -6.435  0.50 25.15 ? 31  PHE A CG    1 
ATOM   229  C CG    B PHE A 1 31  ? -0.535  -9.903  -7.847  0.50 30.39 ? 31  PHE A CG    1 
ATOM   230  C CD1   A PHE A 1 31  ? 0.134   -9.099  -5.668  0.50 23.63 ? 31  PHE A CD1   1 
ATOM   231  C CD1   B PHE A 1 31  ? -1.314  -8.770  -8.088  0.50 31.62 ? 31  PHE A CD1   1 
ATOM   232  C CD2   A PHE A 1 31  ? 1.221   -11.241 -5.819  0.50 23.75 ? 31  PHE A CD2   1 
ATOM   233  C CD2   B PHE A 1 31  ? -1.238  -11.069 -7.557  0.50 31.14 ? 31  PHE A CD2   1 
ATOM   234  C CE1   A PHE A 1 31  ? -0.107  -9.298  -4.310  0.50 23.71 ? 31  PHE A CE1   1 
ATOM   235  C CE1   B PHE A 1 31  ? -2.697  -8.694  -8.065  0.50 32.33 ? 31  PHE A CE1   1 
ATOM   236  C CE2   A PHE A 1 31  ? 0.977   -11.466 -4.477  0.50 23.91 ? 31  PHE A CE2   1 
ATOM   237  C CE2   B PHE A 1 31  ? -2.655  -11.061 -7.546  0.50 30.81 ? 31  PHE A CE2   1 
ATOM   238  C CZ    A PHE A 1 31  ? 0.309   -10.439 -3.697  0.50 22.49 ? 31  PHE A CZ    1 
ATOM   239  C CZ    B PHE A 1 31  ? -3.374  -9.901  -7.787  0.50 31.94 ? 31  PHE A CZ    1 
ATOM   240  N N     . ARG A 1 32  ? 3.817   -9.142  -8.643  1.00 28.04 ? 32  ARG A N     1 
ATOM   241  C CA    . ARG A 1 32  ? 5.264   -9.224  -8.383  1.00 29.94 ? 32  ARG A CA    1 
ATOM   242  C C     . ARG A 1 32  ? 5.898   -7.902  -7.987  1.00 25.71 ? 32  ARG A C     1 
ATOM   243  O O     . ARG A 1 32  ? 6.842   -7.871  -7.190  1.00 27.07 ? 32  ARG A O     1 
ATOM   244  C CB    . ARG A 1 32  ? 6.115   -9.738  -9.561  1.00 32.87 ? 32  ARG A CB    1 
ATOM   245  C CG    . ARG A 1 32  ? 5.569   -10.956 -10.285 1.00 40.12 ? 32  ARG A CG    1 
ATOM   246  C CD    . ARG A 1 32  ? 6.619   -11.920 -10.779 1.00 44.63 ? 32  ARG A CD    1 
ATOM   247  N NE    . ARG A 1 32  ? 5.920   -13.216 -10.993 1.00 50.42 ? 32  ARG A NE    1 
ATOM   248  C CZ    . ARG A 1 32  ? 5.731   -13.687 -12.248 1.00 52.03 ? 32  ARG A CZ    1 
ATOM   249  N NH1   . ARG A 1 32  ? 6.464   -13.125 -13.236 1.00 53.72 ? 32  ARG A NH1   1 
ATOM   250  N NH2   . ARG A 1 32  ? 4.797   -14.588 -12.596 1.00 53.10 ? 32  ARG A NH2   1 
ATOM   251  N N     . TYR A 1 33  ? 5.600   -6.743  -8.546  1.00 27.36 ? 33  TYR A N     1 
ATOM   252  C CA    . TYR A 1 33  ? 6.129   -5.423  -8.301  1.00 26.12 ? 33  TYR A CA    1 
ATOM   253  C C     . TYR A 1 33  ? 5.754   -5.008  -6.855  1.00 27.54 ? 33  TYR A C     1 
ATOM   254  O O     . TYR A 1 33  ? 6.577   -4.549  -6.074  1.00 27.92 ? 33  TYR A O     1 
ATOM   255  C CB    . TYR A 1 33  ? 5.548   -4.573  -9.453  1.00 26.16 ? 33  TYR A CB    1 
ATOM   256  C CG    . TYR A 1 33  ? 5.673   -3.101  -9.146  1.00 24.92 ? 33  TYR A CG    1 
ATOM   257  C CD1   . TYR A 1 33  ? 4.618   -2.324  -8.636  1.00 25.68 ? 33  TYR A CD1   1 
ATOM   258  C CD2   . TYR A 1 33  ? 6.907   -2.488  -9.257  1.00 26.39 ? 33  TYR A CD2   1 
ATOM   259  C CE1   . TYR A 1 33  ? 4.799   -1.018  -8.285  1.00 25.29 ? 33  TYR A CE1   1 
ATOM   260  C CE2   . TYR A 1 33  ? 7.091   -1.138  -8.947  1.00 25.92 ? 33  TYR A CE2   1 
ATOM   261  C CZ    . TYR A 1 33  ? 6.033   -0.394  -8.489  1.00 28.74 ? 33  TYR A CZ    1 
ATOM   262  O OH    . TYR A 1 33  ? 6.330   0.933   -8.292  1.00 28.32 ? 33  TYR A OH    1 
ATOM   263  N N     . PHE A 1 34  ? 4.471   -5.149  -6.567  1.00 25.92 ? 34  PHE A N     1 
ATOM   264  C CA    . PHE A 1 34  ? 3.919   -4.881  -5.190  1.00 23.43 ? 34  PHE A CA    1 
ATOM   265  C C     . PHE A 1 34  ? 4.715   -5.673  -4.156  1.00 21.69 ? 34  PHE A C     1 
ATOM   266  O O     . PHE A 1 34  ? 5.088   -5.070  -3.177  1.00 26.61 ? 34  PHE A O     1 
ATOM   267  C CB    . PHE A 1 34  ? 2.429   -5.249  -5.185  1.00 21.25 ? 34  PHE A CB    1 
ATOM   268  C CG    . PHE A 1 34  ? 1.894   -5.322  -3.753  1.00 21.82 ? 34  PHE A CG    1 
ATOM   269  C CD1   . PHE A 1 34  ? 1.632   -4.140  -3.062  1.00 22.31 ? 34  PHE A CD1   1 
ATOM   270  C CD2   . PHE A 1 34  ? 1.727   -6.578  -3.174  1.00 23.86 ? 34  PHE A CD2   1 
ATOM   271  C CE1   . PHE A 1 34  ? 1.209   -4.232  -1.724  1.00 24.04 ? 34  PHE A CE1   1 
ATOM   272  C CE2   . PHE A 1 34  ? 1.286   -6.633  -1.824  1.00 26.03 ? 34  PHE A CE2   1 
ATOM   273  C CZ    . PHE A 1 34  ? 0.999   -5.457  -1.163  1.00 23.72 ? 34  PHE A CZ    1 
ATOM   274  N N     . GLN A 1 35  ? 5.034   -6.944  -4.389  1.00 24.83 ? 35  GLN A N     1 
ATOM   275  C CA    . GLN A 1 35  ? 5.781   -7.781  -3.485  1.00 23.93 ? 35  GLN A CA    1 
ATOM   276  C C     . GLN A 1 35  ? 7.165   -7.231  -3.207  1.00 24.91 ? 35  GLN A C     1 
ATOM   277  O O     . GLN A 1 35  ? 7.725   -7.126  -2.116  1.00 27.56 ? 35  GLN A O     1 
ATOM   278  C CB    . GLN A 1 35  ? 5.904   -9.265  -3.891  1.00 28.26 ? 35  GLN A CB    1 
ATOM   279  C CG    . GLN A 1 35  ? 4.538   -9.996  -3.776  1.00 30.73 ? 35  GLN A CG    1 
ATOM   280  C CD    . GLN A 1 35  ? 3.887   -10.150 -2.442  1.00 31.92 ? 35  GLN A CD    1 
ATOM   281  O OE1   . GLN A 1 35  ? 3.545   -9.267  -1.663  1.00 35.10 ? 35  GLN A OE1   1 
ATOM   282  N NE2   . GLN A 1 35  ? 3.576   -11.355 -1.928  1.00 37.05 ? 35  GLN A NE2   1 
ATOM   283  N N     . ARG A 1 36  ? 7.832   -6.896  -4.316  1.00 25.04 ? 36  ARG A N     1 
ATOM   284  C CA    . ARG A 1 36  ? 9.195   -6.392  -4.368  1.00 30.53 ? 36  ARG A CA    1 
ATOM   285  C C     . ARG A 1 36  ? 9.273   -5.045  -3.722  1.00 28.59 ? 36  ARG A C     1 
ATOM   286  O O     . ARG A 1 36  ? 10.171  -4.913  -2.836  1.00 31.50 ? 36  ARG A O     1 
ATOM   287  C CB    . ARG A 1 36  ? 9.552   -6.523  -5.847  1.00 30.99 ? 36  ARG A CB    1 
ATOM   288  C CG    . ARG A 1 36  ? 10.764  -5.702  -6.308  1.00 39.00 ? 36  ARG A CG    1 
ATOM   289  C CD    . ARG A 1 36  ? 10.971  -6.088  -7.787  1.00 40.59 ? 36  ARG A CD    1 
ATOM   290  N NE    . ARG A 1 36  ? 10.265  -5.238  -8.754  1.00 44.72 ? 36  ARG A NE    1 
ATOM   291  C CZ    . ARG A 1 36  ? 10.669  -3.940  -8.831  1.00 46.08 ? 36  ARG A CZ    1 
ATOM   292  N NH1   . ARG A 1 36  ? 11.540  -3.406  -7.975  1.00 46.11 ? 36  ARG A NH1   1 
ATOM   293  N NH2   . ARG A 1 36  ? 10.169  -3.226  -9.843  1.00 46.89 ? 36  ARG A NH2   1 
ATOM   294  N N     . MET A 1 37  ? 8.369   -4.115  -4.052  1.00 27.33 ? 37  MET A N     1 
ATOM   295  C CA    . MET A 1 37  ? 8.435   -2.818  -3.457  1.00 27.49 ? 37  MET A CA    1 
ATOM   296  C C     . MET A 1 37  ? 8.313   -2.824  -1.949  1.00 26.20 ? 37  MET A C     1 
ATOM   297  O O     . MET A 1 37  ? 9.110   -2.223  -1.199  1.00 22.50 ? 37  MET A O     1 
ATOM   298  C CB    . MET A 1 37  ? 7.578   -1.702  -4.058  1.00 30.09 ? 37  MET A CB    1 
ATOM   299  C CG    . MET A 1 37  ? 7.805   -1.653  -5.567  1.00 34.90 ? 37  MET A CG    1 
ATOM   300  S SD    . MET A 1 37  ? 9.394   -0.655  -5.760  1.00 41.96 ? 37  MET A SD    1 
ATOM   301  C CE    . MET A 1 37  ? 8.991   0.157   -7.293  1.00 43.19 ? 37  MET A CE    1 
ATOM   302  N N     . THR A 1 38  ? 7.237   -3.481  -1.486  1.00 25.26 ? 38  THR A N     1 
ATOM   303  C CA    . THR A 1 38  ? 6.908   -3.545  -0.095  1.00 25.67 ? 38  THR A CA    1 
ATOM   304  C C     . THR A 1 38  ? 7.857   -4.398  0.760   1.00 28.20 ? 38  THR A C     1 
ATOM   305  O O     . THR A 1 38  ? 7.949   -4.056  1.940   1.00 25.74 ? 38  THR A O     1 
ATOM   306  C CB    . THR A 1 38  ? 5.346   -3.917  0.137   1.00 19.25 ? 38  THR A CB    1 
ATOM   307  O OG1   . THR A 1 38  ? 5.223   -5.282  -0.284  1.00 23.94 ? 38  THR A OG1   1 
ATOM   308  C CG2   . THR A 1 38  ? 4.485   -2.862  -0.497  1.00 19.24 ? 38  THR A CG2   1 
ATOM   309  N N     . THR A 1 39  ? 8.449   -5.426  0.132   1.00 30.06 ? 39  THR A N     1 
ATOM   310  C CA    . THR A 1 39  ? 9.370   -6.231  0.907   1.00 31.08 ? 39  THR A CA    1 
ATOM   311  C C     . THR A 1 39  ? 10.811  -5.790  1.034   1.00 34.02 ? 39  THR A C     1 
ATOM   312  O O     . THR A 1 39  ? 11.361  -6.046  2.141   1.00 33.97 ? 39  THR A O     1 
ATOM   313  C CB    . THR A 1 39  ? 9.393   -7.717  0.336   1.00 31.91 ? 39  THR A CB    1 
ATOM   314  O OG1   . THR A 1 39  ? 8.009   -8.119  0.173   1.00 30.36 ? 39  THR A OG1   1 
ATOM   315  C CG2   . THR A 1 39  ? 10.142  -8.651  1.273   1.00 34.66 ? 39  THR A CG2   1 
ATOM   316  N N     . THR A 1 40  ? 11.334  -5.103  0.012   1.00 34.89 ? 40  THR A N     1 
ATOM   317  C CA    . THR A 1 40  ? 12.758  -4.721  0.069   1.00 36.75 ? 40  THR A CA    1 
ATOM   318  C C     . THR A 1 40  ? 13.039  -3.570  1.003   1.00 37.56 ? 40  THR A C     1 
ATOM   319  O O     . THR A 1 40  ? 12.433  -2.527  0.862   1.00 35.03 ? 40  THR A O     1 
ATOM   320  C CB    . THR A 1 40  ? 13.383  -4.363  -1.325  1.00 36.88 ? 40  THR A CB    1 
ATOM   321  O OG1   . THR A 1 40  ? 12.962  -5.297  -2.320  1.00 38.61 ? 40  THR A OG1   1 
ATOM   322  C CG2   . THR A 1 40  ? 14.932  -4.324  -1.196  1.00 38.33 ? 40  THR A CG2   1 
ATOM   323  N N     . SER A 1 41  ? 13.951  -3.823  1.934   1.00 42.05 ? 41  SER A N     1 
ATOM   324  C CA    . SER A 1 41  ? 14.392  -2.835  2.917   1.00 43.88 ? 41  SER A CA    1 
ATOM   325  C C     . SER A 1 41  ? 15.749  -2.238  2.467   1.00 47.30 ? 41  SER A C     1 
ATOM   326  O O     . SER A 1 41  ? 16.685  -2.930  2.034   1.00 46.40 ? 41  SER A O     1 
ATOM   327  C CB    . SER A 1 41  ? 14.592  -3.418  4.309   1.00 45.65 ? 41  SER A CB    1 
ATOM   328  O OG    . SER A 1 41  ? 14.710  -2.338  5.240   1.00 47.88 ? 41  SER A OG    1 
ATOM   329  N N     . SER A 1 42  ? 15.781  -0.930  2.669   1.00 49.64 ? 42  SER A N     1 
ATOM   330  C CA    . SER A 1 42  ? 16.980  -0.159  2.314   1.00 53.26 ? 42  SER A CA    1 
ATOM   331  C C     . SER A 1 42  ? 18.131  -0.336  3.285   1.00 55.29 ? 42  SER A C     1 
ATOM   332  O O     . SER A 1 42  ? 19.185  0.202   2.902   1.00 57.81 ? 42  SER A O     1 
ATOM   333  C CB    . SER A 1 42  ? 16.616  1.328   2.223   1.00 54.11 ? 42  SER A CB    1 
ATOM   334  O OG    . SER A 1 42  ? 16.428  1.902   3.524   1.00 52.76 ? 42  SER A OG    1 
ATOM   335  N N     . VAL A 1 43  ? 18.025  -1.014  4.388   1.00 56.89 ? 43  VAL A N     1 
ATOM   336  C CA    . VAL A 1 43  ? 18.922  -1.259  5.506   1.00 57.25 ? 43  VAL A CA    1 
ATOM   337  C C     . VAL A 1 43  ? 18.968  -2.712  5.965   1.00 57.67 ? 43  VAL A C     1 
ATOM   338  O O     . VAL A 1 43  ? 17.911  -3.335  6.186   1.00 55.87 ? 43  VAL A O     1 
ATOM   339  C CB    . VAL A 1 43  ? 18.303  -0.398  6.653   1.00 56.51 ? 43  VAL A CB    1 
ATOM   340  C CG1   . VAL A 1 43  ? 16.875  -0.905  6.890   1.00 58.67 ? 43  VAL A CG1   1 
ATOM   341  C CG2   . VAL A 1 43  ? 19.107  -0.457  7.918   1.00 57.13 ? 43  VAL A CG2   1 
ATOM   342  N N     . GLU A 1 44  ? 20.160  -3.264  6.137   1.00 58.73 ? 44  GLU A N     1 
ATOM   343  C CA    . GLU A 1 44  ? 20.367  -4.671  6.508   1.00 58.50 ? 44  GLU A CA    1 
ATOM   344  C C     . GLU A 1 44  ? 19.874  -5.039  7.909   1.00 56.00 ? 44  GLU A C     1 
ATOM   345  O O     . GLU A 1 44  ? 20.153  -4.312  8.878   1.00 55.40 ? 44  GLU A O     1 
ATOM   346  C CB    . GLU A 1 44  ? 21.779  -5.269  6.497   1.00 60.81 ? 44  GLU A CB    1 
ATOM   347  C CG    . GLU A 1 44  ? 22.954  -4.674  5.746   1.00 63.44 ? 44  GLU A CG    1 
ATOM   348  C CD    . GLU A 1 44  ? 24.318  -4.675  6.409   1.00 64.98 ? 44  GLU A CD    1 
ATOM   349  O OE1   . GLU A 1 44  ? 24.754  -3.798  7.176   1.00 64.57 ? 44  GLU A OE1   1 
ATOM   350  O OE2   . GLU A 1 44  ? 24.954  -5.699  6.030   1.00 65.50 ? 44  GLU A OE2   1 
ATOM   351  N N     . GLY A 1 45  ? 19.220  -6.205  7.902   1.00 54.10 ? 45  GLY A N     1 
ATOM   352  C CA    . GLY A 1 45  ? 18.710  -6.667  9.216   1.00 52.89 ? 45  GLY A CA    1 
ATOM   353  C C     . GLY A 1 45  ? 17.412  -5.963  9.578   1.00 52.10 ? 45  GLY A C     1 
ATOM   354  O O     . GLY A 1 45  ? 16.832  -6.327  10.626  1.00 52.95 ? 45  GLY A O     1 
ATOM   355  N N     . LYS A 1 46  ? 16.933  -5.034  8.732   1.00 49.99 ? 46  LYS A N     1 
ATOM   356  C CA    . LYS A 1 46  ? 15.661  -4.407  9.070   1.00 47.42 ? 46  LYS A CA    1 
ATOM   357  C C     . LYS A 1 46  ? 14.619  -4.983  8.112   1.00 46.41 ? 46  LYS A C     1 
ATOM   358  O O     . LYS A 1 46  ? 14.904  -5.586  7.063   1.00 44.81 ? 46  LYS A O     1 
ATOM   359  C CB    . LYS A 1 46  ? 15.623  -2.916  9.035   1.00 46.99 ? 46  LYS A CB    1 
ATOM   360  C CG    . LYS A 1 46  ? 16.302  -2.193  10.179  1.00 46.70 ? 46  LYS A CG    1 
ATOM   361  C CD    . LYS A 1 46  ? 16.263  -0.691  10.021  1.00 46.14 ? 46  LYS A CD    1 
ATOM   362  C CE    . LYS A 1 46  ? 16.486  0.103   11.289  1.00 47.46 ? 46  LYS A CE    1 
ATOM   363  N NZ    . LYS A 1 46  ? 16.694  1.541   10.875  1.00 48.81 ? 46  LYS A NZ    1 
ATOM   364  N N     . GLN A 1 47  ? 13.377  -4.761  8.567   1.00 43.02 ? 47  GLN A N     1 
ATOM   365  C CA    . GLN A 1 47  ? 12.219  -5.223  7.790   1.00 39.47 ? 47  GLN A CA    1 
ATOM   366  C C     . GLN A 1 47  ? 11.189  -4.124  7.583   1.00 34.05 ? 47  GLN A C     1 
ATOM   367  O O     . GLN A 1 47  ? 11.147  -3.305  8.512   1.00 37.78 ? 47  GLN A O     1 
ATOM   368  C CB    . GLN A 1 47  ? 11.460  -6.212  8.709   1.00 41.20 ? 47  GLN A CB    1 
ATOM   369  C CG    . GLN A 1 47  ? 11.027  -7.400  7.921   1.00 42.43 ? 47  GLN A CG    1 
ATOM   370  C CD    . GLN A 1 47  ? 10.568  -8.430  8.957   1.00 45.64 ? 47  GLN A CD    1 
ATOM   371  O OE1   . GLN A 1 47  ? 10.467  -8.069  10.132  1.00 47.69 ? 47  GLN A OE1   1 
ATOM   372  N NE2   . GLN A 1 47  ? 10.396  -9.612  8.442   1.00 45.33 ? 47  GLN A NE2   1 
ATOM   373  N N     . ASN A 1 48  ? 10.417  -4.206  6.558   1.00 30.49 ? 48  ASN A N     1 
ATOM   374  C CA    . ASN A 1 48  ? 9.341   -3.222  6.313   1.00 29.33 ? 48  ASN A CA    1 
ATOM   375  C C     . ASN A 1 48  ? 8.027   -3.628  7.044   1.00 25.39 ? 48  ASN A C     1 
ATOM   376  O O     . ASN A 1 48  ? 7.760   -4.802  7.195   1.00 24.79 ? 48  ASN A O     1 
ATOM   377  C CB    . ASN A 1 48  ? 9.124   -3.146  4.792   1.00 28.08 ? 48  ASN A CB    1 
ATOM   378  C CG    . ASN A 1 48  ? 10.226  -2.391  4.055   1.00 26.70 ? 48  ASN A CG    1 
ATOM   379  O OD1   . ASN A 1 48  ? 11.073  -1.807  4.698   1.00 27.39 ? 48  ASN A OD1   1 
ATOM   380  N ND2   . ASN A 1 48  ? 10.310  -2.473  2.763   1.00 25.78 ? 48  ASN A ND2   1 
ATOM   381  N N     . LEU A 1 49  ? 7.259   -2.657  7.436   1.00 23.37 ? 49  LEU A N     1 
ATOM   382  C CA    . LEU A 1 49  ? 5.937   -2.726  8.058   1.00 25.21 ? 49  LEU A CA    1 
ATOM   383  C C     . LEU A 1 49  ? 4.856   -2.508  7.004   1.00 27.00 ? 49  LEU A C     1 
ATOM   384  O O     . LEU A 1 49  ? 4.991   -1.553  6.222   1.00 26.99 ? 49  LEU A O     1 
ATOM   385  C CB    . LEU A 1 49  ? 5.796   -1.718  9.204   1.00 26.14 ? 49  LEU A CB    1 
ATOM   386  C CG    . LEU A 1 49  ? 4.353   -1.423  9.685   1.00 25.69 ? 49  LEU A CG    1 
ATOM   387  C CD1   . LEU A 1 49  ? 4.019   -2.733  10.448  1.00 23.88 ? 49  LEU A CD1   1 
ATOM   388  C CD2   . LEU A 1 49  ? 4.492   -0.259  10.642  1.00 27.00 ? 49  LEU A CD2   1 
ATOM   389  N N     . VAL A 1 50  ? 3.847   -3.405  6.939   1.00 27.47 ? 50  VAL A N     1 
ATOM   390  C CA    . VAL A 1 50  ? 2.756   -3.230  5.988   1.00 23.11 ? 50  VAL A CA    1 
ATOM   391  C C     . VAL A 1 50  ? 1.520   -2.955  6.850   1.00 23.83 ? 50  VAL A C     1 
ATOM   392  O O     . VAL A 1 50  ? 1.321   -3.761  7.748   1.00 22.75 ? 50  VAL A O     1 
ATOM   393  C CB    . VAL A 1 50  ? 2.506   -4.283  4.902   1.00 24.92 ? 50  VAL A CB    1 
ATOM   394  C CG1   . VAL A 1 50  ? 3.763   -4.297  3.999   1.00 20.52 ? 50  VAL A CG1   1 
ATOM   395  C CG2   . VAL A 1 50  ? 2.118   -5.642  5.423   1.00 25.49 ? 50  VAL A CG2   1 
ATOM   396  N N     . ILE A 1 51  ? 0.844   -1.890  6.612   1.00 23.81 ? 51  ILE A N     1 
ATOM   397  C CA    . ILE A 1 51  ? -0.369  -1.476  7.328   1.00 23.51 ? 51  ILE A CA    1 
ATOM   398  C C     . ILE A 1 51  ? -1.536  -1.569  6.375   1.00 25.77 ? 51  ILE A C     1 
ATOM   399  O O     . ILE A 1 51  ? -1.485  -0.998  5.240   1.00 26.95 ? 51  ILE A O     1 
ATOM   400  C CB    . ILE A 1 51  ? -0.282  0.016   7.913   1.00 25.08 ? 51  ILE A CB    1 
ATOM   401  C CG1   . ILE A 1 51  ? 0.921   0.182   8.821   1.00 26.12 ? 51  ILE A CG1   1 
ATOM   402  C CG2   . ILE A 1 51  ? -1.677  0.289   8.575   1.00 22.85 ? 51  ILE A CG2   1 
ATOM   403  C CD1   . ILE A 1 51  ? 1.196   1.511   9.533   1.00 25.37 ? 51  ILE A CD1   1 
ATOM   404  N N     . MET A 1 52  ? -2.585  -2.302  6.825   1.00 25.87 ? 52  MET A N     1 
ATOM   405  C CA    . MET A 1 52  ? -3.813  -2.453  6.060   1.00 25.65 ? 52  MET A CA    1 
ATOM   406  C C     . MET A 1 52  ? -5.096  -2.469  6.908   1.00 26.48 ? 52  MET A C     1 
ATOM   407  O O     . MET A 1 52  ? -5.083  -2.824  8.139   1.00 23.63 ? 52  MET A O     1 
ATOM   408  C CB    . MET A 1 52  ? -3.683  -3.642  5.118   1.00 26.68 ? 52  MET A CB    1 
ATOM   409  C CG    . MET A 1 52  ? -3.806  -4.858  6.039   1.00 29.64 ? 52  MET A CG    1 
ATOM   410  S SD    . MET A 1 52  ? -3.352  -6.293  5.044   1.00 31.67 ? 52  MET A SD    1 
ATOM   411  C CE    . MET A 1 52  ? -1.600  -6.485  5.371   1.00 31.60 ? 52  MET A CE    1 
ATOM   412  N N     . GLY A 1 53  ? -6.179  -2.086  6.296   1.00 22.04 ? 53  GLY A N     1 
ATOM   413  C CA    . GLY A 1 53  ? -7.494  -2.079  7.038   1.00 23.57 ? 53  GLY A CA    1 
ATOM   414  C C     . GLY A 1 53  ? -7.932  -3.523  6.977   1.00 22.36 ? 53  GLY A C     1 
ATOM   415  O O     . GLY A 1 53  ? -7.305  -4.489  6.412   1.00 17.75 ? 53  GLY A O     1 
ATOM   416  N N     . LYS A 1 54  ? -9.062  -3.795  7.749   1.00 21.97 ? 54  LYS A N     1 
ATOM   417  C CA    . LYS A 1 54  ? -9.519  -5.128  7.959   1.00 21.19 ? 54  LYS A CA    1 
ATOM   418  C C     . LYS A 1 54  ? -10.030 -5.902  6.743   1.00 19.38 ? 54  LYS A C     1 
ATOM   419  O O     . LYS A 1 54  ? -9.709  -7.038  6.477   1.00 20.94 ? 54  LYS A O     1 
ATOM   420  C CB    . LYS A 1 54  ? -10.708 -5.080  8.957   1.00 25.01 ? 54  LYS A CB    1 
ATOM   421  C CG    . LYS A 1 54  ? -10.838 -6.520  9.558   1.00 25.16 ? 54  LYS A CG    1 
ATOM   422  C CD    . LYS A 1 54  ? -12.105 -6.326  10.508  1.00 26.88 ? 54  LYS A CD    1 
ATOM   423  C CE    . LYS A 1 54  ? -13.289 -5.585  10.069  1.00 29.03 ? 54  LYS A CE    1 
ATOM   424  N NZ    . LYS A 1 54  ? -14.428 -5.642  11.080  1.00 31.52 ? 54  LYS A NZ    1 
ATOM   425  N N     . LYS A 1 55  ? -10.711 -5.135  5.946   1.00 17.10 ? 55  LYS A N     1 
ATOM   426  C CA    . LYS A 1 55  ? -11.261 -5.732  4.682   1.00 22.06 ? 55  LYS A CA    1 
ATOM   427  C C     . LYS A 1 55  ? -10.101 -6.060  3.763   1.00 19.98 ? 55  LYS A C     1 
ATOM   428  O O     . LYS A 1 55  ? -10.195 -7.103  3.099   1.00 24.47 ? 55  LYS A O     1 
ATOM   429  C CB    . LYS A 1 55  ? -12.279 -4.771  4.119   1.00 21.60 ? 55  LYS A CB    1 
ATOM   430  C CG    . LYS A 1 55  ? -12.839 -5.386  2.804   1.00 24.33 ? 55  LYS A CG    1 
ATOM   431  C CD    . LYS A 1 55  ? -14.053 -4.640  2.343   1.00 24.48 ? 55  LYS A CD    1 
ATOM   432  C CE    . LYS A 1 55  ? -14.737 -5.281  1.140   1.00 27.19 ? 55  LYS A CE    1 
ATOM   433  N NZ    . LYS A 1 55  ? -15.710 -4.305  0.563   1.00 25.65 ? 55  LYS A NZ    1 
ATOM   434  N N     . THR A 1 56  ? -9.067  -5.209  3.746   1.00 22.77 ? 56  THR A N     1 
ATOM   435  C CA    . THR A 1 56  ? -7.909  -5.599  2.873   1.00 22.44 ? 56  THR A CA    1 
ATOM   436  C C     . THR A 1 56  ? -7.310  -6.905  3.294   1.00 21.51 ? 56  THR A C     1 
ATOM   437  O O     . THR A 1 56  ? -7.040  -7.754  2.425   1.00 20.85 ? 56  THR A O     1 
ATOM   438  C CB    . THR A 1 56  ? -6.848  -4.465  2.755   1.00 22.96 ? 56  THR A CB    1 
ATOM   439  O OG1   . THR A 1 56  ? -7.642  -3.416  2.078   1.00 23.66 ? 56  THR A OG1   1 
ATOM   440  C CG2   . THR A 1 56  ? -5.554  -4.862  2.032   1.00 22.45 ? 56  THR A CG2   1 
ATOM   441  N N     . TRP A 1 57  ? -7.087  -7.067  4.619   1.00 17.76 ? 57  TRP A N     1 
ATOM   442  C CA    . TRP A 1 57  ? -6.492  -8.301  5.070   1.00 22.58 ? 57  TRP A CA    1 
ATOM   443  C C     . TRP A 1 57  ? -7.307  -9.490  4.622   1.00 22.93 ? 57  TRP A C     1 
ATOM   444  O O     . TRP A 1 57  ? -6.796  -10.599 4.266   1.00 24.03 ? 57  TRP A O     1 
ATOM   445  C CB    . TRP A 1 57  ? -6.373  -8.181  6.605   1.00 22.14 ? 57  TRP A CB    1 
ATOM   446  C CG    . TRP A 1 57  ? -6.042  -9.513  7.242   1.00 23.75 ? 57  TRP A CG    1 
ATOM   447  C CD1   . TRP A 1 57  ? -6.920  -10.418 7.807   1.00 22.98 ? 57  TRP A CD1   1 
ATOM   448  C CD2   . TRP A 1 57  ? -4.750  -10.059 7.452   1.00 24.67 ? 57  TRP A CD2   1 
ATOM   449  N NE1   . TRP A 1 57  ? -6.287  -11.553 8.304   1.00 21.93 ? 57  TRP A NE1   1 
ATOM   450  C CE2   . TRP A 1 57  ? -4.905  -11.304 8.094   1.00 24.56 ? 57  TRP A CE2   1 
ATOM   451  C CE3   . TRP A 1 57  ? -3.454  -9.582  7.181   1.00 25.22 ? 57  TRP A CE3   1 
ATOM   452  C CZ2   . TRP A 1 57  ? -3.844  -12.071 8.470   1.00 24.43 ? 57  TRP A CZ2   1 
ATOM   453  C CZ3   . TRP A 1 57  ? -2.390  -10.382 7.549   1.00 25.08 ? 57  TRP A CZ3   1 
ATOM   454  C CH2   . TRP A 1 57  ? -2.554  -11.623 8.219   1.00 28.73 ? 57  TRP A CH2   1 
ATOM   455  N N     . PHE A 1 58  ? -8.651  -9.351  4.760   1.00 25.64 ? 58  PHE A N     1 
ATOM   456  C CA    . PHE A 1 58  ? -9.510  -10.554 4.475   1.00 23.29 ? 58  PHE A CA    1 
ATOM   457  C C     . PHE A 1 58  ? -9.685  -10.823 2.947   1.00 26.39 ? 58  PHE A C     1 
ATOM   458  O O     . PHE A 1 58  ? -10.031 -11.954 2.580   1.00 26.56 ? 58  PHE A O     1 
ATOM   459  C CB    . PHE A 1 58  ? -10.793 -10.601 5.230   1.00 23.47 ? 58  PHE A CB    1 
ATOM   460  C CG    . PHE A 1 58  ? -10.660 -10.918 6.718   1.00 22.35 ? 58  PHE A CG    1 
ATOM   461  C CD1   . PHE A 1 58  ? -10.752 -9.860  7.592   1.00 23.92 ? 58  PHE A CD1   1 
ATOM   462  C CD2   . PHE A 1 58  ? -10.283 -12.188 7.117   1.00 24.05 ? 58  PHE A CD2   1 
ATOM   463  C CE1   . PHE A 1 58  ? -10.612 -10.144 8.956   1.00 23.83 ? 58  PHE A CE1   1 
ATOM   464  C CE2   . PHE A 1 58  ? -10.135 -12.476 8.502   1.00 24.03 ? 58  PHE A CE2   1 
ATOM   465  C CZ    . PHE A 1 58  ? -10.311 -11.440 9.355   1.00 22.55 ? 58  PHE A CZ    1 
ATOM   466  N N     . SER A 1 59  ? -9.411  -9.927  2.071   1.00 24.65 ? 59  SER A N     1 
ATOM   467  C CA    . SER A 1 59  ? -9.473  -10.045 0.650   1.00 28.36 ? 59  SER A CA    1 
ATOM   468  C C     . SER A 1 59  ? -8.192  -10.703 0.105   1.00 29.03 ? 59  SER A C     1 
ATOM   469  O O     . SER A 1 59  ? -8.174  -11.120 -1.057  1.00 32.77 ? 59  SER A O     1 
ATOM   470  C CB    . SER A 1 59  ? -9.791  -8.665  0.115   1.00 29.91 ? 59  SER A CB    1 
ATOM   471  O OG    . SER A 1 59  ? -8.600  -7.878  0.167   1.00 32.90 ? 59  SER A OG    1 
ATOM   472  N N     . ILE A 1 60  ? -7.128  -10.827 0.855   1.00 29.64 ? 60  ILE A N     1 
ATOM   473  C CA    . ILE A 1 60  ? -5.859  -11.462 0.395   1.00 32.21 ? 60  ILE A CA    1 
ATOM   474  C C     . ILE A 1 60  ? -6.094  -12.962 0.551   1.00 31.67 ? 60  ILE A C     1 
ATOM   475  O O     . ILE A 1 60  ? -6.551  -13.267 1.625   1.00 32.96 ? 60  ILE A O     1 
ATOM   476  C CB    . ILE A 1 60  ? -4.638  -11.021 1.231   1.00 31.47 ? 60  ILE A CB    1 
ATOM   477  C CG1   . ILE A 1 60  ? -4.550  -9.478  1.191   1.00 33.37 ? 60  ILE A CG1   1 
ATOM   478  C CG2   . ILE A 1 60  ? -3.337  -11.822 0.931   1.00 28.82 ? 60  ILE A CG2   1 
ATOM   479  C CD1   . ILE A 1 60  ? -3.380  -8.872  2.027   1.00 33.76 ? 60  ILE A CD1   1 
ATOM   480  N N     . PRO A 1 61  ? -5.782  -13.736 -0.445  1.00 33.57 ? 61  PRO A N     1 
ATOM   481  C CA    . PRO A 1 61  ? -5.975  -15.197 -0.389  1.00 34.95 ? 61  PRO A CA    1 
ATOM   482  C C     . PRO A 1 61  ? -5.174  -15.626 0.829   1.00 38.14 ? 61  PRO A C     1 
ATOM   483  O O     . PRO A 1 61  ? -4.054  -15.140 1.102   1.00 38.93 ? 61  PRO A O     1 
ATOM   484  C CB    . PRO A 1 61  ? -5.474  -15.700 -1.768  1.00 34.06 ? 61  PRO A CB    1 
ATOM   485  C CG    . PRO A 1 61  ? -5.496  -14.499 -2.629  1.00 34.14 ? 61  PRO A CG    1 
ATOM   486  C CD    . PRO A 1 61  ? -5.231  -13.274 -1.739  1.00 33.25 ? 61  PRO A CD    1 
ATOM   487  N N     . GLU A 1 62  ? -5.770  -16.547 1.559   1.00 40.38 ? 62  GLU A N     1 
ATOM   488  C CA    . GLU A 1 62  ? -5.286  -17.168 2.771   1.00 42.13 ? 62  GLU A CA    1 
ATOM   489  C C     . GLU A 1 62  ? -3.903  -17.737 2.554   1.00 42.28 ? 62  GLU A C     1 
ATOM   490  O O     . GLU A 1 62  ? -3.023  -17.619 3.401   1.00 40.14 ? 62  GLU A O     1 
ATOM   491  C CB    . GLU A 1 62  ? -6.290  -18.238 3.201   1.00 44.62 ? 62  GLU A CB    1 
ATOM   492  C CG    . GLU A 1 62  ? -7.780  -17.797 3.248   1.00 47.78 ? 62  GLU A CG    1 
ATOM   493  C CD    . GLU A 1 62  ? -8.654  -17.557 2.048   1.00 50.25 ? 62  GLU A CD    1 
ATOM   494  O OE1   . GLU A 1 62  ? -8.565  -18.038 0.903   1.00 50.90 ? 62  GLU A OE1   1 
ATOM   495  O OE2   . GLU A 1 62  ? -9.607  -16.747 2.264   1.00 51.72 ? 62  GLU A OE2   1 
ATOM   496  N N     . LYS A 1 63  ? -3.680  -18.356 1.391   1.00 43.49 ? 63  LYS A N     1 
ATOM   497  C CA    . LYS A 1 63  ? -2.339  -18.896 1.138   1.00 45.34 ? 63  LYS A CA    1 
ATOM   498  C C     . LYS A 1 63  ? -1.301  -17.800 1.171   1.00 42.62 ? 63  LYS A C     1 
ATOM   499  O O     . LYS A 1 63  ? -0.096  -17.971 1.482   1.00 43.62 ? 63  LYS A O     1 
ATOM   500  C CB    . LYS A 1 63  ? -2.342  -19.557 -0.264  1.00 48.74 ? 63  LYS A CB    1 
ATOM   501  C CG    . LYS A 1 63  ? -1.737  -20.960 -0.181  1.00 54.44 ? 63  LYS A CG    1 
ATOM   502  C CD    . LYS A 1 63  ? -0.263  -21.076 0.212   1.00 56.76 ? 63  LYS A CD    1 
ATOM   503  C CE    . LYS A 1 63  ? 0.619   -21.051 -1.033  1.00 58.37 ? 63  LYS A CE    1 
ATOM   504  N NZ    . LYS A 1 63  ? 1.822   -20.164 -0.839  1.00 58.73 ? 63  LYS A NZ    1 
ATOM   505  N N     . ASN A 1 64  ? -1.712  -16.594 0.811   1.00 40.12 ? 64  ASN A N     1 
ATOM   506  C CA    . ASN A 1 64  ? -0.825  -15.401 0.765   1.00 36.28 ? 64  ASN A CA    1 
ATOM   507  C C     . ASN A 1 64  ? -0.800  -14.574 2.029   1.00 35.38 ? 64  ASN A C     1 
ATOM   508  O O     . ASN A 1 64  ? -0.282  -13.446 1.924   1.00 35.43 ? 64  ASN A O     1 
ATOM   509  C CB    . ASN A 1 64  ? -1.343  -14.494 -0.370  1.00 38.13 ? 64  ASN A CB    1 
ATOM   510  C CG    . ASN A 1 64  ? -1.108  -15.212 -1.707  1.00 40.09 ? 64  ASN A CG    1 
ATOM   511  O OD1   . ASN A 1 64  ? 0.012   -15.707 -1.924  1.00 41.29 ? 64  ASN A OD1   1 
ATOM   512  N ND2   . ASN A 1 64  ? -2.079  -15.316 -2.585  1.00 41.92 ? 64  ASN A ND2   1 
ATOM   513  N N     . ARG A 1 65  ? -1.326  -14.952 3.158   1.00 30.44 ? 65  ARG A N     1 
ATOM   514  C CA    . ARG A 1 65  ? -1.387  -14.121 4.353   1.00 34.96 ? 65  ARG A CA    1 
ATOM   515  C C     . ARG A 1 65  ? -0.704  -14.865 5.511   1.00 34.03 ? 65  ARG A C     1 
ATOM   516  O O     . ARG A 1 65  ? -1.018  -16.062 5.558   1.00 38.24 ? 65  ARG A O     1 
ATOM   517  C CB    . ARG A 1 65  ? -2.782  -13.953 4.927   1.00 34.52 ? 65  ARG A CB    1 
ATOM   518  C CG    . ARG A 1 65  ? -3.692  -12.893 4.432   1.00 38.03 ? 65  ARG A CG    1 
ATOM   519  C CD    . ARG A 1 65  ? -4.817  -12.752 5.378   1.00 37.47 ? 65  ARG A CD    1 
ATOM   520  N NE    . ARG A 1 65  ? -5.789  -13.715 5.074   1.00 41.52 ? 65  ARG A NE    1 
ATOM   521  C CZ    . ARG A 1 65  ? -6.846  -14.378 5.363   1.00 42.94 ? 65  ARG A CZ    1 
ATOM   522  N NH1   . ARG A 1 65  ? -7.444  -15.081 4.376   1.00 46.61 ? 65  ARG A NH1   1 
ATOM   523  N NH2   . ARG A 1 65  ? -7.458  -14.571 6.507   1.00 43.89 ? 65  ARG A NH2   1 
ATOM   524  N N     . PRO A 1 66  ? 0.148   -14.292 6.294   1.00 30.67 ? 66  PRO A N     1 
ATOM   525  C CA    . PRO A 1 66  ? 0.579   -12.899 6.146   1.00 30.96 ? 66  PRO A CA    1 
ATOM   526  C C     . PRO A 1 66  ? 1.646   -12.798 5.027   1.00 27.49 ? 66  PRO A C     1 
ATOM   527  O O     . PRO A 1 66  ? 2.335   -13.738 4.573   1.00 27.21 ? 66  PRO A O     1 
ATOM   528  C CB    . PRO A 1 66  ? 1.212   -12.552 7.463   1.00 24.87 ? 66  PRO A CB    1 
ATOM   529  C CG    . PRO A 1 66  ? 1.784   -13.861 7.927   1.00 31.24 ? 66  PRO A CG    1 
ATOM   530  C CD    . PRO A 1 66  ? 0.832   -14.973 7.403   1.00 32.56 ? 66  PRO A CD    1 
ATOM   531  N N     . LEU A 1 67  ? 1.670   -11.557 4.603   1.00 27.92 ? 67  LEU A N     1 
ATOM   532  C CA    . LEU A 1 67  ? 2.616   -11.129 3.519   1.00 28.60 ? 67  LEU A CA    1 
ATOM   533  C C     . LEU A 1 67  ? 3.986   -11.405 4.124   1.00 28.52 ? 67  LEU A C     1 
ATOM   534  O O     . LEU A 1 67  ? 4.337   -10.773 5.148   1.00 29.16 ? 67  LEU A O     1 
ATOM   535  C CB    . LEU A 1 67  ? 2.257   -9.674  3.177   1.00 24.38 ? 67  LEU A CB    1 
ATOM   536  C CG    . LEU A 1 67  ? 1.003   -9.351  2.505   1.00 25.18 ? 67  LEU A CG    1 
ATOM   537  C CD1   . LEU A 1 67  ? 0.978   -7.841  2.234   1.00 23.29 ? 67  LEU A CD1   1 
ATOM   538  C CD2   . LEU A 1 67  ? 0.759   -10.074 1.185   1.00 21.97 ? 67  LEU A CD2   1 
ATOM   539  N N     . LYS A 1 68  ? 4.670   -12.391 3.581   1.00 30.69 ? 68  LYS A N     1 
ATOM   540  C CA    . LYS A 1 68  ? 5.961   -12.864 4.048   1.00 31.56 ? 68  LYS A CA    1 
ATOM   541  C C     . LYS A 1 68  ? 7.077   -11.870 3.921   1.00 31.08 ? 68  LYS A C     1 
ATOM   542  O O     . LYS A 1 68  ? 7.217   -11.186 2.879   1.00 32.18 ? 68  LYS A O     1 
ATOM   543  C CB    . LYS A 1 68  ? 6.255   -14.188 3.325   1.00 38.51 ? 68  LYS A CB    1 
ATOM   544  C CG    . LYS A 1 68  ? 7.471   -14.966 3.837   1.00 44.78 ? 68  LYS A CG    1 
ATOM   545  C CD    . LYS A 1 68  ? 7.190   -16.487 3.890   1.00 49.41 ? 68  LYS A CD    1 
ATOM   546  C CE    . LYS A 1 68  ? 8.210   -17.224 4.739   1.00 50.76 ? 68  LYS A CE    1 
ATOM   547  N NZ    . LYS A 1 68  ? 8.288   -18.687 4.457   1.00 51.68 ? 68  LYS A NZ    1 
ATOM   548  N N     . GLY A 1 69  ? 7.867   -11.753 4.933   1.00 27.50 ? 69  GLY A N     1 
ATOM   549  C CA    . GLY A 1 69  ? 9.072   -10.931 5.034   1.00 26.68 ? 69  GLY A CA    1 
ATOM   550  C C     . GLY A 1 69  ? 8.748   -9.519  5.445   1.00 30.86 ? 69  GLY A C     1 
ATOM   551  O O     . GLY A 1 69  ? 9.612   -8.617  5.398   1.00 33.77 ? 69  GLY A O     1 
ATOM   552  N N     . ARG A 1 70  ? 7.506   -9.340  5.844   1.00 25.16 ? 70  ARG A N     1 
ATOM   553  C CA    . ARG A 1 70  ? 7.079   -7.990  6.260   1.00 27.60 ? 70  ARG A CA    1 
ATOM   554  C C     . ARG A 1 70  ? 6.305   -8.136  7.583   1.00 26.38 ? 70  ARG A C     1 
ATOM   555  O O     . ARG A 1 70  ? 5.762   -9.214  7.766   1.00 24.88 ? 70  ARG A O     1 
ATOM   556  C CB    . ARG A 1 70  ? 6.206   -7.463  5.130   1.00 26.93 ? 70  ARG A CB    1 
ATOM   557  C CG    . ARG A 1 70  ? 7.040   -6.949  3.935   1.00 26.12 ? 70  ARG A CG    1 
ATOM   558  C CD    . ARG A 1 70  ? 6.013   -6.892  2.849   1.00 25.37 ? 70  ARG A CD    1 
ATOM   559  N NE    . ARG A 1 70  ? 5.915   -8.212  2.251   1.00 23.67 ? 70  ARG A NE    1 
ATOM   560  C CZ    . ARG A 1 70  ? 5.272   -8.667  1.229   1.00 23.68 ? 70  ARG A CZ    1 
ATOM   561  N NH1   . ARG A 1 70  ? 4.516   -7.951  0.387   1.00 27.49 ? 70  ARG A NH1   1 
ATOM   562  N NH2   . ARG A 1 70  ? 5.343   -9.998  1.124   1.00 25.11 ? 70  ARG A NH2   1 
ATOM   563  N N     . ILE A 1 71  ? 6.300   -7.152  8.418   1.00 28.90 ? 71  ILE A N     1 
ATOM   564  C CA    . ILE A 1 71  ? 5.577   -7.020  9.655   1.00 28.40 ? 71  ILE A CA    1 
ATOM   565  C C     . ILE A 1 71  ? 4.162   -6.615  9.157   1.00 29.86 ? 71  ILE A C     1 
ATOM   566  O O     . ILE A 1 71  ? 4.112   -5.534  8.474   1.00 28.68 ? 71  ILE A O     1 
ATOM   567  C CB    . ILE A 1 71  ? 6.174   -6.096  10.720  1.00 30.06 ? 71  ILE A CB    1 
ATOM   568  C CG1   . ILE A 1 71  ? 7.647   -6.501  11.027  1.00 31.80 ? 71  ILE A CG1   1 
ATOM   569  C CG2   . ILE A 1 71  ? 5.265   -6.002  11.963  1.00 25.91 ? 71  ILE A CG2   1 
ATOM   570  C CD1   . ILE A 1 71  ? 8.278   -5.353  11.898  1.00 37.17 ? 71  ILE A CD1   1 
ATOM   571  N N     . ASN A 1 72  ? 3.138   -7.373  9.513   1.00 26.56 ? 72  ASN A N     1 
ATOM   572  C CA    . ASN A 1 72  ? 1.762   -7.183  9.033   1.00 27.67 ? 72  ASN A CA    1 
ATOM   573  C C     . ASN A 1 72  ? 0.906   -6.570  10.116  1.00 29.09 ? 72  ASN A C     1 
ATOM   574  O O     . ASN A 1 72  ? 0.749   -7.248  11.149  1.00 29.48 ? 72  ASN A O     1 
ATOM   575  C CB    . ASN A 1 72  ? 1.095   -8.393  8.361   1.00 25.72 ? 72  ASN A CB    1 
ATOM   576  C CG    . ASN A 1 72  ? 1.669   -9.055  7.174   1.00 24.15 ? 72  ASN A CG    1 
ATOM   577  O OD1   . ASN A 1 72  ? 1.085   -9.622  6.229   1.00 26.44 ? 72  ASN A OD1   1 
ATOM   578  N ND2   . ASN A 1 72  ? 3.002   -9.216  7.076   1.00 24.76 ? 72  ASN A ND2   1 
ATOM   579  N N     . LEU A 1 73  ? 0.488   -5.326  9.900   1.00 24.99 ? 73  LEU A N     1 
ATOM   580  C CA    . LEU A 1 73  ? -0.342  -4.675  10.914  1.00 23.72 ? 73  LEU A CA    1 
ATOM   581  C C     . LEU A 1 73  ? -1.724  -4.505  10.312  1.00 24.55 ? 73  LEU A C     1 
ATOM   582  O O     . LEU A 1 73  ? -1.804  -3.986  9.182   1.00 24.01 ? 73  LEU A O     1 
ATOM   583  C CB    . LEU A 1 73  ? 0.196   -3.305  11.379  1.00 24.45 ? 73  LEU A CB    1 
ATOM   584  C CG    . LEU A 1 73  ? -0.353  -2.452  12.515  1.00 21.51 ? 73  LEU A CG    1 
ATOM   585  C CD1   . LEU A 1 73  ? 0.750   -1.550  13.114  1.00 23.97 ? 73  LEU A CD1   1 
ATOM   586  C CD2   . LEU A 1 73  ? -1.478  -1.558  11.993  1.00 21.37 ? 73  LEU A CD2   1 
ATOM   587  N N     . VAL A 1 74  ? -2.747  -4.912  11.071  1.00 24.92 ? 74  VAL A N     1 
ATOM   588  C CA    . VAL A 1 74  ? -4.108  -4.717  10.653  1.00 21.88 ? 74  VAL A CA    1 
ATOM   589  C C     . VAL A 1 74  ? -4.731  -3.599  11.458  1.00 23.91 ? 74  VAL A C     1 
ATOM   590  O O     . VAL A 1 74  ? -4.474  -3.436  12.692  1.00 25.46 ? 74  VAL A O     1 
ATOM   591  C CB    . VAL A 1 74  ? -4.926  -6.033  10.644  1.00 20.70 ? 74  VAL A CB    1 
ATOM   592  C CG1   . VAL A 1 74  ? -6.352  -5.718  10.270  1.00 20.14 ? 74  VAL A CG1   1 
ATOM   593  C CG2   . VAL A 1 74  ? -4.378  -7.143  9.723   1.00 20.71 ? 74  VAL A CG2   1 
ATOM   594  N N     . LEU A 1 75  ? -5.517  -2.707  10.851  1.00 24.84 ? 75  LEU A N     1 
ATOM   595  C CA    . LEU A 1 75  ? -6.216  -1.595  11.491  1.00 22.45 ? 75  LEU A CA    1 
ATOM   596  C C     . LEU A 1 75  ? -7.702  -1.959  11.672  1.00 23.38 ? 75  LEU A C     1 
ATOM   597  O O     . LEU A 1 75  ? -8.386  -2.443  10.755  1.00 26.86 ? 75  LEU A O     1 
ATOM   598  C CB    . LEU A 1 75  ? -6.152  -0.246  10.779  1.00 22.77 ? 75  LEU A CB    1 
ATOM   599  C CG    . LEU A 1 75  ? -4.878  0.508   10.625  1.00 23.32 ? 75  LEU A CG    1 
ATOM   600  C CD1   . LEU A 1 75  ? -5.162  1.659   9.606   1.00 25.09 ? 75  LEU A CD1   1 
ATOM   601  C CD2   . LEU A 1 75  ? -4.315  0.989   11.901  1.00 24.93 ? 75  LEU A CD2   1 
ATOM   602  N N     . SER A 1 76  ? -8.242  -1.741  12.884  1.00 25.91 ? 76  SER A N     1 
ATOM   603  C CA    . SER A 1 76  ? -9.654  -2.036  13.173  1.00 24.07 ? 76  SER A CA    1 
ATOM   604  C C     . SER A 1 76  ? -10.078 -1.461  14.548  1.00 26.99 ? 76  SER A C     1 
ATOM   605  O O     . SER A 1 76  ? -9.279  -1.593  15.468  1.00 29.02 ? 76  SER A O     1 
ATOM   606  C CB    . SER A 1 76  ? -9.933  -3.506  13.210  1.00 24.60 ? 76  SER A CB    1 
ATOM   607  O OG    . SER A 1 76  ? -11.228 -4.027  13.521  1.00 27.79 ? 76  SER A OG    1 
ATOM   608  N N     . ARG A 1 77  ? -11.289 -0.929  14.602  1.00 30.34 ? 77  ARG A N     1 
ATOM   609  C CA    . ARG A 1 77  ? -11.747 -0.492  15.946  1.00 38.36 ? 77  ARG A CA    1 
ATOM   610  C C     . ARG A 1 77  ? -12.593 -1.583  16.566  1.00 37.58 ? 77  ARG A C     1 
ATOM   611  O O     . ARG A 1 77  ? -12.981 -1.375  17.729  1.00 39.26 ? 77  ARG A O     1 
ATOM   612  C CB    . ARG A 1 77  ? -12.589 0.803   15.832  1.00 40.46 ? 77  ARG A CB    1 
ATOM   613  C CG    . ARG A 1 77  ? -11.584 1.802   15.256  1.00 44.42 ? 77  ARG A CG    1 
ATOM   614  C CD    . ARG A 1 77  ? -12.060 3.148   14.862  1.00 49.15 ? 77  ARG A CD    1 
ATOM   615  N NE    . ARG A 1 77  ? -11.029 3.625   13.895  1.00 53.99 ? 77  ARG A NE    1 
ATOM   616  C CZ    . ARG A 1 77  ? -11.250 4.487   12.877  1.00 57.99 ? 77  ARG A CZ    1 
ATOM   617  N NH1   . ARG A 1 77  ? -12.399 5.140   12.613  1.00 58.87 ? 77  ARG A NH1   1 
ATOM   618  N NH2   . ARG A 1 77  ? -10.249 4.739   11.986  1.00 57.36 ? 77  ARG A NH2   1 
ATOM   619  N N     . GLU A 1 78  ? -12.876 -2.639  15.830  1.00 37.44 ? 78  GLU A N     1 
ATOM   620  C CA    . GLU A 1 78  ? -13.754 -3.723  16.263  1.00 36.59 ? 78  GLU A CA    1 
ATOM   621  C C     . GLU A 1 78  ? -13.107 -5.023  16.656  1.00 37.29 ? 78  GLU A C     1 
ATOM   622  O O     . GLU A 1 78  ? -13.761 -5.696  17.551  1.00 36.90 ? 78  GLU A O     1 
ATOM   623  C CB    . GLU A 1 78  ? -14.814 -3.994  15.242  1.00 40.74 ? 78  GLU A CB    1 
ATOM   624  C CG    . GLU A 1 78  ? -15.967 -3.166  14.689  1.00 44.69 ? 78  GLU A CG    1 
ATOM   625  C CD    . GLU A 1 78  ? -16.672 -4.071  13.667  1.00 48.40 ? 78  GLU A CD    1 
ATOM   626  O OE1   . GLU A 1 78  ? -15.978 -5.039  13.283  1.00 48.74 ? 78  GLU A OE1   1 
ATOM   627  O OE2   . GLU A 1 78  ? -17.866 -3.871  13.308  1.00 48.05 ? 78  GLU A OE2   1 
ATOM   628  N N     . LEU A 1 79  ? -11.949 -5.402  16.151  1.00 31.99 ? 79  LEU A N     1 
ATOM   629  C CA    . LEU A 1 79  ? -11.207 -6.601  16.522  1.00 33.53 ? 79  LEU A CA    1 
ATOM   630  C C     . LEU A 1 79  ? -10.625 -6.413  17.935  1.00 37.06 ? 79  LEU A C     1 
ATOM   631  O O     . LEU A 1 79  ? -10.318 -5.261  18.251  1.00 41.29 ? 79  LEU A O     1 
ATOM   632  C CB    . LEU A 1 79  ? -10.088 -6.964  15.501  1.00 30.86 ? 79  LEU A CB    1 
ATOM   633  C CG    . LEU A 1 79  ? -10.637 -7.214  14.093  1.00 27.09 ? 79  LEU A CG    1 
ATOM   634  C CD1   . LEU A 1 79  ? -9.521  -7.640  13.187  1.00 29.97 ? 79  LEU A CD1   1 
ATOM   635  C CD2   . LEU A 1 79  ? -11.788 -8.281  14.136  1.00 27.83 ? 79  LEU A CD2   1 
ATOM   636  N N     . LYS A 1 80  ? -10.514 -7.499  18.652  1.00 38.53 ? 80  LYS A N     1 
ATOM   637  C CA    . LYS A 1 80  ? -9.991  -7.546  20.025  1.00 41.19 ? 80  LYS A CA    1 
ATOM   638  C C     . LYS A 1 80  ? -8.526  -7.970  20.018  1.00 38.31 ? 80  LYS A C     1 
ATOM   639  O O     . LYS A 1 80  ? -7.708  -7.626  20.889  1.00 40.24 ? 80  LYS A O     1 
ATOM   640  C CB    . LYS A 1 80  ? -10.731 -8.483  20.959  1.00 46.53 ? 80  LYS A CB    1 
ATOM   641  C CG    . LYS A 1 80  ? -12.007 -7.888  21.610  1.00 50.97 ? 80  LYS A CG    1 
ATOM   642  C CD    . LYS A 1 80  ? -12.478 -8.879  22.721  1.00 55.20 ? 80  LYS A CD    1 
ATOM   643  C CE    . LYS A 1 80  ? -13.966 -9.128  22.594  1.00 58.33 ? 80  LYS A CE    1 
ATOM   644  N NZ    . LYS A 1 80  ? -14.465 -10.405 23.211  1.00 60.81 ? 80  LYS A NZ    1 
ATOM   645  N N     . GLU A 1 81  ? -8.194  -8.668  18.963  1.00 33.03 ? 81  GLU A N     1 
ATOM   646  C CA    . GLU A 1 81  ? -6.775  -9.100  18.786  1.00 33.30 ? 81  GLU A CA    1 
ATOM   647  C C     . GLU A 1 81  ? -6.585  -9.224  17.290  1.00 33.32 ? 81  GLU A C     1 
ATOM   648  O O     . GLU A 1 81  ? -7.553  -9.217  16.514  1.00 32.53 ? 81  GLU A O     1 
ATOM   649  C CB    . GLU A 1 81  ? -6.533  -10.425 19.516  1.00 34.44 ? 81  GLU A CB    1 
ATOM   650  C CG    . GLU A 1 81  ? -7.457  -11.579 19.068  1.00 35.02 ? 81  GLU A CG    1 
ATOM   651  C CD    . GLU A 1 81  ? -7.149  -12.890 19.704  1.00 36.20 ? 81  GLU A CD    1 
ATOM   652  O OE1   . GLU A 1 81  ? -6.519  -13.818 19.227  1.00 39.89 ? 81  GLU A OE1   1 
ATOM   653  O OE2   . GLU A 1 81  ? -7.558  -13.019 20.887  1.00 38.43 ? 81  GLU A OE2   1 
ATOM   654  N N     . PRO A 1 82  ? -5.327  -9.289  16.863  1.00 33.80 ? 82  PRO A N     1 
ATOM   655  C CA    . PRO A 1 82  ? -5.019  -9.443  15.434  1.00 33.76 ? 82  PRO A CA    1 
ATOM   656  C C     . PRO A 1 82  ? -5.629  -10.732 14.896  1.00 31.29 ? 82  PRO A C     1 
ATOM   657  O O     . PRO A 1 82  ? -5.641  -11.781 15.569  1.00 33.82 ? 82  PRO A O     1 
ATOM   658  C CB    . PRO A 1 82  ? -3.477  -9.591  15.386  1.00 32.55 ? 82  PRO A CB    1 
ATOM   659  C CG    . PRO A 1 82  ? -3.011  -8.945  16.707  1.00 33.60 ? 82  PRO A CG    1 
ATOM   660  C CD    . PRO A 1 82  ? -4.122  -9.273  17.694  1.00 34.46 ? 82  PRO A CD    1 
ATOM   661  N N     . PRO A 1 83  ? -6.106  -10.696 13.651  1.00 30.52 ? 83  PRO A N     1 
ATOM   662  C CA    . PRO A 1 83  ? -6.691  -11.876 13.017  1.00 30.56 ? 83  PRO A CA    1 
ATOM   663  C C     . PRO A 1 83  ? -5.633  -12.950 12.881  1.00 32.57 ? 83  PRO A C     1 
ATOM   664  O O     . PRO A 1 83  ? -4.456  -12.635 12.906  1.00 34.89 ? 83  PRO A O     1 
ATOM   665  C CB    . PRO A 1 83  ? -7.151  -11.375 11.656  1.00 27.80 ? 83  PRO A CB    1 
ATOM   666  C CG    . PRO A 1 83  ? -6.891  -9.934  11.596  1.00 29.70 ? 83  PRO A CG    1 
ATOM   667  C CD    . PRO A 1 83  ? -6.150  -9.458  12.827  1.00 29.21 ? 83  PRO A CD    1 
ATOM   668  N N     . GLN A 1 84  ? -6.051  -14.185 12.689  1.00 34.54 ? 84  GLN A N     1 
ATOM   669  C CA    . GLN A 1 84  ? -5.107  -15.300 12.529  1.00 35.83 ? 84  GLN A CA    1 
ATOM   670  C C     . GLN A 1 84  ? -4.129  -14.934 11.389  1.00 31.77 ? 84  GLN A C     1 
ATOM   671  O O     . GLN A 1 84  ? -4.583  -14.670 10.283  1.00 31.86 ? 84  GLN A O     1 
ATOM   672  C CB    . GLN A 1 84  ? -5.874  -16.572 12.189  1.00 38.67 ? 84  GLN A CB    1 
ATOM   673  C CG    . GLN A 1 84  ? -4.953  -17.687 11.699  1.00 45.22 ? 84  GLN A CG    1 
ATOM   674  C CD    . GLN A 1 84  ? -5.801  -18.935 11.494  1.00 50.34 ? 84  GLN A CD    1 
ATOM   675  O OE1   . GLN A 1 84  ? -6.729  -18.976 10.692  1.00 50.87 ? 84  GLN A OE1   1 
ATOM   676  N NE2   . GLN A 1 84  ? -5.486  -19.988 12.260  1.00 52.84 ? 84  GLN A NE2   1 
ATOM   677  N N     . GLY A 1 85  ? -2.871  -14.970 11.696  1.00 29.34 ? 85  GLY A N     1 
ATOM   678  C CA    . GLY A 1 85  ? -1.750  -14.736 10.805  1.00 29.62 ? 85  GLY A CA    1 
ATOM   679  C C     . GLY A 1 85  ? -1.127  -13.396 10.851  1.00 26.62 ? 85  GLY A C     1 
ATOM   680  O O     . GLY A 1 85  ? 0.094   -13.274 10.526  1.00 31.80 ? 85  GLY A O     1 
ATOM   681  N N     . ALA A 1 86  ? -1.807  -12.401 11.379  1.00 26.38 ? 86  ALA A N     1 
ATOM   682  C CA    . ALA A 1 86  ? -1.361  -11.029 11.498  1.00 28.85 ? 86  ALA A CA    1 
ATOM   683  C C     . ALA A 1 86  ? -0.500  -10.839 12.731  1.00 31.34 ? 86  ALA A C     1 
ATOM   684  O O     . ALA A 1 86  ? -0.595  -11.633 13.654  1.00 34.45 ? 86  ALA A O     1 
ATOM   685  C CB    . ALA A 1 86  ? -2.489  -10.005 11.409  1.00 28.56 ? 86  ALA A CB    1 
ATOM   686  N N     . HIS A 1 87  ? 0.370   -9.835  12.636  1.00 29.25 ? 87  HIS A N     1 
ATOM   687  C CA    . HIS A 1 87  ? 1.310   -9.601  13.745  1.00 28.99 ? 87  HIS A CA    1 
ATOM   688  C C     . HIS A 1 87  ? 0.796   -8.555  14.704  1.00 29.50 ? 87  HIS A C     1 
ATOM   689  O O     . HIS A 1 87  ? 0.986   -8.806  15.943  1.00 28.62 ? 87  HIS A O     1 
ATOM   690  C CB    . HIS A 1 87  ? 2.769   -9.304  13.287  1.00 29.26 ? 87  HIS A CB    1 
ATOM   691  C CG    . HIS A 1 87  ? 3.225   -10.111 12.116  1.00 28.91 ? 87  HIS A CG    1 
ATOM   692  N ND1   . HIS A 1 87  ? 3.391   -11.469 12.294  1.00 31.44 ? 87  HIS A ND1   1 
ATOM   693  C CD2   . HIS A 1 87  ? 3.560   -9.916  10.851  1.00 26.24 ? 87  HIS A CD2   1 
ATOM   694  C CE1   . HIS A 1 87  ? 3.820   -12.120 11.246  1.00 28.85 ? 87  HIS A CE1   1 
ATOM   695  N NE2   . HIS A 1 87  ? 3.921   -11.179 10.332  1.00 30.97 ? 87  HIS A NE2   1 
ATOM   696  N N     . PHE A 1 88  ? 0.228   -7.459  14.314  1.00 29.20 ? 88  PHE A N     1 
ATOM   697  C CA    . PHE A 1 88  ? -0.224  -6.396  15.204  1.00 29.18 ? 88  PHE A CA    1 
ATOM   698  C C     . PHE A 1 88  ? -1.585  -5.918  14.790  1.00 29.13 ? 88  PHE A C     1 
ATOM   699  O O     . PHE A 1 88  ? -1.915  -6.093  13.622  1.00 27.03 ? 88  PHE A O     1 
ATOM   700  C CB    . PHE A 1 88  ? 0.829   -5.241  15.152  1.00 28.48 ? 88  PHE A CB    1 
ATOM   701  C CG    . PHE A 1 88  ? 2.156   -5.626  15.710  1.00 29.38 ? 88  PHE A CG    1 
ATOM   702  C CD1   . PHE A 1 88  ? 2.350   -5.523  17.126  1.00 29.76 ? 88  PHE A CD1   1 
ATOM   703  C CD2   . PHE A 1 88  ? 3.178   -6.178  14.950  1.00 28.42 ? 88  PHE A CD2   1 
ATOM   704  C CE1   . PHE A 1 88  ? 3.565   -5.951  17.674  1.00 29.89 ? 88  PHE A CE1   1 
ATOM   705  C CE2   . PHE A 1 88  ? 4.411   -6.568  15.496  1.00 26.75 ? 88  PHE A CE2   1 
ATOM   706  C CZ    . PHE A 1 88  ? 4.590   -6.442  16.871  1.00 29.22 ? 88  PHE A CZ    1 
ATOM   707  N N     . LEU A 1 89  ? -2.303  -5.339  15.758  1.00 29.61 ? 89  LEU A N     1 
ATOM   708  C CA    . LEU A 1 89  ? -3.635  -4.793  15.515  1.00 28.31 ? 89  LEU A CA    1 
ATOM   709  C C     . LEU A 1 89  ? -3.592  -3.366  16.007  1.00 29.45 ? 89  LEU A C     1 
ATOM   710  O O     . LEU A 1 89  ? -3.049  -3.148  17.099  1.00 33.11 ? 89  LEU A O     1 
ATOM   711  C CB    . LEU A 1 89  ? -4.761  -5.727  16.050  1.00 29.92 ? 89  LEU A CB    1 
ATOM   712  C CG    . LEU A 1 89  ? -5.943  -4.777  16.345  1.00 32.99 ? 89  LEU A CG    1 
ATOM   713  C CD1   . LEU A 1 89  ? -6.713  -4.512  15.062  1.00 30.68 ? 89  LEU A CD1   1 
ATOM   714  C CD2   . LEU A 1 89  ? -6.848  -5.309  17.438  1.00 34.18 ? 89  LEU A CD2   1 
ATOM   715  N N     . SER A 1 90  ? -4.071  -2.326  15.361  1.00 31.14 ? 90  SER A N     1 
ATOM   716  C CA    . SER A 1 90  ? -4.098  -0.959  15.861  1.00 32.64 ? 90  SER A CA    1 
ATOM   717  C C     . SER A 1 90  ? -5.486  -0.439  15.606  1.00 33.03 ? 90  SER A C     1 
ATOM   718  O O     . SER A 1 90  ? -6.096  -1.015  14.698  1.00 30.25 ? 90  SER A O     1 
ATOM   719  C CB    . SER A 1 90  ? -3.146  0.082   15.345  1.00 31.15 ? 90  SER A CB    1 
ATOM   720  O OG    . SER A 1 90  ? -1.837  -0.329  15.621  1.00 32.96 ? 90  SER A OG    1 
ATOM   721  N N     . ARG A 1 91  ? -5.845  0.555   16.435  1.00 34.72 ? 91  ARG A N     1 
ATOM   722  C CA    . ARG A 1 91  ? -7.207  1.100   16.328  1.00 39.11 ? 91  ARG A CA    1 
ATOM   723  C C     . ARG A 1 91  ? -7.282  2.348   15.495  1.00 37.68 ? 91  ARG A C     1 
ATOM   724  O O     . ARG A 1 91  ? -8.358  2.892   15.217  1.00 39.45 ? 91  ARG A O     1 
ATOM   725  C CB    . ARG A 1 91  ? -7.817  1.344   17.705  1.00 40.70 ? 91  ARG A CB    1 
ATOM   726  C CG    . ARG A 1 91  ? -8.111  0.094   18.524  1.00 46.67 ? 91  ARG A CG    1 
ATOM   727  C CD    . ARG A 1 91  ? -9.281  -0.664  17.979  1.00 50.79 ? 91  ARG A CD    1 
ATOM   728  N NE    . ARG A 1 91  ? -9.934  -1.579  18.966  1.00 53.21 ? 91  ARG A NE    1 
ATOM   729  C CZ    . ARG A 1 91  ? -9.281  -2.777  19.066  1.00 52.15 ? 91  ARG A CZ    1 
ATOM   730  N NH1   . ARG A 1 91  ? -9.295  -3.532  20.160  1.00 51.11 ? 91  ARG A NH1   1 
ATOM   731  N NH2   . ARG A 1 91  ? -8.706  -3.059  17.899  1.00 49.36 ? 91  ARG A NH2   1 
ATOM   732  N N     . SER A 1 92  ? -6.102  2.816   15.155  1.00 37.97 ? 92  SER A N     1 
ATOM   733  C CA    . SER A 1 92  ? -6.029  4.019   14.272  1.00 37.02 ? 92  SER A CA    1 
ATOM   734  C C     . SER A 1 92  ? -4.668  4.120   13.619  1.00 34.49 ? 92  SER A C     1 
ATOM   735  O O     . SER A 1 92  ? -3.698  3.512   14.054  1.00 31.17 ? 92  SER A O     1 
ATOM   736  C CB    . SER A 1 92  ? -6.350  5.317   15.046  1.00 38.90 ? 92  SER A CB    1 
ATOM   737  O OG    . SER A 1 92  ? -5.203  5.707   15.790  1.00 38.05 ? 92  SER A OG    1 
ATOM   738  N N     . LEU A 1 93  ? -4.515  4.900   12.597  1.00 36.45 ? 93  LEU A N     1 
ATOM   739  C CA    . LEU A 1 93  ? -3.226  5.081   11.929  1.00 37.78 ? 93  LEU A CA    1 
ATOM   740  C C     . LEU A 1 93  ? -2.201  5.756   12.825  1.00 38.53 ? 93  LEU A C     1 
ATOM   741  O O     . LEU A 1 93  ? -1.023  5.386   12.644  1.00 39.38 ? 93  LEU A O     1 
ATOM   742  C CB    . LEU A 1 93  ? -3.466  5.742   10.563  1.00 37.24 ? 93  LEU A CB    1 
ATOM   743  C CG    . LEU A 1 93  ? -2.201  6.150   9.840   1.00 37.43 ? 93  LEU A CG    1 
ATOM   744  C CD1   . LEU A 1 93  ? -1.520  5.008   9.093   1.00 37.97 ? 93  LEU A CD1   1 
ATOM   745  C CD2   . LEU A 1 93  ? -2.620  7.154   8.756   1.00 39.41 ? 93  LEU A CD2   1 
ATOM   746  N N     . ASP A 1 94  ? -2.482  6.661   13.752  1.00 39.60 ? 94  ASP A N     1 
ATOM   747  C CA    . ASP A 1 94  ? -1.421  7.238   14.609  1.00 42.46 ? 94  ASP A CA    1 
ATOM   748  C C     . ASP A 1 94  ? -0.875  6.211   15.593  1.00 40.44 ? 94  ASP A C     1 
ATOM   749  O O     . ASP A 1 94  ? 0.332   6.255   15.848  1.00 43.10 ? 94  ASP A O     1 
ATOM   750  C CB    . ASP A 1 94  ? -1.837  8.504   15.354  1.00 46.64 ? 94  ASP A CB    1 
ATOM   751  C CG    . ASP A 1 94  ? -2.117  9.535   14.254  1.00 48.28 ? 94  ASP A CG    1 
ATOM   752  O OD1   . ASP A 1 94  ? -3.191  10.144  14.338  1.00 48.52 ? 94  ASP A OD1   1 
ATOM   753  O OD2   . ASP A 1 94  ? -1.212  9.533   13.360  1.00 49.27 ? 94  ASP A OD2   1 
ATOM   754  N N     . ASP A 1 95  ? -1.694  5.356   16.128  1.00 38.78 ? 95  ASP A N     1 
ATOM   755  C CA    . ASP A 1 95  ? -1.190  4.331   17.056  1.00 39.77 ? 95  ASP A CA    1 
ATOM   756  C C     . ASP A 1 95  ? -0.298  3.383   16.254  1.00 38.14 ? 95  ASP A C     1 
ATOM   757  O O     . ASP A 1 95  ? 0.664   2.799   16.818  1.00 40.90 ? 95  ASP A O     1 
ATOM   758  C CB    . ASP A 1 95  ? -2.337  3.636   17.769  1.00 42.83 ? 95  ASP A CB    1 
ATOM   759  C CG    . ASP A 1 95  ? -3.311  4.492   18.522  1.00 46.45 ? 95  ASP A CG    1 
ATOM   760  O OD1   . ASP A 1 95  ? -3.188  5.733   18.645  1.00 48.72 ? 95  ASP A OD1   1 
ATOM   761  O OD2   . ASP A 1 95  ? -4.315  3.949   19.045  1.00 47.18 ? 95  ASP A OD2   1 
ATOM   762  N N     . ALA A 1 96  ? -0.699  3.184   14.978  1.00 33.26 ? 96  ALA A N     1 
ATOM   763  C CA    . ALA A 1 96  ? 0.144   2.258   14.185  1.00 32.85 ? 96  ALA A CA    1 
ATOM   764  C C     . ALA A 1 96  ? 1.538   2.911   14.077  1.00 32.20 ? 96  ALA A C     1 
ATOM   765  O O     . ALA A 1 96  ? 2.525   2.218   14.122  1.00 33.15 ? 96  ALA A O     1 
ATOM   766  C CB    . ALA A 1 96  ? -0.414  1.988   12.807  1.00 29.60 ? 96  ALA A CB    1 
ATOM   767  N N     . LEU A 1 97  ? 1.555   4.182   13.857  1.00 35.37 ? 97  LEU A N     1 
ATOM   768  C CA    . LEU A 1 97  ? 2.864   4.904   13.706  1.00 39.15 ? 97  LEU A CA    1 
ATOM   769  C C     . LEU A 1 97  ? 3.516   5.076   15.069  1.00 40.59 ? 97  LEU A C     1 
ATOM   770  O O     . LEU A 1 97  ? 4.729   4.982   15.130  1.00 43.46 ? 97  LEU A O     1 
ATOM   771  C CB    . LEU A 1 97  ? 2.603   6.195   12.914  1.00 38.00 ? 97  LEU A CB    1 
ATOM   772  C CG    . LEU A 1 97  ? 1.876   6.090   11.625  1.00 38.08 ? 97  LEU A CG    1 
ATOM   773  C CD1   . LEU A 1 97  ? 1.435   7.399   10.961  1.00 40.34 ? 97  LEU A CD1   1 
ATOM   774  C CD2   . LEU A 1 97  ? 2.857   5.353   10.651  1.00 36.67 ? 97  LEU A CD2   1 
ATOM   775  N N     . LYS A 1 98  ? 2.749   5.338   16.126  1.00 44.04 ? 98  LYS A N     1 
ATOM   776  C CA    . LYS A 1 98  ? 3.311   5.509   17.484  1.00 45.24 ? 98  LYS A CA    1 
ATOM   777  C C     . LYS A 1 98  ? 4.043   4.234   17.842  1.00 46.25 ? 98  LYS A C     1 
ATOM   778  O O     . LYS A 1 98  ? 5.111   4.342   18.413  1.00 48.56 ? 98  LYS A O     1 
ATOM   779  C CB    . LYS A 1 98  ? 2.346   5.728   18.648  1.00 45.52 ? 98  LYS A CB    1 
ATOM   780  C CG    . LYS A 1 98  ? 1.927   7.182   18.813  1.00 48.64 ? 98  LYS A CG    1 
ATOM   781  C CD    . LYS A 1 98  ? 0.651   7.294   19.668  1.00 49.24 ? 98  LYS A CD    1 
ATOM   782  C CE    . LYS A 1 98  ? -0.353  8.282   19.080  1.00 49.47 ? 98  LYS A CE    1 
ATOM   783  N NZ    . LYS A 1 98  ? -1.756  7.767   19.284  1.00 50.32 ? 98  LYS A NZ    1 
ATOM   784  N N     . LEU A 1 99  ? 3.515   3.104   17.491  1.00 46.72 ? 99  LEU A N     1 
ATOM   785  C CA    . LEU A 1 99  ? 4.099   1.781   17.793  1.00 48.84 ? 99  LEU A CA    1 
ATOM   786  C C     . LEU A 1 99  ? 5.421   1.522   17.125  1.00 49.94 ? 99  LEU A C     1 
ATOM   787  O O     . LEU A 1 99  ? 6.224   0.733   17.658  1.00 52.34 ? 99  LEU A O     1 
ATOM   788  C CB    . LEU A 1 99  ? 2.929   0.846   17.511  1.00 47.34 ? 99  LEU A CB    1 
ATOM   789  C CG    . LEU A 1 99  ? 2.927   -0.620  17.250  1.00 48.26 ? 99  LEU A CG    1 
ATOM   790  C CD1   . LEU A 1 99  ? 1.648   -0.998  16.465  1.00 47.69 ? 99  LEU A CD1   1 
ATOM   791  C CD2   . LEU A 1 99  ? 4.167   -1.019  16.459  1.00 47.69 ? 99  LEU A CD2   1 
ATOM   792  N N     . THR A 1 100 ? 5.717   2.149   15.997  1.00 52.82 ? 100 THR A N     1 
ATOM   793  C CA    . THR A 1 100 ? 6.964   1.974   15.253  1.00 53.16 ? 100 THR A CA    1 
ATOM   794  C C     . THR A 1 100 ? 8.144   2.488   16.085  1.00 54.55 ? 100 THR A C     1 
ATOM   795  O O     . THR A 1 100 ? 9.280   2.039   15.885  1.00 51.85 ? 100 THR A O     1 
ATOM   796  C CB    . THR A 1 100 ? 6.987   2.654   13.829  1.00 53.80 ? 100 THR A CB    1 
ATOM   797  O OG1   . THR A 1 100 ? 6.904   4.122   14.003  1.00 53.76 ? 100 THR A OG1   1 
ATOM   798  C CG2   . THR A 1 100 ? 5.934   2.109   12.865  1.00 54.37 ? 100 THR A CG2   1 
ATOM   799  N N     . GLU A 1 101 ? 7.732   3.403   16.950  1.00 55.70 ? 101 GLU A N     1 
ATOM   800  C CA    . GLU A 1 101 ? 8.551   4.138   17.894  1.00 59.40 ? 101 GLU A CA    1 
ATOM   801  C C     . GLU A 1 101 ? 8.772   3.425   19.234  1.00 60.12 ? 101 GLU A C     1 
ATOM   802  O O     . GLU A 1 101 ? 9.580   3.918   20.042  1.00 60.30 ? 101 GLU A O     1 
ATOM   803  C CB    . GLU A 1 101 ? 8.007   5.521   18.215  1.00 61.28 ? 101 GLU A CB    1 
ATOM   804  C CG    . GLU A 1 101 ? 7.568   6.576   17.253  1.00 65.18 ? 101 GLU A CG    1 
ATOM   805  C CD    . GLU A 1 101 ? 8.421   7.292   16.270  1.00 67.10 ? 101 GLU A CD    1 
ATOM   806  O OE1   . GLU A 1 101 ? 9.626   7.549   16.345  1.00 69.00 ? 101 GLU A OE1   1 
ATOM   807  O OE2   . GLU A 1 101 ? 7.756   7.660   15.255  1.00 68.42 ? 101 GLU A OE2   1 
ATOM   808  N N     . GLN A 1 102 ? 8.097   2.338   19.497  1.00 60.30 ? 102 GLN A N     1 
ATOM   809  C CA    . GLN A 1 102 ? 8.294   1.531   20.703  1.00 62.79 ? 102 GLN A CA    1 
ATOM   810  C C     . GLN A 1 102 ? 9.625   0.815   20.395  1.00 63.87 ? 102 GLN A C     1 
ATOM   811  O O     . GLN A 1 102 ? 9.795   0.271   19.308  1.00 65.08 ? 102 GLN A O     1 
ATOM   812  C CB    . GLN A 1 102 ? 7.290   0.417   20.964  1.00 62.82 ? 102 GLN A CB    1 
ATOM   813  C CG    . GLN A 1 102 ? 5.851   0.893   21.063  1.00 65.07 ? 102 GLN A CG    1 
ATOM   814  C CD    . GLN A 1 102 ? 5.723   2.074   22.003  1.00 65.62 ? 102 GLN A CD    1 
ATOM   815  O OE1   . GLN A 1 102 ? 6.126   1.939   23.161  1.00 67.94 ? 102 GLN A OE1   1 
ATOM   816  N NE2   . GLN A 1 102 ? 5.204   3.199   21.532  1.00 65.22 ? 102 GLN A NE2   1 
ATOM   817  N N     . PRO A 1 103 ? 10.515  0.833   21.350  1.00 66.16 ? 103 PRO A N     1 
ATOM   818  C CA    . PRO A 1 103 ? 11.837  0.203   21.224  1.00 66.66 ? 103 PRO A CA    1 
ATOM   819  C C     . PRO A 1 103 ? 11.731  -1.205  20.655  1.00 67.77 ? 103 PRO A C     1 
ATOM   820  O O     . PRO A 1 103 ? 12.707  -1.806  20.166  1.00 66.52 ? 103 PRO A O     1 
ATOM   821  C CB    . PRO A 1 103 ? 12.421  0.262   22.632  1.00 66.59 ? 103 PRO A CB    1 
ATOM   822  C CG    . PRO A 1 103 ? 11.233  0.560   23.523  1.00 66.75 ? 103 PRO A CG    1 
ATOM   823  C CD    . PRO A 1 103 ? 10.363  1.498   22.671  1.00 66.23 ? 103 PRO A CD    1 
ATOM   824  N N     . GLU A 1 104 ? 10.516  -1.711  20.714  1.00 68.92 ? 104 GLU A N     1 
ATOM   825  C CA    . GLU A 1 104 ? 10.153  -3.052  20.217  1.00 70.59 ? 104 GLU A CA    1 
ATOM   826  C C     . GLU A 1 104 ? 10.188  -3.134  18.697  1.00 69.73 ? 104 GLU A C     1 
ATOM   827  O O     . GLU A 1 104 ? 10.899  -4.006  18.152  1.00 70.88 ? 104 GLU A O     1 
ATOM   828  C CB    . GLU A 1 104 ? 8.777   -3.429  20.743  1.00 73.11 ? 104 GLU A CB    1 
ATOM   829  C CG    . GLU A 1 104 ? 7.548   -2.638  20.298  1.00 76.17 ? 104 GLU A CG    1 
ATOM   830  C CD    . GLU A 1 104 ? 6.273   -3.064  20.975  1.00 77.57 ? 104 GLU A CD    1 
ATOM   831  O OE1   . GLU A 1 104 ? 6.273   -3.852  21.900  1.00 77.95 ? 104 GLU A OE1   1 
ATOM   832  O OE2   . GLU A 1 104 ? 5.235   -2.555  20.500  1.00 79.33 ? 104 GLU A OE2   1 
ATOM   833  N N     . LEU A 1 105 ? 9.455   -2.273  18.011  1.00 67.21 ? 105 LEU A N     1 
ATOM   834  C CA    . LEU A 1 105 ? 9.413   -2.207  16.545  1.00 64.61 ? 105 LEU A CA    1 
ATOM   835  C C     . LEU A 1 105 ? 10.528  -1.264  16.095  1.00 63.68 ? 105 LEU A C     1 
ATOM   836  O O     . LEU A 1 105 ? 10.945  -1.206  14.940  1.00 61.46 ? 105 LEU A O     1 
ATOM   837  C CB    . LEU A 1 105 ? 8.009   -1.861  16.047  1.00 63.90 ? 105 LEU A CB    1 
ATOM   838  C CG    . LEU A 1 105 ? 7.162   -3.152  16.006  1.00 63.23 ? 105 LEU A CG    1 
ATOM   839  C CD1   . LEU A 1 105 ? 5.818   -2.914  15.350  1.00 63.02 ? 105 LEU A CD1   1 
ATOM   840  C CD2   . LEU A 1 105 ? 7.996   -4.199  15.268  1.00 62.60 ? 105 LEU A CD2   1 
ATOM   841  N N     . ALA A 1 106 ? 11.012  -0.553  17.098  1.00 64.93 ? 106 ALA A N     1 
ATOM   842  C CA    . ALA A 1 106 ? 12.106  0.411   16.830  1.00 66.54 ? 106 ALA A CA    1 
ATOM   843  C C     . ALA A 1 106 ? 13.318  -0.356  16.297  1.00 66.55 ? 106 ALA A C     1 
ATOM   844  O O     . ALA A 1 106 ? 13.751  -1.414  16.814  1.00 67.54 ? 106 ALA A O     1 
ATOM   845  C CB    . ALA A 1 106 ? 12.383  1.283   18.050  1.00 66.69 ? 106 ALA A CB    1 
ATOM   846  N N     . ASN A 1 107 ? 13.861  0.196   15.223  1.00 65.66 ? 107 ASN A N     1 
ATOM   847  C CA    . ASN A 1 107 ? 15.060  -0.436  14.631  1.00 65.72 ? 107 ASN A CA    1 
ATOM   848  C C     . ASN A 1 107 ? 14.869  -1.849  14.154  1.00 62.16 ? 107 ASN A C     1 
ATOM   849  O O     . ASN A 1 107 ? 15.836  -2.642  14.141  1.00 62.39 ? 107 ASN A O     1 
ATOM   850  C CB    . ASN A 1 107 ? 16.185  -0.340  15.688  1.00 69.58 ? 107 ASN A CB    1 
ATOM   851  C CG    . ASN A 1 107 ? 16.672  1.086   15.943  1.00 73.02 ? 107 ASN A CG    1 
ATOM   852  O OD1   . ASN A 1 107 ? 16.764  1.935   15.019  1.00 73.98 ? 107 ASN A OD1   1 
ATOM   853  N ND2   . ASN A 1 107 ? 17.020  1.475   17.190  1.00 74.69 ? 107 ASN A ND2   1 
ATOM   854  N N     . LYS A 1 108 ? 13.748  -2.242  13.901  1.00 59.20 ? 108 LYS A N     1 
ATOM   855  C CA    . LYS A 1 108 ? 13.498  -3.499  13.182  1.00 53.29 ? 108 LYS A CA    1 
ATOM   856  C C     . LYS A 1 108 ? 12.851  -3.183  11.847  1.00 49.35 ? 108 LYS A C     1 
ATOM   857  O O     . LYS A 1 108 ? 12.996  -3.942  10.874  1.00 46.48 ? 108 LYS A O     1 
ATOM   858  C CB    . LYS A 1 108 ? 12.573  -4.395  14.009  1.00 54.83 ? 108 LYS A CB    1 
ATOM   859  C CG    . LYS A 1 108 ? 13.229  -4.910  15.295  1.00 55.92 ? 108 LYS A CG    1 
ATOM   860  C CD    . LYS A 1 108 ? 12.594  -6.207  15.796  1.00 56.55 ? 108 LYS A CD    1 
ATOM   861  C CE    . LYS A 1 108 ? 13.362  -6.849  16.950  1.00 57.07 ? 108 LYS A CE    1 
ATOM   862  N NZ    . LYS A 1 108 ? 12.880  -6.412  18.268  1.00 57.84 ? 108 LYS A NZ    1 
ATOM   863  N N     . VAL A 1 109 ? 12.179  -2.053  11.888  1.00 45.22 ? 109 VAL A N     1 
ATOM   864  C CA    . VAL A 1 109 ? 11.450  -1.511  10.749  1.00 43.55 ? 109 VAL A CA    1 
ATOM   865  C C     . VAL A 1 109 ? 12.130  -0.231  10.239  1.00 41.79 ? 109 VAL A C     1 
ATOM   866  O O     . VAL A 1 109 ? 12.222  0.785   10.944  1.00 43.42 ? 109 VAL A O     1 
ATOM   867  C CB    . VAL A 1 109 ? 10.013  -1.216  11.168  1.00 43.09 ? 109 VAL A CB    1 
ATOM   868  C CG1   . VAL A 1 109 ? 9.149   -0.724  10.008  1.00 43.08 ? 109 VAL A CG1   1 
ATOM   869  C CG2   . VAL A 1 109 ? 9.302   -2.449  11.732  1.00 43.06 ? 109 VAL A CG2   1 
ATOM   870  N N     . ASP A 1 110 ? 12.397  -0.353  8.955   1.00 40.68 ? 110 ASP A N     1 
ATOM   871  C CA    . ASP A 1 110 ? 12.927  0.678   8.049   1.00 34.84 ? 110 ASP A CA    1 
ATOM   872  C C     . ASP A 1 110 ? 11.722  1.419   7.429   1.00 32.70 ? 110 ASP A C     1 
ATOM   873  O O     . ASP A 1 110 ? 11.528  2.632   7.647   1.00 32.42 ? 110 ASP A O     1 
ATOM   874  C CB    . ASP A 1 110 ? 13.910  0.061   7.035   1.00 37.33 ? 110 ASP A CB    1 
ATOM   875  C CG    . ASP A 1 110 ? 14.078  1.020   5.867   1.00 38.98 ? 110 ASP A CG    1 
ATOM   876  O OD1   . ASP A 1 110 ? 14.334  0.708   4.705   1.00 43.56 ? 110 ASP A OD1   1 
ATOM   877  O OD2   . ASP A 1 110 ? 13.882  2.187   6.268   1.00 40.70 ? 110 ASP A OD2   1 
ATOM   878  N N     . MET A 1 111 ? 10.822  0.712   6.712   1.00 28.45 ? 111 MET A N     1 
ATOM   879  C CA    . MET A 1 111 ? 9.798   1.471   5.981   1.00 28.92 ? 111 MET A CA    1 
ATOM   880  C C     . MET A 1 111 ? 8.423   0.941   6.259   1.00 27.81 ? 111 MET A C     1 
ATOM   881  O O     . MET A 1 111 ? 8.254   -0.251  6.548   1.00 28.16 ? 111 MET A O     1 
ATOM   882  C CB    . MET A 1 111 ? 9.980   1.326   4.488   1.00 31.62 ? 111 MET A CB    1 
ATOM   883  C CG    . MET A 1 111 ? 11.270  1.941   4.014   1.00 32.96 ? 111 MET A CG    1 
ATOM   884  S SD    . MET A 1 111 ? 11.574  1.628   2.304   1.00 39.16 ? 111 MET A SD    1 
ATOM   885  C CE    . MET A 1 111 ? 13.150  2.306   1.863   1.00 36.82 ? 111 MET A CE    1 
ATOM   886  N N     . VAL A 1 112 ? 7.496   1.858   6.141   1.00 26.09 ? 112 VAL A N     1 
ATOM   887  C CA    . VAL A 1 112 ? 6.103   1.522   6.345   1.00 26.05 ? 112 VAL A CA    1 
ATOM   888  C C     . VAL A 1 112 ? 5.246   2.039   5.189   1.00 25.40 ? 112 VAL A C     1 
ATOM   889  O O     . VAL A 1 112 ? 5.632   2.940   4.434   1.00 23.64 ? 112 VAL A O     1 
ATOM   890  C CB    . VAL A 1 112 ? 5.593   2.074   7.674   1.00 28.24 ? 112 VAL A CB    1 
ATOM   891  C CG1   . VAL A 1 112 ? 6.533   3.089   8.326   1.00 28.39 ? 112 VAL A CG1   1 
ATOM   892  C CG2   . VAL A 1 112 ? 4.229   2.755   7.544   1.00 28.59 ? 112 VAL A CG2   1 
ATOM   893  N N     . TRP A 1 113 ? 4.703   0.764   4.734   1.00 24.10 ? 113 TRP A N     1 
ATOM   894  C CA    . TRP A 1 113 ? 3.904   0.877   3.447   1.00 23.82 ? 113 TRP A CA    1 
ATOM   895  C C     . TRP A 1 113 ? 2.423   0.775   3.743   1.00 24.00 ? 113 TRP A C     1 
ATOM   896  O O     . TRP A 1 113 ? 2.113   -0.202  4.424   1.00 22.73 ? 113 TRP A O     1 
ATOM   897  C CB    . TRP A 1 113 ? 4.377   -0.329  2.675   1.00 25.07 ? 113 TRP A CB    1 
ATOM   898  C CG    . TRP A 1 113 ? 5.661   -0.162  1.923   1.00 23.27 ? 113 TRP A CG    1 
ATOM   899  C CD1   . TRP A 1 113 ? 6.895   -0.576  2.396   1.00 23.03 ? 113 TRP A CD1   1 
ATOM   900  C CD2   . TRP A 1 113 ? 5.852   0.510   0.680   1.00 22.46 ? 113 TRP A CD2   1 
ATOM   901  N NE1   . TRP A 1 113 ? 7.865   -0.211  1.449   1.00 24.51 ? 113 TRP A NE1   1 
ATOM   902  C CE2   . TRP A 1 113 ? 7.232   0.415   0.388   1.00 23.40 ? 113 TRP A CE2   1 
ATOM   903  C CE3   . TRP A 1 113 ? 5.004   1.101   -0.268  1.00 25.86 ? 113 TRP A CE3   1 
ATOM   904  C CZ2   . TRP A 1 113 ? 7.811   0.925   -0.786  1.00 21.16 ? 113 TRP A CZ2   1 
ATOM   905  C CZ3   . TRP A 1 113 ? 5.531   1.618   -1.480  1.00 21.77 ? 113 TRP A CZ3   1 
ATOM   906  C CH2   . TRP A 1 113 ? 6.949   1.527   -1.664  1.00 20.14 ? 113 TRP A CH2   1 
ATOM   907  N N     . ILE A 1 114 ? 1.558   1.647   3.361   1.00 23.27 ? 114 ILE A N     1 
ATOM   908  C CA    . ILE A 1 114 ? 0.092   1.546   3.516   1.00 24.68 ? 114 ILE A CA    1 
ATOM   909  C C     . ILE A 1 114 ? -0.347  0.784   2.284   1.00 24.89 ? 114 ILE A C     1 
ATOM   910  O O     . ILE A 1 114 ? -0.111  1.277   1.102   1.00 24.39 ? 114 ILE A O     1 
ATOM   911  C CB    . ILE A 1 114 ? -0.483  3.000   3.601   1.00 25.13 ? 114 ILE A CB    1 
ATOM   912  C CG1   . ILE A 1 114 ? -0.097  3.570   4.993   1.00 28.15 ? 114 ILE A CG1   1 
ATOM   913  C CG2   . ILE A 1 114 ? -2.031  3.117   3.535   1.00 27.69 ? 114 ILE A CG2   1 
ATOM   914  C CD1   . ILE A 1 114 ? 0.323   5.048   5.026   1.00 29.68 ? 114 ILE A CD1   1 
ATOM   915  N N     . VAL A 1 115 ? -0.912  -0.371  2.407   1.00 24.51 ? 115 VAL A N     1 
ATOM   916  C CA    . VAL A 1 115 ? -1.311  -1.165  1.291   1.00 25.08 ? 115 VAL A CA    1 
ATOM   917  C C     . VAL A 1 115 ? -2.818  -1.099  1.090   1.00 24.23 ? 115 VAL A C     1 
ATOM   918  O O     . VAL A 1 115 ? -3.241  -1.848  0.208   1.00 28.38 ? 115 VAL A O     1 
ATOM   919  C CB    . VAL A 1 115 ? -0.731  -2.571  1.308   1.00 24.13 ? 115 VAL A CB    1 
ATOM   920  C CG1   . VAL A 1 115 ? 0.818   -2.633  1.492   1.00 26.53 ? 115 VAL A CG1   1 
ATOM   921  C CG2   . VAL A 1 115 ? -1.450  -3.406  2.331   1.00 28.11 ? 115 VAL A CG2   1 
ATOM   922  N N     . GLY A 1 116 ? -3.559  -0.270  1.741   1.00 28.32 ? 116 GLY A N     1 
ATOM   923  C CA    . GLY A 1 116 ? -5.035  -0.169  1.525   1.00 27.99 ? 116 GLY A CA    1 
ATOM   924  C C     . GLY A 1 116 ? -5.883  -0.322  2.794   1.00 25.11 ? 116 GLY A C     1 
ATOM   925  O O     . GLY A 1 116 ? -5.248  -0.730  3.788   1.00 25.14 ? 116 GLY A O     1 
ATOM   926  N N     . GLY A 1 117 ? -7.144  -0.027  2.750   1.00 24.33 ? 117 GLY A N     1 
ATOM   927  C CA    . GLY A 1 117 ? -7.949  0.358   1.615   1.00 25.24 ? 117 GLY A CA    1 
ATOM   928  C C     . GLY A 1 117 ? -8.224  1.811   1.588   1.00 26.68 ? 117 GLY A C     1 
ATOM   929  O O     . GLY A 1 117 ? -7.404  2.559   2.092   1.00 29.06 ? 117 GLY A O     1 
ATOM   930  N N     . SER A 1 118 ? -9.303  2.255   1.024   1.00 29.37 ? 118 SER A N     1 
ATOM   931  C CA    . SER A 1 118 ? -9.741  3.631   0.903   1.00 30.31 ? 118 SER A CA    1 
ATOM   932  C C     . SER A 1 118 ? -9.541  4.550   2.082   1.00 28.76 ? 118 SER A C     1 
ATOM   933  O O     . SER A 1 118 ? -8.859  5.597   2.002   1.00 27.79 ? 118 SER A O     1 
ATOM   934  C CB    . SER A 1 118 ? -11.211 3.561   0.404   1.00 31.84 ? 118 SER A CB    1 
ATOM   935  O OG    . SER A 1 118 ? -11.472 4.893   -0.013  1.00 42.60 ? 118 SER A OG    1 
ATOM   936  N N     . SER A 1 119 ? -10.103 4.131   3.244   1.00 31.83 ? 119 SER A N     1 
ATOM   937  C CA    . SER A 1 119 ? -10.031 4.917   4.488   1.00 29.36 ? 119 SER A CA    1 
ATOM   938  C C     . SER A 1 119 ? -8.605  5.099   4.949   1.00 28.78 ? 119 SER A C     1 
ATOM   939  O O     . SER A 1 119 ? -8.336  6.201   5.382   1.00 29.88 ? 119 SER A O     1 
ATOM   940  C CB    . SER A 1 119 ? -10.828 4.307   5.695   1.00 33.53 ? 119 SER A CB    1 
ATOM   941  O OG    . SER A 1 119 ? -11.709 3.363   5.055   1.00 41.68 ? 119 SER A OG    1 
ATOM   942  N N     . VAL A 1 120 ? -7.800  4.073   4.903   1.00 27.05 ? 120 VAL A N     1 
ATOM   943  C CA    . VAL A 1 120 ? -6.399  4.163   5.294   1.00 28.85 ? 120 VAL A CA    1 
ATOM   944  C C     . VAL A 1 120 ? -5.634  5.121   4.338   1.00 28.67 ? 120 VAL A C     1 
ATOM   945  O O     . VAL A 1 120 ? -4.773  5.860   4.851   1.00 30.50 ? 120 VAL A O     1 
ATOM   946  C CB    . VAL A 1 120 ? -5.856  2.751   5.296   1.00 27.38 ? 120 VAL A CB    1 
ATOM   947  C CG1   . VAL A 1 120 ? -4.493  2.674   5.961   1.00 25.08 ? 120 VAL A CG1   1 
ATOM   948  C CG2   . VAL A 1 120 ? -6.909  1.812   5.952   1.00 26.04 ? 120 VAL A CG2   1 
ATOM   949  N N     . TYR A 1 121 ? -5.913  4.953   3.068   1.00 29.73 ? 121 TYR A N     1 
ATOM   950  C CA    . TYR A 1 121 ? -5.204  5.857   2.081   1.00 28.32 ? 121 TYR A CA    1 
ATOM   951  C C     . TYR A 1 121 ? -5.554  7.324   2.324   1.00 28.11 ? 121 TYR A C     1 
ATOM   952  O O     . TYR A 1 121 ? -4.680  8.212   2.378   1.00 30.63 ? 121 TYR A O     1 
ATOM   953  C CB    . TYR A 1 121 ? -5.592  5.547   0.645   1.00 23.69 ? 121 TYR A CB    1 
ATOM   954  C CG    . TYR A 1 121 ? -4.982  4.268   0.096   1.00 21.12 ? 121 TYR A CG    1 
ATOM   955  C CD1   . TYR A 1 121 ? -5.878  3.463   -0.597  1.00 20.91 ? 121 TYR A CD1   1 
ATOM   956  C CD2   . TYR A 1 121 ? -3.663  3.969   0.250   1.00 21.77 ? 121 TYR A CD2   1 
ATOM   957  C CE1   . TYR A 1 121 ? -5.406  2.245   -1.137  1.00 22.40 ? 121 TYR A CE1   1 
ATOM   958  C CE2   . TYR A 1 121 ? -3.131  2.790   -0.375  1.00 20.52 ? 121 TYR A CE2   1 
ATOM   959  C CZ    . TYR A 1 121 ? -4.025  1.972   -0.977  1.00 19.98 ? 121 TYR A CZ    1 
ATOM   960  O OH    . TYR A 1 121 ? -3.654  0.808   -1.532  1.00 22.85 ? 121 TYR A OH    1 
ATOM   961  N N     . LYS A 1 122 ? -6.854  7.537   2.398   1.00 32.56 ? 122 LYS A N     1 
ATOM   962  C CA    . LYS A 1 122 ? -7.401  8.897   2.605   1.00 37.33 ? 122 LYS A CA    1 
ATOM   963  C C     . LYS A 1 122 ? -6.732  9.624   3.786   1.00 39.83 ? 122 LYS A C     1 
ATOM   964  O O     . LYS A 1 122 ? -6.275  10.792  3.719   1.00 39.53 ? 122 LYS A O     1 
ATOM   965  C CB    . LYS A 1 122 ? -8.917  8.995   2.704   1.00 38.64 ? 122 LYS A CB    1 
ATOM   966  C CG    . LYS A 1 122 ? -9.267  10.464  2.547   1.00 42.97 ? 122 LYS A CG    1 
ATOM   967  C CD    . LYS A 1 122 ? -10.695 10.931  2.622   1.00 44.80 ? 122 LYS A CD    1 
ATOM   968  C CE    . LYS A 1 122 ? -10.738 12.399  2.147   1.00 48.38 ? 122 LYS A CE    1 
ATOM   969  N NZ    . LYS A 1 122 ? -11.953 13.049  2.700   1.00 50.71 ? 122 LYS A NZ    1 
ATOM   970  N N     . GLU A 1 123 ? -6.579  8.884   4.870   1.00 39.59 ? 123 GLU A N     1 
ATOM   971  C CA    . GLU A 1 123 ? -5.931  9.344   6.084   1.00 40.07 ? 123 GLU A CA    1 
ATOM   972  C C     . GLU A 1 123 ? -4.426  9.501   5.967   1.00 38.77 ? 123 GLU A C     1 
ATOM   973  O O     . GLU A 1 123 ? -3.945  10.545  6.434   1.00 39.98 ? 123 GLU A O     1 
ATOM   974  C CB    . GLU A 1 123 ? -6.216  8.172   7.045   1.00 43.74 ? 123 GLU A CB    1 
ATOM   975  C CG    . GLU A 1 123 ? -5.609  8.132   8.395   1.00 48.22 ? 123 GLU A CG    1 
ATOM   976  C CD    . GLU A 1 123 ? -6.012  8.666   9.718   1.00 50.32 ? 123 GLU A CD    1 
ATOM   977  O OE1   . GLU A 1 123 ? -5.432  9.559   10.362  1.00 52.62 ? 123 GLU A OE1   1 
ATOM   978  O OE2   . GLU A 1 123 ? -7.003  8.022   10.151  1.00 50.31 ? 123 GLU A OE2   1 
ATOM   979  N N     . ALA A 1 124 ? -3.661  8.581   5.388   1.00 36.26 ? 124 ALA A N     1 
ATOM   980  C CA    . ALA A 1 124 ? -2.211  8.669   5.257   1.00 33.57 ? 124 ALA A CA    1 
ATOM   981  C C     . ALA A 1 124 ? -1.876  9.925   4.424   1.00 35.16 ? 124 ALA A C     1 
ATOM   982  O O     . ALA A 1 124 ? -0.963  10.681  4.711   1.00 34.15 ? 124 ALA A O     1 
ATOM   983  C CB    . ALA A 1 124 ? -1.471  7.551   4.529   1.00 29.95 ? 124 ALA A CB    1 
ATOM   984  N N     . MET A 1 125 ? -2.656  10.026  3.390   1.00 36.87 ? 125 MET A N     1 
ATOM   985  C CA    . MET A 1 125 ? -2.616  11.056  2.367   1.00 42.19 ? 125 MET A CA    1 
ATOM   986  C C     . MET A 1 125 ? -2.788  12.464  2.942   1.00 44.22 ? 125 MET A C     1 
ATOM   987  O O     . MET A 1 125 ? -2.195  13.363  2.318   1.00 41.49 ? 125 MET A O     1 
ATOM   988  C CB    . MET A 1 125 ? -3.687  10.794  1.341   1.00 42.39 ? 125 MET A CB    1 
ATOM   989  C CG    . MET A 1 125 ? -3.218  10.900  -0.053  1.00 45.83 ? 125 MET A CG    1 
ATOM   990  S SD    . MET A 1 125 ? -3.926  9.430   -0.889  1.00 46.14 ? 125 MET A SD    1 
ATOM   991  C CE    . MET A 1 125 ? -4.798  10.351  -2.160  1.00 44.34 ? 125 MET A CE    1 
ATOM   992  N N     . ASN A 1 126 ? -3.532  12.592  4.013   1.00 46.66 ? 126 ASN A N     1 
ATOM   993  C CA    . ASN A 1 126 ? -3.696  13.970  4.553   1.00 50.93 ? 126 ASN A CA    1 
ATOM   994  C C     . ASN A 1 126 ? -2.699  14.169  5.694   1.00 51.97 ? 126 ASN A C     1 
ATOM   995  O O     . ASN A 1 126 ? -2.467  15.304  6.140   1.00 54.32 ? 126 ASN A O     1 
ATOM   996  C CB    . ASN A 1 126 ? -5.166  14.277  4.718   1.00 53.13 ? 126 ASN A CB    1 
ATOM   997  C CG    . ASN A 1 126 ? -6.061  14.067  3.508   1.00 55.13 ? 126 ASN A CG    1 
ATOM   998  O OD1   . ASN A 1 126 ? -5.844  14.153  2.280   1.00 54.84 ? 126 ASN A OD1   1 
ATOM   999  N ND2   . ASN A 1 126 ? -7.346  13.737  3.805   1.00 56.47 ? 126 ASN A ND2   1 
ATOM   1000 N N     . HIS A 1 127 ? -2.087  13.095  6.141   1.00 50.63 ? 127 HIS A N     1 
ATOM   1001 C CA    . HIS A 1 127 ? -1.058  13.040  7.177   1.00 51.61 ? 127 HIS A CA    1 
ATOM   1002 C C     . HIS A 1 127 ? -0.017  14.095  6.785   1.00 52.25 ? 127 HIS A C     1 
ATOM   1003 O O     . HIS A 1 127 ? 0.219   14.353  5.565   1.00 53.21 ? 127 HIS A O     1 
ATOM   1004 C CB    . HIS A 1 127 ? -0.437  11.630  7.248   1.00 52.62 ? 127 HIS A CB    1 
ATOM   1005 C CG    . HIS A 1 127 ? 0.304   11.417  8.530   1.00 53.51 ? 127 HIS A CG    1 
ATOM   1006 N ND1   . HIS A 1 127 ? 1.676   11.468  8.619   1.00 53.94 ? 127 HIS A ND1   1 
ATOM   1007 C CD2   . HIS A 1 127 ? -0.172  11.154  9.764   1.00 54.45 ? 127 HIS A CD2   1 
ATOM   1008 C CE1   . HIS A 1 127 ? 2.019   11.231  9.890   1.00 54.90 ? 127 HIS A CE1   1 
ATOM   1009 N NE2   . HIS A 1 127 ? 0.935   11.040  10.594  1.00 54.99 ? 127 HIS A NE2   1 
ATOM   1010 N N     . PRO A 1 128 ? 0.555   14.730  7.790   1.00 51.48 ? 128 PRO A N     1 
ATOM   1011 C CA    . PRO A 1 128 ? 1.542   15.816  7.582   1.00 50.38 ? 128 PRO A CA    1 
ATOM   1012 C C     . PRO A 1 128 ? 2.958   15.337  7.378   1.00 48.62 ? 128 PRO A C     1 
ATOM   1013 O O     . PRO A 1 128 ? 3.444   14.365  7.994   1.00 50.09 ? 128 PRO A O     1 
ATOM   1014 C CB    . PRO A 1 128 ? 1.439   16.545  8.930   1.00 51.44 ? 128 PRO A CB    1 
ATOM   1015 C CG    . PRO A 1 128 ? 1.347   15.388  9.902   1.00 50.93 ? 128 PRO A CG    1 
ATOM   1016 C CD    . PRO A 1 128 ? 0.298   14.491  9.223   1.00 51.53 ? 128 PRO A CD    1 
ATOM   1017 N N     . GLY A 1 129 ? 3.665   16.030  6.501   1.00 47.24 ? 129 GLY A N     1 
ATOM   1018 C CA    . GLY A 1 129 ? 5.051   15.649  6.245   1.00 44.48 ? 129 GLY A CA    1 
ATOM   1019 C C     . GLY A 1 129 ? 5.249   14.886  4.944   1.00 41.59 ? 129 GLY A C     1 
ATOM   1020 O O     . GLY A 1 129 ? 4.368   14.941  4.093   1.00 40.96 ? 129 GLY A O     1 
ATOM   1021 N N     . HIS A 1 130 ? 6.376   14.225  4.921   1.00 39.10 ? 130 HIS A N     1 
ATOM   1022 C CA    . HIS A 1 130 ? 6.895   13.486  3.750   1.00 37.94 ? 130 HIS A CA    1 
ATOM   1023 C C     . HIS A 1 130 ? 6.258   12.151  3.504   1.00 34.79 ? 130 HIS A C     1 
ATOM   1024 O O     . HIS A 1 130 ? 6.231   11.224  4.326   1.00 36.40 ? 130 HIS A O     1 
ATOM   1025 C CB    . HIS A 1 130 ? 8.452   13.444  3.812   1.00 38.18 ? 130 HIS A CB    1 
ATOM   1026 C CG    . HIS A 1 130 ? 9.031   13.171  2.455   1.00 39.90 ? 130 HIS A CG    1 
ATOM   1027 N ND1   . HIS A 1 130 ? 9.355   11.875  2.015   1.00 41.58 ? 130 HIS A ND1   1 
ATOM   1028 C CD2   . HIS A 1 130 ? 9.350   14.020  1.449   1.00 40.43 ? 130 HIS A CD2   1 
ATOM   1029 C CE1   . HIS A 1 130 ? 9.856   12.025  0.805   1.00 41.57 ? 130 HIS A CE1   1 
ATOM   1030 N NE2   . HIS A 1 130 ? 9.870   13.271  0.427   1.00 40.43 ? 130 HIS A NE2   1 
ATOM   1031 N N     . LEU A 1 131 ? 5.700   12.045  2.315   1.00 32.97 ? 131 LEU A N     1 
ATOM   1032 C CA    . LEU A 1 131 ? 4.987   10.870  1.840   1.00 30.74 ? 131 LEU A CA    1 
ATOM   1033 C C     . LEU A 1 131 ? 5.101   10.587  0.349   1.00 28.94 ? 131 LEU A C     1 
ATOM   1034 O O     . LEU A 1 131 ? 5.026   11.542  -0.435  1.00 30.48 ? 131 LEU A O     1 
ATOM   1035 C CB    . LEU A 1 131 ? 3.499   11.201  2.249   1.00 31.74 ? 131 LEU A CB    1 
ATOM   1036 C CG    . LEU A 1 131 ? 2.585   10.063  1.770   1.00 30.67 ? 131 LEU A CG    1 
ATOM   1037 C CD1   . LEU A 1 131 ? 2.923   8.921   2.678   1.00 31.00 ? 131 LEU A CD1   1 
ATOM   1038 C CD2   . LEU A 1 131 ? 1.150   10.513  1.889   1.00 36.14 ? 131 LEU A CD2   1 
ATOM   1039 N N     . LYS A 1 132 ? 5.297   9.377   -0.021  1.00 24.48 ? 132 LYS A N     1 
ATOM   1040 C CA    . LYS A 1 132 ? 5.394   8.980   -1.435  1.00 25.74 ? 132 LYS A CA    1 
ATOM   1041 C C     . LYS A 1 132 ? 4.214   8.108   -1.783  1.00 23.40 ? 132 LYS A C     1 
ATOM   1042 O O     . LYS A 1 132 ? 3.872   7.317   -0.863  1.00 25.56 ? 132 LYS A O     1 
ATOM   1043 C CB    . LYS A 1 132 ? 6.719   8.257   -1.687  1.00 25.28 ? 132 LYS A CB    1 
ATOM   1044 C CG    . LYS A 1 132 ? 7.795   9.296   -1.920  1.00 26.21 ? 132 LYS A CG    1 
ATOM   1045 C CD    . LYS A 1 132 ? 8.868   8.694   -2.844  1.00 31.90 ? 132 LYS A CD    1 
ATOM   1046 C CE    . LYS A 1 132 ? 9.242   7.388   -2.101  1.00 36.27 ? 132 LYS A CE    1 
ATOM   1047 N NZ    . LYS A 1 132 ? 10.005  8.001   -0.947  1.00 39.72 ? 132 LYS A NZ    1 
ATOM   1048 N N     . LEU A 1 133 ? 3.605   8.239   -2.883  1.00 23.98 ? 133 LEU A N     1 
ATOM   1049 C CA    . LEU A 1 133 ? 2.518   7.430   -3.441  1.00 21.49 ? 133 LEU A CA    1 
ATOM   1050 C C     . LEU A 1 133 ? 3.055   6.636   -4.671  1.00 21.96 ? 133 LEU A C     1 
ATOM   1051 O O     . LEU A 1 133 ? 3.418   7.314   -5.675  1.00 21.73 ? 133 LEU A O     1 
ATOM   1052 C CB    . LEU A 1 133 ? 1.369   8.273   -3.853  1.00 25.58 ? 133 LEU A CB    1 
ATOM   1053 C CG    . LEU A 1 133 ? 0.236   8.897   -3.141  1.00 29.53 ? 133 LEU A CG    1 
ATOM   1054 C CD1   . LEU A 1 133 ? 0.396   9.068   -1.658  1.00 27.99 ? 133 LEU A CD1   1 
ATOM   1055 C CD2   . LEU A 1 133 ? -0.277  10.073  -3.952  1.00 30.35 ? 133 LEU A CD2   1 
ATOM   1056 N N     . PHE A 1 134 ? 3.085   5.378   -4.644  1.00 18.49 ? 134 PHE A N     1 
ATOM   1057 C CA    . PHE A 1 134 ? 3.475   4.447   -5.715  1.00 18.99 ? 134 PHE A CA    1 
ATOM   1058 C C     . PHE A 1 134 ? 2.094   4.047   -6.253  1.00 21.60 ? 134 PHE A C     1 
ATOM   1059 O O     . PHE A 1 134 ? 1.320   3.265   -5.706  1.00 21.28 ? 134 PHE A O     1 
ATOM   1060 C CB    . PHE A 1 134 ? 4.364   3.308   -5.365  1.00 18.89 ? 134 PHE A CB    1 
ATOM   1061 C CG    . PHE A 1 134 ? 5.667   3.804   -4.811  1.00 21.36 ? 134 PHE A CG    1 
ATOM   1062 C CD1   . PHE A 1 134 ? 5.739   4.511   -3.572  1.00 20.40 ? 134 PHE A CD1   1 
ATOM   1063 C CD2   . PHE A 1 134 ? 6.844   3.462   -5.486  1.00 21.49 ? 134 PHE A CD2   1 
ATOM   1064 C CE1   . PHE A 1 134 ? 6.941   4.976   -3.213  1.00 20.70 ? 134 PHE A CE1   1 
ATOM   1065 C CE2   . PHE A 1 134 ? 8.065   3.854   -5.019  1.00 18.77 ? 134 PHE A CE2   1 
ATOM   1066 C CZ    . PHE A 1 134 ? 8.146   4.630   -3.818  1.00 19.79 ? 134 PHE A CZ    1 
ATOM   1067 N N     . VAL A 1 135 ? 1.828   4.613   -7.439  1.00 21.63 ? 135 VAL A N     1 
ATOM   1068 C CA    . VAL A 1 135 ? 0.560   4.383   -8.088  1.00 21.18 ? 135 VAL A CA    1 
ATOM   1069 C C     . VAL A 1 135 ? 0.695   3.591   -9.391  1.00 25.73 ? 135 VAL A C     1 
ATOM   1070 O O     . VAL A 1 135 ? 1.405   4.178   -10.286 1.00 24.06 ? 135 VAL A O     1 
ATOM   1071 C CB    . VAL A 1 135 ? -0.165  5.763   -8.329  1.00 19.72 ? 135 VAL A CB    1 
ATOM   1072 C CG1   . VAL A 1 135 ? -1.568  5.539   -8.915  1.00 21.07 ? 135 VAL A CG1   1 
ATOM   1073 C CG2   . VAL A 1 135 ? -0.230  6.628   -7.023  1.00 20.26 ? 135 VAL A CG2   1 
ATOM   1074 N N     . THR A 1 136 ? 0.071   2.404   -9.463  1.00 23.80 ? 136 THR A N     1 
ATOM   1075 C CA    . THR A 1 136 ? 0.038   1.684   -10.759 1.00 23.03 ? 136 THR A CA    1 
ATOM   1076 C C     . THR A 1 136 ? -1.248  2.158   -11.412 1.00 23.95 ? 136 THR A C     1 
ATOM   1077 O O     . THR A 1 136 ? -2.440  1.958   -10.918 1.00 24.05 ? 136 THR A O     1 
ATOM   1078 C CB    . THR A 1 136 ? 0.002   0.096   -10.696 1.00 18.97 ? 136 THR A CB    1 
ATOM   1079 O OG1   . THR A 1 136 ? 1.067   -0.197  -9.814  1.00 21.40 ? 136 THR A OG1   1 
ATOM   1080 C CG2   . THR A 1 136 ? -0.151  -0.718  -12.020 1.00 20.11 ? 136 THR A CG2   1 
ATOM   1081 N N     . ARG A 1 137 ? -1.150  2.832   -12.541 1.00 22.95 ? 137 ARG A N     1 
ATOM   1082 C CA    . ARG A 1 137 ? -2.281  3.298   -13.319 1.00 24.22 ? 137 ARG A CA    1 
ATOM   1083 C C     . ARG A 1 137 ? -2.807  2.196   -14.203 1.00 28.07 ? 137 ARG A C     1 
ATOM   1084 O O     . ARG A 1 137 ? -2.114  2.008   -15.255 1.00 29.53 ? 137 ARG A O     1 
ATOM   1085 C CB    . ARG A 1 137 ? -1.942  4.535   -14.203 1.00 26.15 ? 137 ARG A CB    1 
ATOM   1086 C CG    . ARG A 1 137 ? -1.575  5.737   -13.358 1.00 26.36 ? 137 ARG A CG    1 
ATOM   1087 C CD    . ARG A 1 137 ? -2.825  6.269   -12.675 1.00 22.53 ? 137 ARG A CD    1 
ATOM   1088 N NE    . ARG A 1 137 ? -2.541  7.586   -12.206 1.00 26.25 ? 137 ARG A NE    1 
ATOM   1089 C CZ    . ARG A 1 137 ? -3.321  8.425   -11.508 1.00 26.55 ? 137 ARG A CZ    1 
ATOM   1090 N NH1   . ARG A 1 137 ? -4.567  8.013   -11.385 1.00 29.77 ? 137 ARG A NH1   1 
ATOM   1091 N NH2   . ARG A 1 137 ? -2.946  9.537   -10.887 1.00 25.73 ? 137 ARG A NH2   1 
ATOM   1092 N N     . ILE A 1 138 ? -3.958  1.613   -14.007 1.00 27.50 ? 138 ILE A N     1 
ATOM   1093 C CA    . ILE A 1 138 ? -4.532  0.529   -14.854 1.00 28.74 ? 138 ILE A CA    1 
ATOM   1094 C C     . ILE A 1 138 ? -5.313  1.317   -15.889 1.00 30.17 ? 138 ILE A C     1 
ATOM   1095 O O     . ILE A 1 138 ? -6.311  2.022   -15.680 1.00 29.41 ? 138 ILE A O     1 
ATOM   1096 C CB    . ILE A 1 138 ? -5.341  -0.570  -14.109 1.00 31.96 ? 138 ILE A CB    1 
ATOM   1097 C CG1   . ILE A 1 138 ? -4.776  -1.797  -13.387 1.00 33.70 ? 138 ILE A CG1   1 
ATOM   1098 C CG2   . ILE A 1 138 ? -6.307  -1.292  -15.105 1.00 33.36 ? 138 ILE A CG2   1 
ATOM   1099 C CD1   . ILE A 1 138 ? -3.355  -2.121  -13.046 1.00 34.47 ? 138 ILE A CD1   1 
ATOM   1100 N N     . MET A 1 139 ? -4.796  1.286   -17.136 1.00 28.50 ? 139 MET A N     1 
ATOM   1101 C CA    . MET A 1 139 ? -5.339  2.127   -18.229 1.00 32.24 ? 139 MET A CA    1 
ATOM   1102 C C     . MET A 1 139 ? -6.619  1.698   -18.874 1.00 35.11 ? 139 MET A C     1 
ATOM   1103 O O     . MET A 1 139 ? -6.769  1.647   -20.141 1.00 34.37 ? 139 MET A O     1 
ATOM   1104 C CB    . MET A 1 139 ? -4.146  2.321   -19.235 1.00 32.39 ? 139 MET A CB    1 
ATOM   1105 C CG    . MET A 1 139 ? -3.048  3.213   -18.708 1.00 35.78 ? 139 MET A CG    1 
ATOM   1106 S SD    . MET A 1 139 ? -1.417  3.046   -19.576 1.00 37.49 ? 139 MET A SD    1 
ATOM   1107 C CE    . MET A 1 139 ? -1.787  3.939   -21.070 1.00 39.47 ? 139 MET A CE    1 
ATOM   1108 N N     . GLN A 1 140 ? -7.689  1.374   -18.176 1.00 34.03 ? 140 GLN A N     1 
ATOM   1109 C CA    . GLN A 1 140 ? -9.019  1.032   -18.568 1.00 34.33 ? 140 GLN A CA    1 
ATOM   1110 C C     . GLN A 1 140 ? -9.994  1.185   -17.397 1.00 35.74 ? 140 GLN A C     1 
ATOM   1111 O O     . GLN A 1 140 ? -9.640  1.379   -16.227 1.00 33.74 ? 140 GLN A O     1 
ATOM   1112 C CB    . GLN A 1 140 ? -9.377  -0.232  -19.316 1.00 40.21 ? 140 GLN A CB    1 
ATOM   1113 C CG    . GLN A 1 140 ? -8.551  -1.465  -19.046 1.00 41.92 ? 140 GLN A CG    1 
ATOM   1114 C CD    . GLN A 1 140 ? -9.155  -2.530  -19.955 1.00 43.29 ? 140 GLN A CD    1 
ATOM   1115 O OE1   . GLN A 1 140 ? -10.369 -2.713  -19.930 1.00 43.89 ? 140 GLN A OE1   1 
ATOM   1116 N NE2   . GLN A 1 140 ? -8.279  -3.190  -20.697 1.00 42.69 ? 140 GLN A NE2   1 
ATOM   1117 N N     . ASP A 1 141 ? -11.268 1.170   -17.783 1.00 36.31 ? 141 ASP A N     1 
ATOM   1118 C CA    . ASP A 1 141 ? -12.351 1.319   -16.784 1.00 36.16 ? 141 ASP A CA    1 
ATOM   1119 C C     . ASP A 1 141 ? -12.772 -0.050  -16.299 1.00 35.27 ? 141 ASP A C     1 
ATOM   1120 O O     . ASP A 1 141 ? -12.879 -0.903  -17.161 1.00 33.53 ? 141 ASP A O     1 
ATOM   1121 C CB    . ASP A 1 141 ? -13.468 2.164   -17.323 1.00 38.69 ? 141 ASP A CB    1 
ATOM   1122 C CG    . ASP A 1 141 ? -13.083 3.614   -17.159 1.00 41.53 ? 141 ASP A CG    1 
ATOM   1123 O OD1   . ASP A 1 141 ? -12.223 4.037   -16.375 1.00 45.29 ? 141 ASP A OD1   1 
ATOM   1124 O OD2   . ASP A 1 141 ? -13.660 4.464   -17.832 1.00 46.80 ? 141 ASP A OD2   1 
ATOM   1125 N N     . PHE A 1 142 ? -12.944 -0.150  -14.949 1.00 34.91 ? 142 PHE A N     1 
ATOM   1126 C CA    . PHE A 1 142 ? -13.336 -1.465  -14.369 1.00 33.24 ? 142 PHE A CA    1 
ATOM   1127 C C     . PHE A 1 142 ? -14.416 -1.141  -13.347 1.00 33.23 ? 142 PHE A C     1 
ATOM   1128 O O     . PHE A 1 142 ? -14.110 -0.302  -12.492 1.00 34.73 ? 142 PHE A O     1 
ATOM   1129 C CB    . PHE A 1 142 ? -12.184 -2.275  -13.818 1.00 32.85 ? 142 PHE A CB    1 
ATOM   1130 C CG    . PHE A 1 142 ? -11.283 -3.051  -14.747 1.00 31.45 ? 142 PHE A CG    1 
ATOM   1131 C CD1   . PHE A 1 142 ? -11.663 -4.210  -15.358 1.00 29.69 ? 142 PHE A CD1   1 
ATOM   1132 C CD2   . PHE A 1 142 ? -10.006 -2.542  -15.057 1.00 28.97 ? 142 PHE A CD2   1 
ATOM   1133 C CE1   . PHE A 1 142 ? -10.826 -4.913  -16.232 1.00 29.57 ? 142 PHE A CE1   1 
ATOM   1134 C CE2   . PHE A 1 142 ? -9.158  -3.187  -15.968 1.00 27.39 ? 142 PHE A CE2   1 
ATOM   1135 C CZ    . PHE A 1 142 ? -9.554  -4.417  -16.503 1.00 28.36 ? 142 PHE A CZ    1 
ATOM   1136 N N     . GLU A 1 143 ? -15.589 -1.759  -13.448 1.00 34.60 ? 143 GLU A N     1 
ATOM   1137 C CA    . GLU A 1 143 ? -16.707 -1.559  -12.506 1.00 33.11 ? 143 GLU A CA    1 
ATOM   1138 C C     . GLU A 1 143 ? -16.094 -1.861  -11.148 1.00 31.94 ? 143 GLU A C     1 
ATOM   1139 O O     . GLU A 1 143 ? -15.494 -2.954  -11.001 1.00 34.41 ? 143 GLU A O     1 
ATOM   1140 C CB    . GLU A 1 143 ? -17.841 -2.525  -12.858 1.00 35.19 ? 143 GLU A CB    1 
ATOM   1141 C CG    . GLU A 1 143 ? -18.952 -2.926  -11.918 1.00 38.00 ? 143 GLU A CG    1 
ATOM   1142 C CD    . GLU A 1 143 ? -19.871 -4.077  -12.137 1.00 37.79 ? 143 GLU A CD    1 
ATOM   1143 O OE1   . GLU A 1 143 ? -21.016 -3.990  -12.553 1.00 41.36 ? 143 GLU A OE1   1 
ATOM   1144 O OE2   . GLU A 1 143 ? -19.476 -5.239  -11.920 1.00 36.47 ? 143 GLU A OE2   1 
ATOM   1145 N N     . SER A 1 144 ? -16.129 -0.928  -10.216 1.00 32.85 ? 144 SER A N     1 
ATOM   1146 C CA    . SER A 1 144 ? -15.588 -0.959  -8.877  1.00 31.57 ? 144 SER A CA    1 
ATOM   1147 C C     . SER A 1 144 ? -16.649 -0.584  -7.822  1.00 30.72 ? 144 SER A C     1 
ATOM   1148 O O     . SER A 1 144 ? -17.657 0.013   -8.251  1.00 35.47 ? 144 SER A O     1 
ATOM   1149 C CB    . SER A 1 144 ? -14.492 0.090   -8.871  1.00 32.77 ? 144 SER A CB    1 
ATOM   1150 O OG    . SER A 1 144 ? -13.476 -0.246  -9.760  1.00 34.45 ? 144 SER A OG    1 
ATOM   1151 N N     . ASP A 1 145 ? -16.433 -0.842  -6.570  1.00 29.60 ? 145 ASP A N     1 
ATOM   1152 C CA    . ASP A 1 145 ? -17.379 -0.435  -5.477  1.00 30.03 ? 145 ASP A CA    1 
ATOM   1153 C C     . ASP A 1 145 ? -16.642 0.270   -4.381  1.00 29.12 ? 145 ASP A C     1 
ATOM   1154 O O     . ASP A 1 145 ? -17.127 0.731   -3.313  1.00 31.49 ? 145 ASP A O     1 
ATOM   1155 C CB    . ASP A 1 145 ? -18.151 -1.694  -5.036  1.00 29.18 ? 145 ASP A CB    1 
ATOM   1156 C CG    . ASP A 1 145 ? -17.360 -2.716  -4.273  1.00 31.28 ? 145 ASP A CG    1 
ATOM   1157 O OD1   . ASP A 1 145 ? -16.281 -2.527  -3.695  1.00 32.82 ? 145 ASP A OD1   1 
ATOM   1158 O OD2   . ASP A 1 145 ? -17.841 -3.880  -4.238  1.00 31.15 ? 145 ASP A OD2   1 
ATOM   1159 N N     . THR A 1 146 ? -15.346 0.409   -4.538  1.00 27.64 ? 146 THR A N     1 
ATOM   1160 C CA    . THR A 1 146 ? -14.347 1.078   -3.674  1.00 29.87 ? 146 THR A CA    1 
ATOM   1161 C C     . THR A 1 146 ? -13.325 1.829   -4.578  1.00 27.82 ? 146 THR A C     1 
ATOM   1162 O O     . THR A 1 146 ? -12.906 1.309   -5.619  1.00 21.68 ? 146 THR A O     1 
ATOM   1163 C CB    . THR A 1 146 ? -13.953 0.072   -2.526  1.00 32.61 ? 146 THR A CB    1 
ATOM   1164 O OG1   . THR A 1 146 ? -12.784 0.690   -1.908  1.00 36.51 ? 146 THR A OG1   1 
ATOM   1165 C CG2   . THR A 1 146 ? -13.783 -1.355  -2.807  1.00 33.07 ? 146 THR A CG2   1 
ATOM   1166 N N     . PHE A 1 147 ? -13.095 3.028   -4.191  1.00 28.43 ? 147 PHE A N     1 
ATOM   1167 C CA    . PHE A 1 147 ? -12.335 4.082   -4.921  1.00 31.28 ? 147 PHE A CA    1 
ATOM   1168 C C     . PHE A 1 147 ? -11.212 4.665   -4.124  1.00 29.38 ? 147 PHE A C     1 
ATOM   1169 O O     . PHE A 1 147 ? -11.182 4.641   -2.858  1.00 28.88 ? 147 PHE A O     1 
ATOM   1170 C CB    . PHE A 1 147 ? -13.353 5.074   -5.485  1.00 29.40 ? 147 PHE A CB    1 
ATOM   1171 C CG    . PHE A 1 147 ? -14.400 4.498   -6.362  1.00 31.71 ? 147 PHE A CG    1 
ATOM   1172 C CD1   . PHE A 1 147 ? -15.610 3.991   -5.834  1.00 32.61 ? 147 PHE A CD1   1 
ATOM   1173 C CD2   . PHE A 1 147 ? -14.233 4.436   -7.745  1.00 29.53 ? 147 PHE A CD2   1 
ATOM   1174 C CE1   . PHE A 1 147 ? -16.560 3.406   -6.638  1.00 30.77 ? 147 PHE A CE1   1 
ATOM   1175 C CE2   . PHE A 1 147 ? -15.168 3.848   -8.555  1.00 32.38 ? 147 PHE A CE2   1 
ATOM   1176 C CZ    . PHE A 1 147 ? -16.373 3.365   -8.014  1.00 32.28 ? 147 PHE A CZ    1 
ATOM   1177 N N     . PHE A 1 148 ? -10.181 5.038   -4.866  1.00 27.91 ? 148 PHE A N     1 
ATOM   1178 C CA    . PHE A 1 148 ? -8.958  5.673   -4.388  1.00 27.21 ? 148 PHE A CA    1 
ATOM   1179 C C     . PHE A 1 148 ? -9.300  7.154   -4.289  1.00 26.59 ? 148 PHE A C     1 
ATOM   1180 O O     . PHE A 1 148 ? -9.952  7.573   -5.264  1.00 29.60 ? 148 PHE A O     1 
ATOM   1181 C CB    . PHE A 1 148 ? -7.738  5.377   -5.340  1.00 26.70 ? 148 PHE A CB    1 
ATOM   1182 C CG    . PHE A 1 148 ? -6.456  5.816   -4.718  1.00 25.50 ? 148 PHE A CG    1 
ATOM   1183 C CD1   . PHE A 1 148 ? -5.952  5.191   -3.600  1.00 27.41 ? 148 PHE A CD1   1 
ATOM   1184 C CD2   . PHE A 1 148 ? -5.791  6.943   -5.174  1.00 25.41 ? 148 PHE A CD2   1 
ATOM   1185 C CE1   . PHE A 1 148 ? -4.773  5.618   -2.968  1.00 21.08 ? 148 PHE A CE1   1 
ATOM   1186 C CE2   . PHE A 1 148 ? -4.641  7.411   -4.564  1.00 24.15 ? 148 PHE A CE2   1 
ATOM   1187 C CZ    . PHE A 1 148 ? -4.132  6.778   -3.437  1.00 24.13 ? 148 PHE A CZ    1 
ATOM   1188 N N     . PRO A 1 149 ? -8.899  7.901   -3.271  1.00 27.27 ? 149 PRO A N     1 
ATOM   1189 C CA    . PRO A 1 149 ? -9.221  9.302   -3.126  1.00 29.55 ? 149 PRO A CA    1 
ATOM   1190 C C     . PRO A 1 149 ? -8.413  10.180  -4.127  1.00 33.26 ? 149 PRO A C     1 
ATOM   1191 O O     . PRO A 1 149 ? -7.361  9.688   -4.645  1.00 28.95 ? 149 PRO A O     1 
ATOM   1192 C CB    . PRO A 1 149 ? -8.926  9.617   -1.650  1.00 28.44 ? 149 PRO A CB    1 
ATOM   1193 C CG    . PRO A 1 149 ? -8.072  8.525   -1.112  1.00 27.94 ? 149 PRO A CG    1 
ATOM   1194 C CD    . PRO A 1 149 ? -8.215  7.358   -2.083  1.00 29.93 ? 149 PRO A CD    1 
ATOM   1195 N N     . GLU A 1 150 ? -8.959  11.347  -4.348  1.00 35.03 ? 150 GLU A N     1 
ATOM   1196 C CA    . GLU A 1 150 ? -8.367  12.292  -5.306  1.00 38.35 ? 150 GLU A CA    1 
ATOM   1197 C C     . GLU A 1 150 ? -6.951  12.667  -4.892  1.00 35.83 ? 150 GLU A C     1 
ATOM   1198 O O     . GLU A 1 150 ? -6.615  12.919  -3.716  1.00 32.25 ? 150 GLU A O     1 
ATOM   1199 C CB    . GLU A 1 150 ? -9.193  13.559  -5.498  1.00 43.56 ? 150 GLU A CB    1 
ATOM   1200 C CG    . GLU A 1 150 ? -8.502  14.863  -5.827  1.00 50.16 ? 150 GLU A CG    1 
ATOM   1201 C CD    . GLU A 1 150 ? -8.993  16.114  -6.490  1.00 53.51 ? 150 GLU A CD    1 
ATOM   1202 O OE1   . GLU A 1 150 ? -8.594  16.510  -7.624  1.00 55.99 ? 150 GLU A OE1   1 
ATOM   1203 O OE2   . GLU A 1 150 ? -9.809  16.735  -5.779  1.00 54.79 ? 150 GLU A OE2   1 
ATOM   1204 N N     . ILE A 1 151 ? -6.101  12.684  -5.926  1.00 33.25 ? 151 ILE A N     1 
ATOM   1205 C CA    . ILE A 1 151 ? -4.704  13.096  -5.651  1.00 29.56 ? 151 ILE A CA    1 
ATOM   1206 C C     . ILE A 1 151 ? -4.678  14.600  -5.842  1.00 30.17 ? 151 ILE A C     1 
ATOM   1207 O O     . ILE A 1 151 ? -5.036  15.067  -6.928  1.00 30.00 ? 151 ILE A O     1 
ATOM   1208 C CB    . ILE A 1 151 ? -3.582  12.369  -6.491  1.00 30.51 ? 151 ILE A CB    1 
ATOM   1209 C CG1   . ILE A 1 151 ? -3.771  10.868  -6.422  1.00 29.27 ? 151 ILE A CG1   1 
ATOM   1210 C CG2   . ILE A 1 151 ? -2.160  12.835  -6.024  1.00 26.03 ? 151 ILE A CG2   1 
ATOM   1211 C CD1   . ILE A 1 151 ? -2.918  9.864   -7.229  1.00 25.48 ? 151 ILE A CD1   1 
ATOM   1212 N N     . ASP A 1 152 ? -4.223  15.264  -4.798  1.00 29.57 ? 152 ASP A N     1 
ATOM   1213 C CA    . ASP A 1 152 ? -4.163  16.748  -4.966  1.00 31.82 ? 152 ASP A CA    1 
ATOM   1214 C C     . ASP A 1 152 ? -2.805  17.052  -5.578  1.00 29.23 ? 152 ASP A C     1 
ATOM   1215 O O     . ASP A 1 152 ? -1.785  17.059  -4.899  1.00 29.00 ? 152 ASP A O     1 
ATOM   1216 C CB    . ASP A 1 152 ? -4.403  17.377  -3.644  1.00 31.00 ? 152 ASP A CB    1 
ATOM   1217 C CG    . ASP A 1 152 ? -4.293  18.876  -3.573  1.00 31.54 ? 152 ASP A CG    1 
ATOM   1218 O OD1   . ASP A 1 152 ? -4.590  19.568  -2.573  1.00 31.97 ? 152 ASP A OD1   1 
ATOM   1219 O OD2   . ASP A 1 152 ? -3.919  19.464  -4.581  1.00 31.84 ? 152 ASP A OD2   1 
ATOM   1220 N N     . LEU A 1 153 ? -2.850  17.439  -6.860  1.00 31.72 ? 153 LEU A N     1 
ATOM   1221 C CA    . LEU A 1 153 ? -1.627  17.778  -7.602  1.00 28.57 ? 153 LEU A CA    1 
ATOM   1222 C C     . LEU A 1 153 ? -1.104  19.128  -7.180  1.00 31.15 ? 153 LEU A C     1 
ATOM   1223 O O     . LEU A 1 153 ? -0.002  19.360  -7.717  1.00 34.51 ? 153 LEU A O     1 
ATOM   1224 C CB    . LEU A 1 153 ? -1.782  17.574  -9.094  1.00 27.72 ? 153 LEU A CB    1 
ATOM   1225 C CG    . LEU A 1 153 ? -2.414  16.276  -9.469  1.00 27.65 ? 153 LEU A CG    1 
ATOM   1226 C CD1   . LEU A 1 153 ? -2.924  16.277  -10.881 1.00 28.49 ? 153 LEU A CD1   1 
ATOM   1227 C CD2   . LEU A 1 153 ? -1.363  15.167  -9.236  1.00 25.00 ? 153 LEU A CD2   1 
ATOM   1228 N N     . GLU A 1 154 ? -1.748  19.851  -6.289  1.00 32.03 ? 154 GLU A N     1 
ATOM   1229 C CA    . GLU A 1 154 ? -1.069  21.050  -5.831  1.00 35.94 ? 154 GLU A CA    1 
ATOM   1230 C C     . GLU A 1 154 ? -0.108  20.536  -4.707  1.00 34.89 ? 154 GLU A C     1 
ATOM   1231 O O     . GLU A 1 154 ? 0.850   21.290  -4.407  1.00 35.21 ? 154 GLU A O     1 
ATOM   1232 C CB    . GLU A 1 154 ? -1.719  22.275  -5.257  1.00 38.95 ? 154 GLU A CB    1 
ATOM   1233 C CG    . GLU A 1 154 ? -2.865  22.869  -6.067  1.00 41.28 ? 154 GLU A CG    1 
ATOM   1234 C CD    . GLU A 1 154 ? -2.586  24.049  -6.948  1.00 43.58 ? 154 GLU A CD    1 
ATOM   1235 O OE1   . GLU A 1 154 ? -3.593  24.691  -7.322  1.00 41.67 ? 154 GLU A OE1   1 
ATOM   1236 O OE2   . GLU A 1 154 ? -1.349  24.272  -7.130  1.00 42.00 ? 154 GLU A OE2   1 
ATOM   1237 N N     . LYS A 1 155 ? -0.311  19.357  -4.163  1.00 33.89 ? 155 LYS A N     1 
ATOM   1238 C CA    . LYS A 1 155 ? 0.617   18.894  -3.086  1.00 34.17 ? 155 LYS A CA    1 
ATOM   1239 C C     . LYS A 1 155 ? 1.539   17.772  -3.529  1.00 32.09 ? 155 LYS A C     1 
ATOM   1240 O O     . LYS A 1 155 ? 2.708   17.705  -3.146  1.00 34.49 ? 155 LYS A O     1 
ATOM   1241 C CB    . LYS A 1 155 ? -0.171  18.349  -1.908  1.00 35.80 ? 155 LYS A CB    1 
ATOM   1242 C CG    . LYS A 1 155 ? -1.151  19.306  -1.277  1.00 41.62 ? 155 LYS A CG    1 
ATOM   1243 C CD    . LYS A 1 155 ? -2.023  18.580  -0.226  1.00 46.39 ? 155 LYS A CD    1 
ATOM   1244 C CE    . LYS A 1 155 ? -2.624  19.644  0.707   1.00 50.24 ? 155 LYS A CE    1 
ATOM   1245 N NZ    . LYS A 1 155 ? -2.945  18.945  2.012   1.00 54.31 ? 155 LYS A NZ    1 
ATOM   1246 N N     . TYR A 1 156 ? 1.058   16.894  -4.366  1.00 28.46 ? 156 TYR A N     1 
ATOM   1247 C CA    . TYR A 1 156 ? 1.816   15.720  -4.814  1.00 28.89 ? 156 TYR A CA    1 
ATOM   1248 C C     . TYR A 1 156 ? 2.441   15.953  -6.184  1.00 26.31 ? 156 TYR A C     1 
ATOM   1249 O O     . TYR A 1 156 ? 1.666   16.136  -7.122  1.00 31.28 ? 156 TYR A O     1 
ATOM   1250 C CB    . TYR A 1 156 ? 0.903   14.504  -4.940  1.00 28.47 ? 156 TYR A CB    1 
ATOM   1251 C CG    . TYR A 1 156 ? 0.573   13.978  -3.525  1.00 30.49 ? 156 TYR A CG    1 
ATOM   1252 C CD1   . TYR A 1 156 ? -0.594  14.325  -2.929  1.00 30.65 ? 156 TYR A CD1   1 
ATOM   1253 C CD2   . TYR A 1 156 ? 1.493   13.156  -2.843  1.00 32.08 ? 156 TYR A CD2   1 
ATOM   1254 C CE1   . TYR A 1 156 ? -0.931  13.831  -1.630  1.00 30.34 ? 156 TYR A CE1   1 
ATOM   1255 C CE2   . TYR A 1 156 ? 1.207   12.641  -1.587  1.00 29.68 ? 156 TYR A CE2   1 
ATOM   1256 C CZ    . TYR A 1 156 ? -0.007  12.973  -0.997  1.00 31.46 ? 156 TYR A CZ    1 
ATOM   1257 O OH    . TYR A 1 156 ? -0.221  12.522  0.277   1.00 34.09 ? 156 TYR A OH    1 
ATOM   1258 N N     . LYS A 1 157 ? 3.702   15.807  -6.299  1.00 28.74 ? 157 LYS A N     1 
ATOM   1259 C CA    . LYS A 1 157 ? 4.344   15.981  -7.632  1.00 29.90 ? 157 LYS A CA    1 
ATOM   1260 C C     . LYS A 1 157 ? 4.626   14.641  -8.275  1.00 23.87 ? 157 LYS A C     1 
ATOM   1261 O O     . LYS A 1 157 ? 5.185   13.722  -7.641  1.00 22.51 ? 157 LYS A O     1 
ATOM   1262 C CB    . LYS A 1 157 ? 5.630   16.787  -7.385  1.00 34.86 ? 157 LYS A CB    1 
ATOM   1263 C CG    . LYS A 1 157 ? 6.248   17.204  -8.719  1.00 43.27 ? 157 LYS A CG    1 
ATOM   1264 C CD    . LYS A 1 157 ? 7.358   18.253  -8.703  1.00 49.68 ? 157 LYS A CD    1 
ATOM   1265 C CE    . LYS A 1 157 ? 7.661   18.704  -10.149 1.00 52.76 ? 157 LYS A CE    1 
ATOM   1266 N NZ    . LYS A 1 157 ? 8.822   19.656  -10.240 1.00 55.14 ? 157 LYS A NZ    1 
ATOM   1267 N N     . LEU A 1 158 ? 4.290   14.463  -9.534  1.00 24.65 ? 158 LEU A N     1 
ATOM   1268 C CA    . LEU A 1 158 ? 4.560   13.257  -10.281 1.00 22.43 ? 158 LEU A CA    1 
ATOM   1269 C C     . LEU A 1 158 ? 6.084   13.314  -10.519 1.00 24.59 ? 158 LEU A C     1 
ATOM   1270 O O     . LEU A 1 158 ? 6.458   14.354  -11.037 1.00 26.62 ? 158 LEU A O     1 
ATOM   1271 C CB    . LEU A 1 158 ? 3.777   13.244  -11.571 1.00 20.67 ? 158 LEU A CB    1 
ATOM   1272 C CG    . LEU A 1 158 ? 3.790   12.043  -12.439 1.00 23.99 ? 158 LEU A CG    1 
ATOM   1273 C CD1   . LEU A 1 158 ? 3.567   10.740  -11.615 1.00 20.42 ? 158 LEU A CD1   1 
ATOM   1274 C CD2   . LEU A 1 158 ? 2.711   12.189  -13.492 1.00 25.06 ? 158 LEU A CD2   1 
ATOM   1275 N N     . LEU A 1 159 ? 6.839   12.296  -10.172 1.00 25.60 ? 159 LEU A N     1 
ATOM   1276 C CA    . LEU A 1 159 ? 8.288   12.275  -10.421 1.00 24.73 ? 159 LEU A CA    1 
ATOM   1277 C C     . LEU A 1 159 ? 8.499   11.790  -11.872 1.00 28.29 ? 159 LEU A C     1 
ATOM   1278 O O     . LEU A 1 159 ? 7.708   10.960  -12.431 1.00 25.72 ? 159 LEU A O     1 
ATOM   1279 C CB    . LEU A 1 159 ? 8.895   11.349  -9.417  1.00 24.51 ? 159 LEU A CB    1 
ATOM   1280 C CG    . LEU A 1 159 ? 8.838   11.720  -7.951  1.00 26.94 ? 159 LEU A CG    1 
ATOM   1281 C CD1   . LEU A 1 159 ? 9.711   10.596  -7.360  1.00 26.43 ? 159 LEU A CD1   1 
ATOM   1282 C CD2   . LEU A 1 159 ? 9.099   13.135  -7.516  1.00 28.22 ? 159 LEU A CD2   1 
ATOM   1283 N N     . PRO A 1 160 ? 9.569   12.331  -12.468 1.00 29.49 ? 160 PRO A N     1 
ATOM   1284 C CA    . PRO A 1 160 ? 9.949   12.044  -13.850 1.00 31.03 ? 160 PRO A CA    1 
ATOM   1285 C C     . PRO A 1 160 ? 10.460  10.645  -13.994 1.00 31.33 ? 160 PRO A C     1 
ATOM   1286 O O     . PRO A 1 160 ? 10.445  10.040  -15.103 1.00 36.54 ? 160 PRO A O     1 
ATOM   1287 C CB    . PRO A 1 160 ? 11.042  13.063  -14.164 1.00 30.82 ? 160 PRO A CB    1 
ATOM   1288 C CG    . PRO A 1 160 ? 10.921  14.103  -13.119 1.00 34.18 ? 160 PRO A CG    1 
ATOM   1289 C CD    . PRO A 1 160 ? 10.471  13.335  -11.881 1.00 29.52 ? 160 PRO A CD    1 
ATOM   1290 N N     . GLU A 1 161 ? 10.925  10.151  -12.864 1.00 29.21 ? 161 GLU A N     1 
ATOM   1291 C CA    . GLU A 1 161 ? 11.496  8.803   -12.796 1.00 33.62 ? 161 GLU A CA    1 
ATOM   1292 C C     . GLU A 1 161 ? 11.806  8.407   -11.368 1.00 31.08 ? 161 GLU A C     1 
ATOM   1293 O O     . GLU A 1 161 ? 11.827  9.281   -10.470 1.00 36.03 ? 161 GLU A O     1 
ATOM   1294 C CB    . GLU A 1 161 ? 12.858  8.799   -13.552 1.00 36.95 ? 161 GLU A CB    1 
ATOM   1295 C CG    . GLU A 1 161 ? 13.979  9.581   -12.888 1.00 40.52 ? 161 GLU A CG    1 
ATOM   1296 C CD    . GLU A 1 161 ? 15.215  9.932   -13.647 1.00 46.64 ? 161 GLU A CD    1 
ATOM   1297 O OE1   . GLU A 1 161 ? 15.772  9.033   -14.284 1.00 51.33 ? 161 GLU A OE1   1 
ATOM   1298 O OE2   . GLU A 1 161 ? 15.601  11.116  -13.607 1.00 46.17 ? 161 GLU A OE2   1 
ATOM   1299 N N     . TYR A 1 162 ? 12.141  7.200   -11.171 1.00 30.33 ? 162 TYR A N     1 
ATOM   1300 C CA    . TYR A 1 162 ? 12.492  6.574   -9.917  1.00 32.28 ? 162 TYR A CA    1 
ATOM   1301 C C     . TYR A 1 162 ? 13.222  5.254   -10.076 1.00 33.96 ? 162 TYR A C     1 
ATOM   1302 O O     . TYR A 1 162 ? 12.725  4.401   -10.833 1.00 36.28 ? 162 TYR A O     1 
ATOM   1303 C CB    . TYR A 1 162 ? 11.116  6.298   -9.151  1.00 29.23 ? 162 TYR A CB    1 
ATOM   1304 C CG    . TYR A 1 162 ? 11.447  6.238   -7.679  1.00 27.13 ? 162 TYR A CG    1 
ATOM   1305 C CD1   . TYR A 1 162 ? 11.620  7.451   -6.989  1.00 28.44 ? 162 TYR A CD1   1 
ATOM   1306 C CD2   . TYR A 1 162 ? 11.601  5.050   -6.972  1.00 27.49 ? 162 TYR A CD2   1 
ATOM   1307 C CE1   . TYR A 1 162 ? 11.947  7.461   -5.658  1.00 28.10 ? 162 TYR A CE1   1 
ATOM   1308 C CE2   . TYR A 1 162 ? 11.893  5.091   -5.605  1.00 29.24 ? 162 TYR A CE2   1 
ATOM   1309 C CZ    . TYR A 1 162 ? 12.082  6.277   -4.966  1.00 29.75 ? 162 TYR A CZ    1 
ATOM   1310 O OH    . TYR A 1 162 ? 12.410  6.336   -3.603  1.00 34.60 ? 162 TYR A OH    1 
ATOM   1311 N N     . PRO A 1 163 ? 14.310  5.035   -9.354  1.00 36.87 ? 163 PRO A N     1 
ATOM   1312 C CA    . PRO A 1 163 ? 15.107  3.829   -9.370  1.00 37.76 ? 163 PRO A CA    1 
ATOM   1313 C C     . PRO A 1 163 ? 14.325  2.547   -9.065  1.00 38.52 ? 163 PRO A C     1 
ATOM   1314 O O     . PRO A 1 163 ? 13.687  2.521   -8.011  1.00 38.03 ? 163 PRO A O     1 
ATOM   1315 C CB    . PRO A 1 163 ? 16.103  3.926   -8.202  1.00 37.84 ? 163 PRO A CB    1 
ATOM   1316 C CG    . PRO A 1 163 ? 16.047  5.341   -7.763  1.00 37.33 ? 163 PRO A CG    1 
ATOM   1317 C CD    . PRO A 1 163 ? 14.913  6.029   -8.453  1.00 37.24 ? 163 PRO A CD    1 
ATOM   1318 N N     . GLY A 1 164 ? 14.373  1.556   -9.965  1.00 36.85 ? 164 GLY A N     1 
ATOM   1319 C CA    . GLY A 1 164 ? 13.633  0.293   -9.706  1.00 37.04 ? 164 GLY A CA    1 
ATOM   1320 C C     . GLY A 1 164 ? 12.231  0.263   -10.288 1.00 36.57 ? 164 GLY A C     1 
ATOM   1321 O O     . GLY A 1 164 ? 11.493  -0.730  -10.317 1.00 38.36 ? 164 GLY A O     1 
ATOM   1322 N N     . VAL A 1 165 ? 11.759  1.375   -10.796 1.00 35.66 ? 165 VAL A N     1 
ATOM   1323 C CA    . VAL A 1 165 ? 10.442  1.569   -11.383 1.00 34.18 ? 165 VAL A CA    1 
ATOM   1324 C C     . VAL A 1 165 ? 10.494  1.810   -12.870 1.00 36.44 ? 165 VAL A C     1 
ATOM   1325 O O     . VAL A 1 165 ? 11.009  2.830   -13.385 1.00 38.04 ? 165 VAL A O     1 
ATOM   1326 C CB    . VAL A 1 165 ? 9.609   2.621   -10.590 1.00 32.63 ? 165 VAL A CB    1 
ATOM   1327 C CG1   . VAL A 1 165 ? 8.144   2.674   -10.971 1.00 31.77 ? 165 VAL A CG1   1 
ATOM   1328 C CG2   . VAL A 1 165 ? 9.733   2.369   -9.098  1.00 32.35 ? 165 VAL A CG2   1 
ATOM   1329 N N     . LEU A 1 166 ? 9.902   0.903   -13.620 1.00 35.65 ? 166 LEU A N     1 
ATOM   1330 C CA    . LEU A 1 166 ? 9.824   0.973   -15.087 1.00 34.22 ? 166 LEU A CA    1 
ATOM   1331 C C     . LEU A 1 166 ? 9.049   2.196   -15.519 1.00 34.63 ? 166 LEU A C     1 
ATOM   1332 O O     . LEU A 1 166 ? 7.999   2.423   -14.882 1.00 33.33 ? 166 LEU A O     1 
ATOM   1333 C CB    . LEU A 1 166 ? 9.082   -0.342  -15.353 1.00 36.35 ? 166 LEU A CB    1 
ATOM   1334 C CG    . LEU A 1 166 ? 9.958   -1.416  -15.937 1.00 37.49 ? 166 LEU A CG    1 
ATOM   1335 C CD1   . LEU A 1 166 ? 11.364  -1.342  -15.389 1.00 38.95 ? 166 LEU A CD1   1 
ATOM   1336 C CD2   . LEU A 1 166 ? 9.305   -2.777  -15.766 1.00 37.95 ? 166 LEU A CD2   1 
ATOM   1337 N N     . SER A 1 167 ? 9.498   2.911   -16.549 1.00 34.00 ? 167 SER A N     1 
ATOM   1338 C CA    . SER A 1 167 ? 8.779   4.114   -16.991 1.00 38.24 ? 167 SER A CA    1 
ATOM   1339 C C     . SER A 1 167 ? 7.891   3.774   -18.175 1.00 37.39 ? 167 SER A C     1 
ATOM   1340 O O     . SER A 1 167 ? 6.954   4.522   -18.536 1.00 37.01 ? 167 SER A O     1 
ATOM   1341 C CB    . SER A 1 167 ? 9.717   5.284   -17.291 1.00 40.74 ? 167 SER A CB    1 
ATOM   1342 O OG    . SER A 1 167 ? 10.509  5.866   -16.276 1.00 44.14 ? 167 SER A OG    1 
ATOM   1343 N N     . ASP A 1 168 ? 8.152   2.605   -18.770 1.00 40.81 ? 168 ASP A N     1 
ATOM   1344 C CA    . ASP A 1 168 ? 7.373   2.157   -19.932 1.00 41.29 ? 168 ASP A CA    1 
ATOM   1345 C C     . ASP A 1 168 ? 6.029   1.491   -19.566 1.00 40.35 ? 168 ASP A C     1 
ATOM   1346 O O     . ASP A 1 168 ? 5.966   0.751   -18.542 1.00 39.91 ? 168 ASP A O     1 
ATOM   1347 C CB    . ASP A 1 168 ? 8.218   1.245   -20.858 1.00 43.72 ? 168 ASP A CB    1 
ATOM   1348 C CG    . ASP A 1 168 ? 9.065   0.304   -20.037 1.00 47.95 ? 168 ASP A CG    1 
ATOM   1349 O OD1   . ASP A 1 168 ? 8.923   -0.942  -19.841 1.00 49.27 ? 168 ASP A OD1   1 
ATOM   1350 O OD2   . ASP A 1 168 ? 10.059  0.875   -19.484 1.00 49.43 ? 168 ASP A OD2   1 
ATOM   1351 N N     . VAL A 1 169 ? 5.111   1.744   -20.472 1.00 34.46 ? 169 VAL A N     1 
ATOM   1352 C CA    . VAL A 1 169 ? 3.755   1.164   -20.434 1.00 36.16 ? 169 VAL A CA    1 
ATOM   1353 C C     . VAL A 1 169 ? 3.966   -0.359  -20.492 1.00 35.98 ? 169 VAL A C     1 
ATOM   1354 O O     . VAL A 1 169 ? 4.722   -0.936  -21.282 1.00 35.14 ? 169 VAL A O     1 
ATOM   1355 C CB    . VAL A 1 169 ? 2.793   1.635   -21.505 1.00 35.48 ? 169 VAL A CB    1 
ATOM   1356 C CG1   . VAL A 1 169 ? 1.421   0.999   -21.351 1.00 37.23 ? 169 VAL A CG1   1 
ATOM   1357 C CG2   . VAL A 1 169 ? 2.538   3.105   -21.656 1.00 36.39 ? 169 VAL A CG2   1 
ATOM   1358 N N     . GLN A 1 170 ? 3.267   -1.031  -19.558 1.00 34.92 ? 170 GLN A N     1 
ATOM   1359 C CA    . GLN A 1 170 ? 3.366   -2.476  -19.402 1.00 32.93 ? 170 GLN A CA    1 
ATOM   1360 C C     . GLN A 1 170 ? 2.088   -3.041  -19.964 1.00 33.17 ? 170 GLN A C     1 
ATOM   1361 O O     . GLN A 1 170 ? 1.119   -2.313  -20.179 1.00 29.65 ? 170 GLN A O     1 
ATOM   1362 C CB    . GLN A 1 170 ? 3.594   -2.792  -17.916 1.00 32.94 ? 170 GLN A CB    1 
ATOM   1363 C CG    . GLN A 1 170 ? 4.759   -2.178  -17.250 1.00 33.88 ? 170 GLN A CG    1 
ATOM   1364 C CD    . GLN A 1 170 ? 6.125   -2.453  -17.831 1.00 36.83 ? 170 GLN A CD    1 
ATOM   1365 O OE1   . GLN A 1 170 ? 6.665   -3.562  -17.875 1.00 39.26 ? 170 GLN A OE1   1 
ATOM   1366 N NE2   . GLN A 1 170 ? 6.773   -1.388  -18.320 1.00 39.38 ? 170 GLN A NE2   1 
ATOM   1367 N N     . GLU A 1 171 ? 2.085   -4.349  -20.259 1.00 35.64 ? 171 GLU A N     1 
ATOM   1368 C CA    . GLU A 1 171 ? 0.795   -4.855  -20.771 1.00 37.35 ? 171 GLU A CA    1 
ATOM   1369 C C     . GLU A 1 171 ? 0.644   -6.285  -20.327 1.00 37.12 ? 171 GLU A C     1 
ATOM   1370 O O     . GLU A 1 171 ? 1.669   -6.981  -20.401 1.00 35.77 ? 171 GLU A O     1 
ATOM   1371 C CB    . GLU A 1 171 ? 0.722   -4.851  -22.291 1.00 40.35 ? 171 GLU A CB    1 
ATOM   1372 C CG    . GLU A 1 171 ? -0.734  -5.201  -22.684 1.00 45.31 ? 171 GLU A CG    1 
ATOM   1373 C CD    . GLU A 1 171 ? -0.897  -5.109  -24.191 1.00 48.19 ? 171 GLU A CD    1 
ATOM   1374 O OE1   . GLU A 1 171 ? -1.910  -4.631  -24.683 1.00 50.44 ? 171 GLU A OE1   1 
ATOM   1375 O OE2   . GLU A 1 171 ? 0.122   -5.539  -24.751 1.00 50.52 ? 171 GLU A OE2   1 
ATOM   1376 N N     . GLU A 1 172 ? -0.530  -6.677  -19.903 1.00 36.25 ? 172 GLU A N     1 
ATOM   1377 C CA    . GLU A 1 172 ? -0.607  -8.116  -19.459 1.00 38.17 ? 172 GLU A CA    1 
ATOM   1378 C C     . GLU A 1 172 ? -2.055  -8.521  -19.512 1.00 38.99 ? 172 GLU A C     1 
ATOM   1379 O O     . GLU A 1 172 ? -2.930  -7.732  -19.092 1.00 38.41 ? 172 GLU A O     1 
ATOM   1380 C CB    . GLU A 1 172 ? 0.071   -8.205  -18.112 1.00 40.17 ? 172 GLU A CB    1 
ATOM   1381 C CG    . GLU A 1 172 ? 0.143   -9.558  -17.438 1.00 44.94 ? 172 GLU A CG    1 
ATOM   1382 C CD    . GLU A 1 172 ? 0.728   -9.540  -16.042 1.00 46.17 ? 172 GLU A CD    1 
ATOM   1383 O OE1   . GLU A 1 172 ? 1.457   -8.709  -15.587 1.00 44.51 ? 172 GLU A OE1   1 
ATOM   1384 O OE2   . GLU A 1 172 ? 0.306   -10.511 -15.346 1.00 50.02 ? 172 GLU A OE2   1 
ATOM   1385 N N     . LYS A 1 173 ? -2.343  -9.655  -20.159 1.00 39.15 ? 173 LYS A N     1 
ATOM   1386 C CA    . LYS A 1 173 ? -3.719  -10.105 -20.294 1.00 39.10 ? 173 LYS A CA    1 
ATOM   1387 C C     . LYS A 1 173 ? -4.492  -9.040  -21.089 1.00 39.92 ? 173 LYS A C     1 
ATOM   1388 O O     . LYS A 1 173 ? -5.709  -9.009  -20.886 1.00 41.05 ? 173 LYS A O     1 
ATOM   1389 C CB    . LYS A 1 173 ? -4.536  -10.324 -19.050 1.00 41.51 ? 173 LYS A CB    1 
ATOM   1390 C CG    . LYS A 1 173 ? -4.146  -11.486 -18.164 1.00 42.38 ? 173 LYS A CG    1 
ATOM   1391 C CD    . LYS A 1 173 ? -5.110  -11.565 -16.985 1.00 44.62 ? 173 LYS A CD    1 
ATOM   1392 C CE    . LYS A 1 173 ? -4.609  -12.779 -16.163 1.00 46.97 ? 173 LYS A CE    1 
ATOM   1393 N NZ    . LYS A 1 173 ? -5.521  -12.903 -14.993 1.00 48.43 ? 173 LYS A NZ    1 
ATOM   1394 N N     . GLY A 1 174 ? -3.756  -8.336  -21.910 1.00 40.18 ? 174 GLY A N     1 
ATOM   1395 C CA    . GLY A 1 174 ? -4.254  -7.316  -22.801 1.00 38.41 ? 174 GLY A CA    1 
ATOM   1396 C C     . GLY A 1 174 ? -4.671  -6.062  -22.030 1.00 37.64 ? 174 GLY A C     1 
ATOM   1397 O O     . GLY A 1 174 ? -5.467  -5.228  -22.600 1.00 41.91 ? 174 GLY A O     1 
ATOM   1398 N N     . ILE A 1 175 ? -4.164  -6.006  -20.807 1.00 34.94 ? 175 ILE A N     1 
ATOM   1399 C CA    . ILE A 1 175 ? -4.534  -4.723  -20.062 1.00 33.28 ? 175 ILE A CA    1 
ATOM   1400 C C     . ILE A 1 175 ? -3.264  -3.910  -20.032 1.00 27.79 ? 175 ILE A C     1 
ATOM   1401 O O     . ILE A 1 175 ? -2.181  -4.339  -19.720 1.00 29.63 ? 175 ILE A O     1 
ATOM   1402 C CB    . ILE A 1 175 ? -5.176  -4.934  -18.642 1.00 32.65 ? 175 ILE A CB    1 
ATOM   1403 C CG1   . ILE A 1 175 ? -6.542  -5.674  -18.766 1.00 34.02 ? 175 ILE A CG1   1 
ATOM   1404 C CG2   . ILE A 1 175 ? -5.373  -3.574  -17.891 1.00 30.79 ? 175 ILE A CG2   1 
ATOM   1405 C CD1   . ILE A 1 175 ? -6.887  -6.397  -17.421 1.00 35.56 ? 175 ILE A CD1   1 
ATOM   1406 N N     . LYS A 1 176 ? -3.362  -2.650  -20.369 1.00 34.79 ? 176 LYS A N     1 
ATOM   1407 C CA    . LYS A 1 176 ? -2.184  -1.774  -20.245 1.00 29.53 ? 176 LYS A CA    1 
ATOM   1408 C C     . LYS A 1 176 ? -2.183  -1.031  -18.899 1.00 29.00 ? 176 LYS A C     1 
ATOM   1409 O O     . LYS A 1 176 ? -3.213  -0.461  -18.436 1.00 27.36 ? 176 LYS A O     1 
ATOM   1410 C CB    . LYS A 1 176 ? -2.114  -0.766  -21.364 1.00 32.60 ? 176 LYS A CB    1 
ATOM   1411 C CG    . LYS A 1 176 ? -1.474  -1.365  -22.614 1.00 33.34 ? 176 LYS A CG    1 
ATOM   1412 C CD    . LYS A 1 176 ? -1.583  -0.385  -23.772 1.00 40.67 ? 176 LYS A CD    1 
ATOM   1413 C CE    . LYS A 1 176 ? -1.717  -1.181  -25.095 1.00 42.08 ? 176 LYS A CE    1 
ATOM   1414 N NZ    . LYS A 1 176 ? -0.358  -1.609  -25.626 1.00 44.20 ? 176 LYS A NZ    1 
ATOM   1415 N N     . TYR A 1 177 ? -0.971  -0.939  -18.372 1.00 25.08 ? 177 TYR A N     1 
ATOM   1416 C CA    . TYR A 1 177 ? -0.760  -0.248  -17.112 1.00 27.07 ? 177 TYR A CA    1 
ATOM   1417 C C     . TYR A 1 177 ? 0.622   0.412   -17.145 1.00 28.61 ? 177 TYR A C     1 
ATOM   1418 O O     . TYR A 1 177 ? 1.427   0.080   -18.037 1.00 32.22 ? 177 TYR A O     1 
ATOM   1419 C CB    . TYR A 1 177 ? -0.877  -1.150  -15.862 1.00 25.76 ? 177 TYR A CB    1 
ATOM   1420 C CG    . TYR A 1 177 ? 0.031   -2.304  -15.654 1.00 25.99 ? 177 TYR A CG    1 
ATOM   1421 C CD1   . TYR A 1 177 ? 1.281   -2.212  -15.017 1.00 24.47 ? 177 TYR A CD1   1 
ATOM   1422 C CD2   . TYR A 1 177 ? -0.436  -3.551  -16.142 1.00 27.30 ? 177 TYR A CD2   1 
ATOM   1423 C CE1   . TYR A 1 177 ? 2.026   -3.405  -14.873 1.00 27.52 ? 177 TYR A CE1   1 
ATOM   1424 C CE2   . TYR A 1 177 ? 0.308   -4.692  -15.937 1.00 29.40 ? 177 TYR A CE2   1 
ATOM   1425 C CZ    . TYR A 1 177 ? 1.548   -4.598  -15.340 1.00 28.58 ? 177 TYR A CZ    1 
ATOM   1426 O OH    . TYR A 1 177 ? 2.171   -5.816  -15.238 1.00 34.17 ? 177 TYR A OH    1 
ATOM   1427 N N     . LYS A 1 178 ? 0.799   1.353   -16.252 1.00 28.36 ? 178 LYS A N     1 
ATOM   1428 C CA    . LYS A 1 178 ? 1.989   2.156   -16.047 1.00 28.14 ? 178 LYS A CA    1 
ATOM   1429 C C     . LYS A 1 178 ? 2.250   2.427   -14.563 1.00 26.84 ? 178 LYS A C     1 
ATOM   1430 O O     . LYS A 1 178 ? 1.243   2.673   -13.823 1.00 26.66 ? 178 LYS A O     1 
ATOM   1431 C CB    . LYS A 1 178 ? 1.880   3.452   -16.777 1.00 30.20 ? 178 LYS A CB    1 
ATOM   1432 C CG    . LYS A 1 178 ? 1.055   4.663   -16.272 1.00 36.77 ? 178 LYS A CG    1 
ATOM   1433 C CD    . LYS A 1 178 ? 0.925   5.557   -17.516 1.00 36.94 ? 178 LYS A CD    1 
ATOM   1434 C CE    . LYS A 1 178 ? 0.278   6.890   -17.449 1.00 40.54 ? 178 LYS A CE    1 
ATOM   1435 N NZ    . LYS A 1 178 ? -0.870  6.985   -16.528 1.00 42.71 ? 178 LYS A NZ    1 
ATOM   1436 N N     . PHE A 1 179 ? 3.481   2.493   -14.187 1.00 25.37 ? 179 PHE A N     1 
ATOM   1437 C CA    . PHE A 1 179 ? 3.826   2.764   -12.760 1.00 27.70 ? 179 PHE A CA    1 
ATOM   1438 C C     . PHE A 1 179 ? 4.193   4.202   -12.519 1.00 26.85 ? 179 PHE A C     1 
ATOM   1439 O O     . PHE A 1 179 ? 5.086   4.607   -13.287 1.00 25.84 ? 179 PHE A O     1 
ATOM   1440 C CB    . PHE A 1 179 ? 5.008   1.948   -12.240 1.00 23.96 ? 179 PHE A CB    1 
ATOM   1441 C CG    . PHE A 1 179 ? 4.832   0.491   -12.381 1.00 25.47 ? 179 PHE A CG    1 
ATOM   1442 C CD1   . PHE A 1 179 ? 5.545   -0.210  -13.426 1.00 25.87 ? 179 PHE A CD1   1 
ATOM   1443 C CD2   . PHE A 1 179 ? 3.941   -0.190  -11.605 1.00 22.23 ? 179 PHE A CD2   1 
ATOM   1444 C CE1   . PHE A 1 179 ? 5.379   -1.562  -13.608 1.00 24.17 ? 179 PHE A CE1   1 
ATOM   1445 C CE2   . PHE A 1 179 ? 3.775   -1.544  -11.811 1.00 26.42 ? 179 PHE A CE2   1 
ATOM   1446 C CZ    . PHE A 1 179 ? 4.469   -2.271  -12.765 1.00 25.58 ? 179 PHE A CZ    1 
ATOM   1447 N N     . GLU A 1 180 ? 3.664   4.917   -11.580 1.00 25.08 ? 180 GLU A N     1 
ATOM   1448 C CA    . GLU A 1 180 ? 3.981   6.297   -11.268 1.00 23.90 ? 180 GLU A CA    1 
ATOM   1449 C C     . GLU A 1 180 ? 4.381   6.456   -9.815  1.00 28.05 ? 180 GLU A C     1 
ATOM   1450 O O     . GLU A 1 180 ? 3.986   5.624   -8.930  1.00 27.29 ? 180 GLU A O     1 
ATOM   1451 C CB    . GLU A 1 180 ? 2.712   7.228   -11.434 1.00 25.69 ? 180 GLU A CB    1 
ATOM   1452 C CG    . GLU A 1 180 ? 2.147   7.098   -12.865 1.00 25.24 ? 180 GLU A CG    1 
ATOM   1453 C CD    . GLU A 1 180 ? 1.078   8.036   -13.135 1.00 26.61 ? 180 GLU A CD    1 
ATOM   1454 O OE1   . GLU A 1 180 ? 0.902   8.490   -14.219 1.00 24.44 ? 180 GLU A OE1   1 
ATOM   1455 O OE2   . GLU A 1 180 ? 0.274   8.389   -12.216 1.00 28.65 ? 180 GLU A OE2   1 
ATOM   1456 N N     . VAL A 1 181 ? 5.192   7.420   -9.515  1.00 26.64 ? 181 VAL A N     1 
ATOM   1457 C CA    . VAL A 1 181 ? 5.644   7.815   -8.183  1.00 24.94 ? 181 VAL A CA    1 
ATOM   1458 C C     . VAL A 1 181 ? 5.342   9.269   -8.007  1.00 27.23 ? 181 VAL A C     1 
ATOM   1459 O O     . VAL A 1 181 ? 5.577   10.109  -8.845  1.00 25.62 ? 181 VAL A O     1 
ATOM   1460 C CB    . VAL A 1 181 ? 6.888   7.114   -7.604  1.00 30.15 ? 181 VAL A CB    1 
ATOM   1461 C CG1   . VAL A 1 181 ? 7.742   6.287   -8.483  1.00 29.73 ? 181 VAL A CG1   1 
ATOM   1462 C CG2   . VAL A 1 181 ? 7.487   7.788   -6.408  1.00 29.46 ? 181 VAL A CG2   1 
ATOM   1463 N N     . TYR A 1 182 ? 4.651   9.616   -6.919  1.00 24.00 ? 182 TYR A N     1 
ATOM   1464 C CA    . TYR A 1 182 ? 4.282   10.942  -6.547  1.00 22.69 ? 182 TYR A CA    1 
ATOM   1465 C C     . TYR A 1 182 ? 4.977   11.270  -5.267  1.00 22.24 ? 182 TYR A C     1 
ATOM   1466 O O     . TYR A 1 182 ? 5.123   10.301  -4.474  1.00 23.80 ? 182 TYR A O     1 
ATOM   1467 C CB    . TYR A 1 182 ? 2.767   11.070  -6.215  1.00 22.41 ? 182 TYR A CB    1 
ATOM   1468 C CG    . TYR A 1 182 ? 1.900   10.932  -7.423  1.00 17.80 ? 182 TYR A CG    1 
ATOM   1469 C CD1   . TYR A 1 182 ? 1.552   9.760   -7.963  1.00 21.18 ? 182 TYR A CD1   1 
ATOM   1470 C CD2   . TYR A 1 182 ? 1.599   12.126  -8.110  1.00 22.41 ? 182 TYR A CD2   1 
ATOM   1471 C CE1   . TYR A 1 182 ? 0.833   9.616   -9.148  1.00 20.84 ? 182 TYR A CE1   1 
ATOM   1472 C CE2   . TYR A 1 182 ? 0.897   12.082  -9.269  1.00 20.30 ? 182 TYR A CE2   1 
ATOM   1473 C CZ    . TYR A 1 182 ? 0.540   10.811  -9.760  1.00 22.55 ? 182 TYR A CZ    1 
ATOM   1474 O OH    . TYR A 1 182 ? -0.202  10.804  -10.928 1.00 24.21 ? 182 TYR A OH    1 
ATOM   1475 N N     . GLU A 1 183 ? 5.401   12.468  -5.033  1.00 25.34 ? 183 GLU A N     1 
ATOM   1476 C CA    . GLU A 1 183 ? 6.006   12.857  -3.758  1.00 23.05 ? 183 GLU A CA    1 
ATOM   1477 C C     . GLU A 1 183 ? 5.426   14.160  -3.264  1.00 28.02 ? 183 GLU A C     1 
ATOM   1478 O O     . GLU A 1 183 ? 5.137   15.159  -3.951  1.00 26.78 ? 183 GLU A O     1 
ATOM   1479 C CB    . GLU A 1 183 ? 7.518   12.919  -3.802  1.00 27.42 ? 183 GLU A CB    1 
ATOM   1480 C CG    . GLU A 1 183 ? 8.335   13.839  -2.874  1.00 30.68 ? 183 GLU A CG    1 
ATOM   1481 C CD    . GLU A 1 183 ? 9.793   14.059  -3.197  1.00 31.80 ? 183 GLU A CD    1 
ATOM   1482 O OE1   . GLU A 1 183 ? 10.292  14.792  -4.020  1.00 34.07 ? 183 GLU A OE1   1 
ATOM   1483 O OE2   . GLU A 1 183 ? 10.527  13.442  -2.419  1.00 29.68 ? 183 GLU A OE2   1 
ATOM   1484 N N     . LYS A 1 184 ? 5.285   14.200  -1.915  1.00 30.01 ? 184 LYS A N     1 
ATOM   1485 C CA    . LYS A 1 184 ? 4.819   15.359  -1.161  1.00 34.64 ? 184 LYS A CA    1 
ATOM   1486 C C     . LYS A 1 184 ? 5.717   15.638  0.015   1.00 38.35 ? 184 LYS A C     1 
ATOM   1487 O O     . LYS A 1 184 ? 6.281   14.631  0.487   1.00 39.59 ? 184 LYS A O     1 
ATOM   1488 C CB    . LYS A 1 184 ? 3.454   14.897  -0.585  1.00 35.82 ? 184 LYS A CB    1 
ATOM   1489 C CG    . LYS A 1 184 ? 3.075   15.548  0.738   1.00 36.09 ? 184 LYS A CG    1 
ATOM   1490 C CD    . LYS A 1 184 ? 1.550   15.365  0.976   1.00 36.15 ? 184 LYS A CD    1 
ATOM   1491 C CE    . LYS A 1 184 ? 1.456   14.629  2.328   1.00 39.63 ? 184 LYS A CE    1 
ATOM   1492 N NZ    . LYS A 1 184 ? 2.217   15.466  3.314   1.00 40.30 ? 184 LYS A NZ    1 
ATOM   1493 N N     . ASN A 1 185 ? 5.846   16.863  0.475   1.00 44.36 ? 185 ASN A N     1 
ATOM   1494 C CA    . ASN A 1 185 ? 6.587   17.274  1.675   1.00 48.25 ? 185 ASN A CA    1 
ATOM   1495 C C     . ASN A 1 185 ? 5.949   18.588  2.179   1.00 49.56 ? 185 ASN A C     1 
ATOM   1496 O O     . ASN A 1 185 ? 6.282   19.691  1.740   1.00 49.62 ? 185 ASN A O     1 
ATOM   1497 C CB    . ASN A 1 185 ? 8.090   17.351  1.618   1.00 50.35 ? 185 ASN A CB    1 
ATOM   1498 C CG    . ASN A 1 185 ? 8.837   17.207  2.947   1.00 53.30 ? 185 ASN A CG    1 
ATOM   1499 O OD1   . ASN A 1 185 ? 10.092  17.299  3.004   1.00 54.78 ? 185 ASN A OD1   1 
ATOM   1500 N ND2   . ASN A 1 185 ? 8.120   16.990  4.071   1.00 53.70 ? 185 ASN A ND2   1 
ATOM   1501 N N     . ASP A 1 186 ? 5.025   18.419  3.107   1.00 51.78 ? 186 ASP A N     1 
ATOM   1502 C CA    . ASP A 1 186 ? 4.248   19.479  3.771   1.00 53.93 ? 186 ASP A CA    1 
ATOM   1503 C C     . ASP A 1 186 ? 4.062   19.219  5.285   1.00 55.04 ? 186 ASP A C     1 
ATOM   1504 O O     . ASP A 1 186 ? 2.997   19.745  5.714   1.00 54.95 ? 186 ASP A O     1 
ATOM   1505 C CB    . ASP A 1 186 ? 2.885   19.730  3.108   1.00 53.71 ? 186 ASP A CB    1 
ATOM   1506 C CG    . ASP A 1 186 ? 1.822   18.686  3.403   1.00 53.26 ? 186 ASP A CG    1 
ATOM   1507 O OD1   . ASP A 1 186 ? 2.123   17.745  4.170   1.00 53.77 ? 186 ASP A OD1   1 
ATOM   1508 O OD2   . ASP A 1 186 ? 0.695   18.727  2.869   1.00 52.22 ? 186 ASP A OD2   1 
ATOM   1509 O OXT   . ASP A 1 186 ? 4.830   18.574  6.040   1.00 55.09 ? 186 ASP A OXT   1 
HETATM 1510 P PA    . NAP B 2 .   ? -10.149 -1.364  4.299   1.00 24.94 ? 187 NAP A PA    1 
HETATM 1511 O O1A   . NAP B 2 .   ? -9.193  -2.434  4.069   1.00 24.68 ? 187 NAP A O1A   1 
HETATM 1512 O O2A   . NAP B 2 .   ? -9.853  0.023   4.423   1.00 24.74 ? 187 NAP A O2A   1 
HETATM 1513 O O5B   . NAP B 2 .   ? -11.054 -1.947  5.590   1.00 24.29 ? 187 NAP A O5B   1 
HETATM 1514 C C5B   . NAP B 2 .   ? -11.878 -0.886  6.216   1.00 26.71 ? 187 NAP A C5B   1 
HETATM 1515 C C4B   . NAP B 2 .   ? -11.968 -1.482  7.695   1.00 29.20 ? 187 NAP A C4B   1 
HETATM 1516 O O4B   . NAP B 2 .   ? -10.794 -1.293  8.112   1.00 30.55 ? 187 NAP A O4B   1 
HETATM 1517 C C3B   . NAP B 2 .   ? -12.942 -0.483  8.493   1.00 28.95 ? 187 NAP A C3B   1 
HETATM 1518 O O3B   . NAP B 2 .   ? -14.265 -1.220  8.549   1.00 31.47 ? 187 NAP A O3B   1 
HETATM 1519 C C2B   . NAP B 2 .   ? -12.169 -0.572  9.836   1.00 30.00 ? 187 NAP A C2B   1 
HETATM 1520 O O2B   . NAP B 2 .   ? -12.265 -1.783  10.511  1.00 29.37 ? 187 NAP A O2B   1 
HETATM 1521 C C1B   . NAP B 2 .   ? -10.674 -0.639  9.390   1.00 31.70 ? 187 NAP A C1B   1 
HETATM 1522 N N9A   . NAP B 2 .   ? -10.046 0.635   9.254   1.00 35.72 ? 187 NAP A N9A   1 
HETATM 1523 C C8A   . NAP B 2 .   ? -9.816  1.220   8.077   1.00 38.09 ? 187 NAP A C8A   1 
HETATM 1524 N N7A   . NAP B 2 .   ? -9.289  2.407   8.187   1.00 37.66 ? 187 NAP A N7A   1 
HETATM 1525 C C5A   . NAP B 2 .   ? -9.116  2.496   9.589   1.00 38.95 ? 187 NAP A C5A   1 
HETATM 1526 C C6A   . NAP B 2 .   ? -8.504  3.564   10.521  1.00 40.83 ? 187 NAP A C6A   1 
HETATM 1527 N N6A   . NAP B 2 .   ? -7.986  4.678   10.001  1.00 45.83 ? 187 NAP A N6A   1 
HETATM 1528 N N1A   . NAP B 2 .   ? -8.524  3.297   11.840  1.00 43.56 ? 187 NAP A N1A   1 
HETATM 1529 C C2A   . NAP B 2 .   ? -9.084  2.152   12.219  1.00 41.50 ? 187 NAP A C2A   1 
HETATM 1530 N N3A   . NAP B 2 .   ? -9.651  1.182   11.526  1.00 41.63 ? 187 NAP A N3A   1 
HETATM 1531 C C4A   . NAP B 2 .   ? -9.626  1.442   10.183  1.00 38.35 ? 187 NAP A C4A   1 
HETATM 1532 O O3    . NAP B 2 .   ? -11.279 -1.621  3.236   1.00 27.51 ? 187 NAP A O3    1 
HETATM 1533 P PN    . NAP B 2 .   ? -11.897 -0.952  1.873   1.00 28.50 ? 187 NAP A PN    1 
HETATM 1534 O O1N   . NAP B 2 .   ? -11.693 0.434   1.748   1.00 31.97 ? 187 NAP A O1N   1 
HETATM 1535 O O2N   . NAP B 2 .   ? -13.256 -1.388  1.984   1.00 30.96 ? 187 NAP A O2N   1 
HETATM 1536 O O5D   . NAP B 2 .   ? -11.191 -1.779  0.753   1.00 29.74 ? 187 NAP A O5D   1 
HETATM 1537 C C5D   . NAP B 2 .   ? -10.860 -3.143  0.596   1.00 30.57 ? 187 NAP A C5D   1 
HETATM 1538 C C4D   . NAP B 2 .   ? -11.099 -3.194  -0.920  1.00 29.58 ? 187 NAP A C4D   1 
HETATM 1539 O O4D   . NAP B 2 .   ? -10.099 -2.672  -1.892  1.00 29.99 ? 187 NAP A O4D   1 
HETATM 1540 C C3D   . NAP B 2 .   ? -11.181 -4.703  -1.214  1.00 29.06 ? 187 NAP A C3D   1 
HETATM 1541 O O3D   . NAP B 2 .   ? -11.918 -4.847  -2.423  1.00 27.53 ? 187 NAP A O3D   1 
HETATM 1542 C C2D   . NAP B 2 .   ? -9.726  -5.064  -1.624  1.00 29.05 ? 187 NAP A C2D   1 
HETATM 1543 O O2D   . NAP B 2 .   ? -9.925  -6.111  -2.494  1.00 27.36 ? 187 NAP A O2D   1 
HETATM 1544 C C1D   . NAP B 2 .   ? -9.399  -3.851  -2.503  1.00 28.99 ? 187 NAP A C1D   1 
HETATM 1545 N N1N   . NAP B 2 .   ? -7.959  -3.375  -2.468  1.00 28.14 ? 187 NAP A N1N   1 
HETATM 1546 C C2N   . NAP B 2 .   ? -7.390  -2.999  -3.752  1.00 27.24 ? 187 NAP A C2N   1 
HETATM 1547 C C3N   . NAP B 2 .   ? -6.156  -2.520  -3.738  1.00 28.54 ? 187 NAP A C3N   1 
HETATM 1548 C C7N   . NAP B 2 .   ? -5.568  -2.100  -5.083  1.00 26.76 ? 187 NAP A C7N   1 
HETATM 1549 O O7N   . NAP B 2 .   ? -4.493  -1.639  -4.938  1.00 24.88 ? 187 NAP A O7N   1 
HETATM 1550 N N7N   . NAP B 2 .   ? -6.286  -2.262  -6.196  1.00 25.29 ? 187 NAP A N7N   1 
HETATM 1551 C C4N   . NAP B 2 .   ? -5.332  -2.208  -2.465  1.00 26.92 ? 187 NAP A C4N   1 
HETATM 1552 C C5N   . NAP B 2 .   ? -6.099  -2.631  -1.216  1.00 28.57 ? 187 NAP A C5N   1 
HETATM 1553 C C6N   . NAP B 2 .   ? -7.337  -3.124  -1.234  1.00 28.24 ? 187 NAP A C6N   1 
HETATM 1554 P P2B   . NAP B 2 .   ? -13.406 -1.970  11.842  1.00 28.39 ? 187 NAP A P2B   1 
HETATM 1555 O O1X   . NAP B 2 .   ? -13.157 -0.899  12.785  1.00 25.85 ? 187 NAP A O1X   1 
HETATM 1556 O O2X   . NAP B 2 .   ? -13.120 -3.411  12.145  1.00 27.84 ? 187 NAP A O2X   1 
HETATM 1557 O O3X   . NAP B 2 .   ? -14.653 -1.799  11.095  1.00 28.24 ? 187 NAP A O3X   1 
HETATM 1558 C "C2'" . TQT C 3 .   ? -0.512  -2.527  -5.825  1.00 26.55 ? 188 TQT A "C2'" 1 
HETATM 1559 C "C4'" . TQT C 3 .   ? -1.394  -2.697  -3.805  1.00 23.45 ? 188 TQT A "C4'" 1 
HETATM 1560 C C4B   . TQT C 3 .   ? -1.816  -3.955  -4.075  1.00 25.06 ? 188 TQT A C4B   1 
HETATM 1561 C "C6'" . TQT C 3 .   ? -2.405  -6.282  -3.302  1.00 29.53 ? 188 TQT A "C6'" 1 
HETATM 1562 C "C7'" . TQT C 3 .   ? -2.815  -6.622  -4.754  1.00 29.60 ? 188 TQT A "C7'" 1 
HETATM 1563 C C8B   . TQT C 3 .   ? -1.542  -4.462  -5.278  1.00 27.84 ? 188 TQT A C8B   1 
HETATM 1564 C "C9'" A TQT C 3 .   ? -3.320  -7.036  -2.265  0.50 32.15 ? 188 TQT A "C9'" 1 
HETATM 1565 C "C9'" B TQT C 3 .   ? -3.287  -7.067  -2.263  0.50 30.85 ? 188 TQT A "C9'" 1 
HETATM 1566 C "C'0" A TQT C 3 .   ? -3.137  -9.437  -3.284  0.50 34.23 ? 188 TQT A "C'0" 1 
HETATM 1567 C "C'0" B TQT C 3 .   ? -4.799  -8.883  -3.344  0.50 29.86 ? 188 TQT A "C'0" 1 
HETATM 1568 C "C'1" A TQT C 3 .   ? -5.268  -8.372  -3.031  0.50 32.90 ? 188 TQT A "C'1" 1 
HETATM 1569 C "C'1" B TQT C 3 .   ? -2.591  -9.458  -2.593  0.50 31.33 ? 188 TQT A "C'1" 1 
HETATM 1570 C "C'2" A TQT C 3 .   ? -6.290  -7.539  -2.755  0.50 33.35 ? 188 TQT A "C'2" 1 
HETATM 1571 C "C'2" B TQT C 3 .   ? -1.421  -9.589  -1.950  0.50 32.61 ? 188 TQT A "C'2" 1 
HETATM 1572 C "C'3" A TQT C 3 .   ? -7.547  -7.914  -3.099  0.50 32.48 ? 188 TQT A "C'3" 1 
HETATM 1573 C "C'3" B TQT C 3 .   ? -0.708  -10.726 -2.089  0.50 30.53 ? 188 TQT A "C'3" 1 
HETATM 1574 C "C'4" A TQT C 3 .   ? -7.749  -9.113  -3.682  0.50 32.71 ? 188 TQT A "C'4" 1 
HETATM 1575 C "C'4" B TQT C 3 .   ? -1.183  -11.728 -2.834  0.50 30.76 ? 188 TQT A "C'4" 1 
HETATM 1576 C "C'5" A TQT C 3 .   ? -6.735  -9.936  -3.937  0.50 32.64 ? 188 TQT A "C'5" 1 
HETATM 1577 C "C'5" B TQT C 3 .   ? -2.334  -11.603 -3.493  0.50 31.00 ? 188 TQT A "C'5" 1 
HETATM 1578 C "C'6" A TQT C 3 .   ? -5.487  -9.537  -3.641  0.50 33.24 ? 188 TQT A "C'6" 1 
HETATM 1579 C "C'6" B TQT C 3 .   ? -3.026  -10.476 -3.365  0.50 31.33 ? 188 TQT A "C'6" 1 
HETATM 1580 C "C'7" A TQT C 3 .   ? -4.257  -10.366 -3.859  0.50 33.64 ? 188 TQT A "C'7" 1 
HETATM 1581 C "C'7" B TQT C 3 .   ? -4.356  -10.200 -4.033  0.50 30.79 ? 188 TQT A "C'7" 1 
HETATM 1582 N "N1'" A TQT C 3 .   ? -0.845  -3.696  -6.106  1.00 26.56 ? 188 TQT A "N1'" 1 
HETATM 1583 N "N2'" A TQT C 3 .   ? 0.231   -1.710  -6.795  1.00 22.72 ? 188 TQT A "N2'" 1 
HETATM 1584 N "N3'" A TQT C 3 .   ? -0.943  -1.989  -4.739  1.00 22.42 ? 188 TQT A "N3'" 1 
HETATM 1585 N "N4'" A TQT C 3 .   ? -1.634  -2.141  -2.507  1.00 21.44 ? 188 TQT A "N4'" 1 
HETATM 1586 C "C5'" A TQT C 3 .   ? -2.496  -4.778  -3.020  1.00 27.80 ? 188 TQT A "C5'" 1 
HETATM 1587 C "C8'" A TQT C 3 .   ? -1.874  -5.845  -5.760  1.00 27.26 ? 188 TQT A "C8'" 1 
HETATM 1588 N "N'0" A TQT C 3 .   ? -3.838  -8.265  -2.812  0.50 33.41 ? 188 TQT A "N'0" 1 
HETATM 1589 N "N'0" B TQT C 3 .   ? -3.568  -8.410  -2.695  0.50 30.91 ? 188 TQT A "N'0" 1 
HETATM 1590 O O     . HOH D 4 .   ? 4.375   2.704   -8.580  1.00 27.76 ? 189 HOH A O     1 
HETATM 1591 O O     . HOH D 4 .   ? 2.100   1.028   -7.514  1.00 23.20 ? 190 HOH A O     1 
HETATM 1592 O O     . HOH D 4 .   ? -2.982  -5.499  -9.421  1.00 25.96 ? 191 HOH A O     1 
HETATM 1593 O O     . HOH D 4 .   ? -7.322  -11.491 -7.330  1.00 46.45 ? 192 HOH A O     1 
HETATM 1594 O O     . HOH D 4 .   ? -5.681  4.738   -14.575 1.00 27.58 ? 193 HOH A O     1 
HETATM 1595 O O     . HOH D 4 .   ? -11.666 9.112   -6.210  1.00 42.03 ? 194 HOH A O     1 
HETATM 1596 O O     . HOH D 4 .   ? -14.855 -4.269  -2.098  1.00 28.82 ? 195 HOH A O     1 
HETATM 1597 O O     . HOH D 4 .   ? 6.380   -5.452  -12.498 1.00 41.71 ? 196 HOH A O     1 
HETATM 1598 O O     . HOH D 4 .   ? 8.252   -1.325  -11.860 1.00 43.67 ? 197 HOH A O     1 
HETATM 1599 O O     . HOH D 4 .   ? 10.646  -6.312  4.392   1.00 32.22 ? 198 HOH A O     1 
HETATM 1600 O O     . HOH D 4 .   ? 11.806  -7.576  12.520  1.00 52.29 ? 199 HOH A O     1 
HETATM 1601 O O     . HOH D 4 .   ? 2.608   -16.167 4.086   1.00 37.92 ? 200 HOH A O     1 
HETATM 1602 O O     . HOH D 4 .   ? -4.779  -15.816 7.997   1.00 35.60 ? 201 HOH A O     1 
HETATM 1603 O O     . HOH D 4 .   ? -6.952  -14.030 9.505   1.00 31.21 ? 202 HOH A O     1 
HETATM 1604 O O     . HOH D 4 .   ? -10.819 -16.157 6.769   1.00 48.52 ? 203 HOH A O     1 
HETATM 1605 O O     . HOH D 4 .   ? -13.548 1.828   6.060   1.00 45.53 ? 204 HOH A O     1 
HETATM 1606 O O     . HOH D 4 .   ? -18.633 -5.874  11.427  1.00 41.19 ? 205 HOH A O     1 
HETATM 1607 O O     . HOH D 4 .   ? -9.509  -11.156 15.898  1.00 39.11 ? 206 HOH A O     1 
HETATM 1608 O O     . HOH D 4 .   ? -4.109  -13.154 18.135  1.00 47.16 ? 207 HOH A O     1 
HETATM 1609 O O     . HOH D 4 .   ? -2.458  -13.339 14.958  1.00 43.36 ? 208 HOH A O     1 
HETATM 1610 O O     . HOH D 4 .   ? -11.115 -10.180 17.773  1.00 41.10 ? 209 HOH A O     1 
HETATM 1611 O O     . HOH D 4 .   ? 1.847   -15.044 11.558  1.00 36.27 ? 210 HOH A O     1 
HETATM 1612 O O     . HOH D 4 .   ? -1.201  -5.917  18.481  1.00 29.02 ? 211 HOH A O     1 
HETATM 1613 O O     . HOH D 4 .   ? 0.469   2.347   19.813  1.00 52.41 ? 212 HOH A O     1 
HETATM 1614 O O     . HOH D 4 .   ? 15.246  -3.192  21.175  1.00 53.13 ? 213 HOH A O     1 
HETATM 1615 O O     . HOH D 4 .   ? 17.639  1.570   20.400  1.00 60.14 ? 214 HOH A O     1 
HETATM 1616 O O     . HOH D 4 .   ? -4.546  13.894  -2.170  1.00 29.95 ? 215 HOH A O     1 
HETATM 1617 O O     . HOH D 4 .   ? -14.679 -5.299  -12.433 1.00 32.69 ? 216 HOH A O     1 
HETATM 1618 O O     . HOH D 4 .   ? -0.862  13.018  -12.500 1.00 30.15 ? 217 HOH A O     1 
HETATM 1619 O O     . HOH D 4 .   ? 0.472   14.995  -12.428 1.00 33.74 ? 218 HOH A O     1 
HETATM 1620 O O     . HOH D 4 .   ? 1.730   17.026  -10.006 1.00 47.20 ? 219 HOH A O     1 
HETATM 1621 O O     . HOH D 4 .   ? 13.410  11.168  -9.016  1.00 35.97 ? 220 HOH A O     1 
HETATM 1622 O O     . HOH D 4 .   ? 6.610   8.486   -11.825 1.00 24.26 ? 221 HOH A O     1 
HETATM 1623 O O     . HOH D 4 .   ? 7.420   6.067   -13.554 1.00 35.23 ? 222 HOH A O     1 
HETATM 1624 O O     . HOH D 4 .   ? 10.928  5.291   -13.182 1.00 38.76 ? 223 HOH A O     1 
HETATM 1625 O O     . HOH D 4 .   ? 4.927   5.919   -16.672 1.00 38.97 ? 224 HOH A O     1 
HETATM 1626 O O     . HOH D 4 .   ? -12.635 -2.907  -19.026 1.00 42.77 ? 225 HOH A O     1 
HETATM 1627 O O     . HOH D 4 .   ? -6.345  6.097   -12.872 1.00 29.09 ? 226 HOH A O     1 
HETATM 1628 O O     . HOH D 4 .   ? -17.868 -4.783  -1.244  1.00 30.71 ? 227 HOH A O     1 
HETATM 1629 O O     . HOH D 4 .   ? -10.138 -10.209 -10.047 1.00 41.45 ? 228 HOH A O     1 
HETATM 1630 O O     . HOH D 4 .   ? 11.159  -1.186  -1.194  1.00 33.66 ? 229 HOH A O     1 
HETATM 1631 O O     . HOH D 4 .   ? -12.605 -8.869  1.789   1.00 39.99 ? 230 HOH A O     1 
HETATM 1632 O O     . HOH D 4 .   ? -12.948 -11.076 0.505   1.00 46.08 ? 231 HOH A O     1 
HETATM 1633 O O     . HOH D 4 .   ? -2.920  9.899   11.663  1.00 51.27 ? 232 HOH A O     1 
HETATM 1634 O O     . HOH D 4 .   ? -7.333  13.015  -0.430  1.00 59.49 ? 233 HOH A O     1 
HETATM 1635 O O     . HOH D 4 .   ? 5.408   2.245   -16.083 1.00 36.49 ? 234 HOH A O     1 
HETATM 1636 O O     . HOH D 4 .   ? 3.591   20.117  -0.662  1.00 50.29 ? 235 HOH A O     1 
HETATM 1637 O O     . HOH D 4 .   ? 13.730  4.902   4.397   1.00 54.75 ? 236 HOH A O     1 
HETATM 1638 O O     . HOH D 4 .   ? -20.110 0.856   -9.444  1.00 34.10 ? 237 HOH A O     1 
HETATM 1639 O O     . HOH D 4 .   ? -16.895 4.473   -11.173 1.00 48.65 ? 238 HOH A O     1 
HETATM 1640 O O     . HOH D 4 .   ? -13.351 -13.023 -4.565  1.00 47.05 ? 239 HOH A O     1 
HETATM 1641 O O     . HOH D 4 .   ? -7.485  -13.274 -16.872 1.00 54.63 ? 240 HOH A O     1 
HETATM 1642 O O     . HOH D 4 .   ? 3.784   -12.658 -16.096 1.00 51.47 ? 241 HOH A O     1 
HETATM 1643 O O     . HOH D 4 .   ? 3.365   -13.335 0.957   1.00 41.94 ? 242 HOH A O     1 
HETATM 1644 O O     . HOH D 4 .   ? 7.919   -10.737 -0.661  1.00 43.23 ? 243 HOH A O     1 
HETATM 1645 O O     . HOH D 4 .   ? -5.890  -19.099 -0.188  1.00 41.37 ? 244 HOH A O     1 
HETATM 1646 O O     . HOH D 4 .   ? 1.308   9.550   13.845  1.00 49.92 ? 245 HOH A O     1 
HETATM 1647 O O     . HOH D 4 .   ? -1.576  -0.292  18.511  1.00 38.09 ? 246 HOH A O     1 
HETATM 1648 O O     . HOH D 4 .   ? -14.130 -0.862  -20.194 1.00 47.58 ? 247 HOH A O     1 
HETATM 1649 O O     . HOH D 4 .   ? -5.254  14.088  -9.466  1.00 38.77 ? 248 HOH A O     1 
HETATM 1650 O O     . HOH D 4 .   ? -5.405  18.427  -8.232  1.00 29.22 ? 249 HOH A O     1 
HETATM 1651 O O     . HOH D 4 .   ? -5.797  20.238  -6.247  1.00 36.89 ? 250 HOH A O     1 
HETATM 1652 O O     . HOH D 4 .   ? 9.894   11.544  -17.413 1.00 40.41 ? 251 HOH A O     1 
HETATM 1653 O O     . HOH D 4 .   ? 13.815  4.179   -13.397 1.00 43.62 ? 252 HOH A O     1 
HETATM 1654 O O     . HOH D 4 .   ? 9.299   -4.074  -12.045 1.00 45.25 ? 253 HOH A O     1 
HETATM 1655 O O     . HOH D 4 .   ? 4.268   -3.124  -23.061 1.00 50.59 ? 254 HOH A O     1 
HETATM 1656 O O     . HOH D 4 .   ? -5.539  -1.614  -21.445 1.00 46.13 ? 255 HOH A O     1 
HETATM 1657 O O     . HOH D 4 .   ? -4.680  13.746  8.007   1.00 44.50 ? 256 HOH A O     1 
HETATM 1658 O O     . HOH D 4 .   ? -11.844 0.988   -20.740 1.00 38.94 ? 257 HOH A O     1 
HETATM 1659 O O     . HOH D 4 .   ? -15.155 -2.046  0.236   1.00 30.76 ? 258 HOH A O     1 
HETATM 1660 O O     . HOH D 4 .   ? -14.797 -11.795 -2.466  1.00 33.16 ? 259 HOH A O     1 
HETATM 1661 O O     . HOH D 4 .   ? 10.210  -11.979 1.439   1.00 40.20 ? 260 HOH A O     1 
HETATM 1662 O O     . HOH D 4 .   ? -9.355  -14.026 0.809   1.00 31.75 ? 261 HOH A O     1 
HETATM 1663 O O     . HOH D 4 .   ? 5.690   -12.140 8.186   1.00 33.86 ? 262 HOH A O     1 
HETATM 1664 O O     . HOH D 4 .   ? -3.969  -3.113  20.157  1.00 35.35 ? 263 HOH A O     1 
HETATM 1665 O O     . HOH D 4 .   ? -15.679 -3.709  -15.784 1.00 33.94 ? 264 HOH A O     1 
HETATM 1666 O O     . HOH D 4 .   ? -12.111 7.558   0.833   1.00 40.51 ? 265 HOH A O     1 
HETATM 1667 O O     . HOH D 4 .   ? 12.516  3.138   -17.023 1.00 38.09 ? 266 HOH A O     1 
HETATM 1668 O O     . HOH D 4 .   ? -4.602  -4.890  -25.102 1.00 41.72 ? 267 HOH A O     1 
HETATM 1669 O O     . HOH D 4 .   ? -5.688  -22.788 11.743  1.00 47.69 ? 268 HOH A O     1 
HETATM 1670 O O     . HOH D 4 .   ? 0.456   -14.764 13.978  1.00 37.32 ? 269 HOH A O     1 
HETATM 1671 O O     . HOH D 4 .   ? 8.486   9.390   4.114   1.00 38.15 ? 270 HOH A O     1 
# 
